data_2G7M
#
_entry.id   2G7M
#
_cell.length_a   156.654
_cell.length_b   156.654
_cell.length_c   120.201
_cell.angle_alpha   90.00
_cell.angle_beta   90.00
_cell.angle_gamma   90.00
#
_symmetry.space_group_name_H-M   'P 43'
#
loop_
_entity.id
_entity.type
_entity.pdbx_description
1 polymer 'putative ornithine carbamoyltransferase'
2 non-polymer N-ACETYL-L-NORVALINE
3 non-polymer 'PHOSPHORIC ACID MONO(FORMAMIDE)ESTER'
4 non-polymer 'SULFATE ION'
5 water water
#
_entity_poly.entity_id   1
_entity_poly.type   'polypeptide(L)'
_entity_poly.pdbx_seq_one_letter_code
;MGSSHHHHHHSSGLVPRGSHMKKFTCVQDIGDLKSALAESFEIKKDRFKYVELGRNKTLLMIFFNSSLRTRLSTQKAALN
LGMNVIVLDINQGAWKLETERGVIMDGDKEEHLLEAIPVMGCYCDIIGVRSFARFENREYDYNEVIINQFIQHSGRPVFS
MEAATRHPLQSFADLITIEEYKKTARPKVVMTWAPHPRPLPQAVPNSFAEWMNATDYEFVITHPEGYELDPKFVGNARVE
YDQMKAFEGADFIYAKNWAAYLGDNYGQILSTDRNWTVGDRQMAVTNNAYFMHCLPVRRNMIVTDDVIESPQSIVIPEAA
NREISATVVLKRLLENLP
;
_entity_poly.pdbx_strand_id   X,Y,Z,C,D,E
#
loop_
_chem_comp.id
_chem_comp.type
_chem_comp.name
_chem_comp.formula
AN0 non-polymer N-ACETYL-L-NORVALINE 'C7 H13 N O3'
CP non-polymer 'PHOSPHORIC ACID MONO(FORMAMIDE)ESTER' 'C H4 N O5 P'
SO4 non-polymer 'SULFATE ION' 'O4 S -2'
#
# COMPACT_ATOMS: atom_id res chain seq x y z
N GLY A 18 -18.30 -46.72 -14.75
CA GLY A 18 -18.05 -45.68 -15.80
C GLY A 18 -19.25 -44.80 -16.14
N SER A 19 -20.45 -45.35 -16.02
CA SER A 19 -21.68 -44.62 -16.33
C SER A 19 -22.45 -44.29 -15.05
N HIS A 20 -21.73 -44.35 -13.93
CA HIS A 20 -22.29 -44.06 -12.62
C HIS A 20 -21.29 -43.09 -12.00
N MET A 21 -21.22 -41.88 -12.55
CA MET A 21 -20.26 -40.89 -12.08
C MET A 21 -20.61 -40.27 -10.74
N LYS A 22 -19.73 -40.45 -9.77
CA LYS A 22 -19.95 -39.93 -8.43
C LYS A 22 -19.02 -38.74 -8.19
N LYS A 23 -17.99 -38.63 -9.03
CA LYS A 23 -17.04 -37.53 -8.93
C LYS A 23 -16.26 -37.44 -10.24
N PHE A 24 -15.39 -36.43 -10.35
CA PHE A 24 -14.59 -36.29 -11.54
C PHE A 24 -13.27 -35.65 -11.15
N THR A 25 -12.28 -36.49 -10.86
CA THR A 25 -10.97 -36.01 -10.46
C THR A 25 -9.83 -36.60 -11.28
N CYS A 26 -10.03 -37.78 -11.84
CA CYS A 26 -9.02 -38.46 -12.64
C CYS A 26 -9.69 -39.11 -13.84
N VAL A 27 -8.89 -39.52 -14.81
CA VAL A 27 -9.42 -40.12 -16.03
C VAL A 27 -10.29 -41.37 -15.79
N GLN A 28 -10.07 -42.06 -14.67
CA GLN A 28 -10.87 -43.26 -14.37
C GLN A 28 -12.35 -42.92 -14.31
N ASP A 29 -12.67 -41.78 -13.71
CA ASP A 29 -14.06 -41.35 -13.57
C ASP A 29 -14.86 -41.25 -14.86
N ILE A 30 -14.20 -41.02 -15.99
CA ILE A 30 -14.92 -40.84 -17.25
C ILE A 30 -15.35 -42.15 -17.91
N GLY A 31 -14.74 -43.25 -17.47
CA GLY A 31 -15.08 -44.53 -18.04
C GLY A 31 -14.46 -44.79 -19.41
N ASP A 32 -15.25 -45.40 -20.29
CA ASP A 32 -14.81 -45.72 -21.65
C ASP A 32 -14.60 -44.48 -22.50
N LEU A 33 -13.36 -44.25 -22.90
CA LEU A 33 -13.04 -43.08 -23.71
C LEU A 33 -13.87 -42.97 -24.97
N LYS A 34 -14.10 -44.10 -25.64
CA LYS A 34 -14.86 -44.11 -26.89
C LYS A 34 -16.23 -43.46 -26.75
N SER A 35 -17.04 -43.96 -25.85
CA SER A 35 -18.37 -43.43 -25.64
C SER A 35 -18.30 -41.99 -25.11
N ALA A 36 -17.28 -41.72 -24.30
CA ALA A 36 -17.11 -40.38 -23.75
C ALA A 36 -16.91 -39.38 -24.89
N LEU A 37 -16.01 -39.72 -25.80
CA LEU A 37 -15.73 -38.87 -26.96
C LEU A 37 -16.99 -38.76 -27.79
N ALA A 38 -17.76 -39.85 -27.85
CA ALA A 38 -19.00 -39.86 -28.60
C ALA A 38 -19.93 -38.76 -28.11
N GLU A 39 -20.17 -38.75 -26.80
CA GLU A 39 -21.04 -37.74 -26.20
C GLU A 39 -20.48 -36.35 -26.46
N SER A 40 -19.15 -36.24 -26.36
CA SER A 40 -18.48 -34.97 -26.59
C SER A 40 -18.88 -34.37 -27.93
N PHE A 41 -18.60 -35.10 -29.02
CA PHE A 41 -18.94 -34.60 -30.35
C PHE A 41 -20.43 -34.47 -30.57
N GLU A 42 -21.22 -35.23 -29.82
CA GLU A 42 -22.67 -35.15 -29.94
C GLU A 42 -23.06 -33.74 -29.50
N ILE A 43 -22.52 -33.32 -28.36
CA ILE A 43 -22.81 -32.02 -27.79
C ILE A 43 -22.18 -30.89 -28.59
N LYS A 44 -21.01 -31.13 -29.17
CA LYS A 44 -20.39 -30.08 -29.97
C LYS A 44 -21.36 -29.75 -31.10
N LYS A 45 -21.98 -30.78 -31.65
CA LYS A 45 -22.92 -30.62 -32.75
C LYS A 45 -24.24 -30.00 -32.32
N ASP A 46 -24.76 -30.43 -31.18
CA ASP A 46 -26.03 -29.92 -30.68
C ASP A 46 -25.86 -29.43 -29.24
N ARG A 47 -25.30 -28.24 -29.09
CA ARG A 47 -25.01 -27.67 -27.78
C ARG A 47 -26.07 -27.72 -26.68
N PHE A 48 -27.28 -27.26 -26.97
CA PHE A 48 -28.32 -27.26 -25.93
C PHE A 48 -29.25 -28.46 -25.96
N LYS A 49 -28.81 -29.55 -26.56
CA LYS A 49 -29.63 -30.75 -26.64
C LYS A 49 -30.20 -31.18 -25.29
N TYR A 50 -29.41 -31.03 -24.22
CA TYR A 50 -29.86 -31.44 -22.90
C TYR A 50 -30.14 -30.27 -21.96
N VAL A 51 -30.54 -29.14 -22.52
CA VAL A 51 -30.81 -27.96 -21.73
C VAL A 51 -31.85 -28.16 -20.62
N GLU A 52 -32.68 -29.19 -20.74
CA GLU A 52 -33.69 -29.45 -19.72
C GLU A 52 -33.19 -30.39 -18.63
N LEU A 53 -32.14 -31.14 -18.93
CA LEU A 53 -31.60 -32.09 -17.98
C LEU A 53 -31.31 -31.51 -16.60
N GLY A 54 -30.60 -30.39 -16.54
CA GLY A 54 -30.26 -29.79 -15.25
C GLY A 54 -31.20 -28.75 -14.66
N ARG A 55 -32.42 -28.67 -15.16
CA ARG A 55 -33.37 -27.70 -14.64
C ARG A 55 -33.51 -27.83 -13.12
N ASN A 56 -33.51 -26.69 -12.45
CA ASN A 56 -33.62 -26.62 -10.99
C ASN A 56 -32.55 -27.39 -10.26
N LYS A 57 -31.40 -27.53 -10.91
CA LYS A 57 -30.24 -28.19 -10.32
C LYS A 57 -29.21 -27.07 -10.22
N THR A 58 -28.59 -26.94 -9.05
CA THR A 58 -27.62 -25.89 -8.83
C THR A 58 -26.17 -26.31 -8.70
N LEU A 59 -25.31 -25.69 -9.53
CA LEU A 59 -23.88 -25.96 -9.51
C LEU A 59 -23.14 -24.87 -8.75
N LEU A 60 -22.27 -25.27 -7.83
CA LEU A 60 -21.49 -24.31 -7.08
C LEU A 60 -20.03 -24.40 -7.48
N MET A 61 -19.52 -23.34 -8.09
CA MET A 61 -18.11 -23.31 -8.52
C MET A 61 -17.29 -22.53 -7.48
N ILE A 62 -16.30 -23.21 -6.90
CA ILE A 62 -15.46 -22.59 -5.87
C ILE A 62 -14.02 -22.41 -6.33
N PHE A 63 -13.52 -21.18 -6.22
CA PHE A 63 -12.16 -20.89 -6.65
C PHE A 63 -11.24 -20.43 -5.54
N PHE A 64 -10.10 -21.12 -5.42
CA PHE A 64 -9.09 -20.74 -4.42
C PHE A 64 -7.97 -20.07 -5.20
N ASN A 65 -8.02 -20.19 -6.53
CA ASN A 65 -7.00 -19.58 -7.39
C ASN A 65 -7.62 -18.92 -8.62
N SER A 66 -6.80 -18.13 -9.32
CA SER A 66 -7.23 -17.44 -10.54
C SER A 66 -7.72 -18.39 -11.63
N SER A 67 -8.46 -17.86 -12.59
CA SER A 67 -8.99 -18.65 -13.70
C SER A 67 -9.80 -17.83 -14.69
N LEU A 68 -9.52 -18.07 -15.97
CA LEU A 68 -10.24 -17.41 -17.05
C LEU A 68 -11.05 -18.50 -17.75
N ARG A 69 -10.35 -19.48 -18.32
CA ARG A 69 -11.00 -20.58 -19.04
C ARG A 69 -11.96 -21.43 -18.19
N THR A 70 -11.46 -21.97 -17.08
CA THR A 70 -12.29 -22.82 -16.23
C THR A 70 -13.48 -22.03 -15.70
N ARG A 71 -13.22 -20.81 -15.25
CA ARG A 71 -14.27 -19.95 -14.71
C ARG A 71 -15.39 -19.72 -15.75
N LEU A 72 -15.00 -19.40 -16.98
CA LEU A 72 -15.96 -19.15 -18.04
C LEU A 72 -16.55 -20.42 -18.64
N SER A 73 -15.68 -21.31 -19.11
CA SER A 73 -16.15 -22.54 -19.73
C SER A 73 -17.12 -23.34 -18.88
N THR A 74 -16.87 -23.41 -17.57
CA THR A 74 -17.75 -24.19 -16.70
C THR A 74 -19.14 -23.58 -16.53
N GLN A 75 -19.23 -22.25 -16.48
CA GLN A 75 -20.54 -21.62 -16.37
C GLN A 75 -21.34 -21.90 -17.65
N LYS A 76 -20.68 -21.77 -18.79
CA LYS A 76 -21.34 -22.02 -20.06
C LYS A 76 -21.86 -23.46 -20.08
N ALA A 77 -20.99 -24.39 -19.71
CA ALA A 77 -21.36 -25.80 -19.69
C ALA A 77 -22.61 -26.00 -18.87
N ALA A 78 -22.62 -25.44 -17.66
CA ALA A 78 -23.76 -25.58 -16.77
C ALA A 78 -25.04 -25.01 -17.41
N LEU A 79 -24.90 -23.89 -18.11
CA LEU A 79 -26.04 -23.27 -18.77
C LEU A 79 -26.55 -24.15 -19.92
N ASN A 80 -25.62 -24.81 -20.61
CA ASN A 80 -26.00 -25.69 -21.71
C ASN A 80 -26.95 -26.75 -21.20
N LEU A 81 -26.79 -27.11 -19.93
CA LEU A 81 -27.63 -28.13 -19.29
C LEU A 81 -28.79 -27.51 -18.50
N GLY A 82 -29.05 -26.23 -18.73
CA GLY A 82 -30.12 -25.55 -18.03
C GLY A 82 -30.02 -25.48 -16.50
N MET A 83 -28.79 -25.52 -15.99
CA MET A 83 -28.57 -25.46 -14.54
C MET A 83 -28.49 -24.06 -13.97
N ASN A 84 -28.47 -24.00 -12.65
CA ASN A 84 -28.34 -22.74 -11.91
C ASN A 84 -26.86 -22.69 -11.60
N VAL A 85 -26.27 -21.51 -11.68
CA VAL A 85 -24.83 -21.42 -11.40
C VAL A 85 -24.51 -20.40 -10.36
N ILE A 86 -23.69 -20.78 -9.40
CA ILE A 86 -23.26 -19.86 -8.36
C ILE A 86 -21.74 -19.92 -8.29
N VAL A 87 -21.08 -18.85 -8.68
CA VAL A 87 -19.63 -18.86 -8.62
C VAL A 87 -19.18 -18.20 -7.33
N LEU A 88 -18.37 -18.90 -6.56
CA LEU A 88 -17.90 -18.36 -5.30
C LEU A 88 -16.40 -18.21 -5.30
N ASP A 89 -15.96 -16.97 -5.16
CA ASP A 89 -14.53 -16.67 -5.10
C ASP A 89 -14.21 -16.53 -3.65
N ILE A 90 -14.08 -17.67 -2.99
CA ILE A 90 -13.75 -17.70 -1.58
C ILE A 90 -12.48 -16.84 -1.44
N ASN A 91 -12.32 -16.18 -0.31
CA ASN A 91 -11.16 -15.32 -0.06
C ASN A 91 -11.47 -13.90 -0.41
N GLN A 92 -12.34 -13.70 -1.37
CA GLN A 92 -12.71 -12.34 -1.72
C GLN A 92 -14.02 -11.98 -1.01
N GLY A 93 -15.08 -12.71 -1.32
CA GLY A 93 -16.37 -12.42 -0.70
C GLY A 93 -16.65 -13.12 0.61
N ALA A 94 -16.00 -14.24 0.86
CA ALA A 94 -16.22 -15.00 2.09
C ALA A 94 -15.11 -14.78 3.12
N TRP A 95 -14.94 -15.75 4.01
CA TRP A 95 -13.93 -15.69 5.05
C TRP A 95 -12.76 -16.64 4.77
N LYS A 96 -11.53 -16.15 4.95
CA LYS A 96 -10.34 -16.97 4.72
C LYS A 96 -10.47 -18.19 5.63
N LEU A 97 -10.21 -19.36 5.07
CA LEU A 97 -10.34 -20.58 5.84
C LEU A 97 -9.09 -21.08 6.56
N GLU A 98 -9.29 -21.75 7.68
CA GLU A 98 -8.21 -22.33 8.45
C GLU A 98 -8.24 -23.77 8.01
N THR A 99 -7.17 -24.19 7.35
CA THR A 99 -7.10 -25.53 6.80
C THR A 99 -6.67 -26.63 7.77
N GLU A 100 -5.79 -26.28 8.70
CA GLU A 100 -5.28 -27.25 9.67
C GLU A 100 -6.23 -27.56 10.80
N ARG A 101 -6.33 -28.83 11.18
CA ARG A 101 -7.23 -29.21 12.26
C ARG A 101 -6.59 -29.21 13.65
N GLY A 102 -7.40 -28.94 14.67
CA GLY A 102 -6.91 -28.93 16.03
C GLY A 102 -6.07 -27.73 16.42
N VAL A 103 -6.20 -26.64 15.68
CA VAL A 103 -5.45 -25.44 15.98
C VAL A 103 -6.34 -24.50 16.77
N ILE A 104 -5.77 -23.53 17.47
CA ILE A 104 -6.59 -22.57 18.19
C ILE A 104 -6.75 -21.39 17.23
N MET A 105 -7.96 -21.21 16.70
CA MET A 105 -8.24 -20.15 15.76
C MET A 105 -8.27 -18.80 16.43
N ASP A 106 -7.15 -18.42 17.01
CA ASP A 106 -7.04 -17.14 17.69
C ASP A 106 -6.17 -16.22 16.87
N GLY A 107 -6.42 -16.18 15.57
CA GLY A 107 -5.65 -15.29 14.74
C GLY A 107 -6.33 -14.84 13.47
N ASP A 108 -5.55 -14.92 12.41
CA ASP A 108 -5.93 -14.53 11.06
C ASP A 108 -7.28 -15.01 10.52
N LYS A 109 -7.56 -16.31 10.63
CA LYS A 109 -8.77 -16.92 10.10
C LYS A 109 -10.04 -16.85 10.97
N GLU A 110 -11.17 -16.70 10.29
CA GLU A 110 -12.48 -16.62 10.94
C GLU A 110 -13.27 -17.92 10.83
N GLU A 111 -13.02 -18.68 9.77
CA GLU A 111 -13.75 -19.92 9.58
C GLU A 111 -12.83 -21.10 9.29
N HIS A 112 -13.24 -22.28 9.73
CA HIS A 112 -12.43 -23.45 9.49
C HIS A 112 -12.99 -24.24 8.30
N LEU A 113 -12.09 -24.84 7.52
CA LEU A 113 -12.47 -25.62 6.36
C LEU A 113 -13.48 -26.71 6.72
N LEU A 114 -13.36 -27.22 7.94
CA LEU A 114 -14.24 -28.27 8.39
C LEU A 114 -15.71 -27.88 8.45
N GLU A 115 -16.01 -26.60 8.69
CA GLU A 115 -17.41 -26.17 8.71
C GLU A 115 -17.77 -25.73 7.30
N ALA A 116 -16.85 -24.97 6.69
CA ALA A 116 -17.04 -24.42 5.35
C ALA A 116 -17.52 -25.42 4.30
N ILE A 117 -16.80 -26.52 4.12
CA ILE A 117 -17.18 -27.50 3.13
C ILE A 117 -18.62 -28.02 3.30
N PRO A 118 -18.96 -28.54 4.48
CA PRO A 118 -20.32 -29.04 4.70
C PRO A 118 -21.35 -27.96 4.43
N VAL A 119 -21.07 -26.76 4.93
CA VAL A 119 -21.98 -25.64 4.74
C VAL A 119 -22.25 -25.40 3.27
N MET A 120 -21.19 -25.30 2.50
CA MET A 120 -21.32 -25.04 1.06
C MET A 120 -22.16 -26.13 0.39
N GLY A 121 -21.97 -27.37 0.81
CA GLY A 121 -22.75 -28.45 0.21
C GLY A 121 -24.24 -28.29 0.45
N CYS A 122 -24.61 -27.54 1.49
CA CYS A 122 -26.01 -27.35 1.81
C CYS A 122 -26.83 -26.66 0.74
N TYR A 123 -26.19 -25.79 -0.05
CA TYR A 123 -26.93 -25.01 -1.03
C TYR A 123 -26.83 -25.35 -2.51
N CYS A 124 -26.24 -26.50 -2.84
CA CYS A 124 -26.09 -26.89 -4.24
C CYS A 124 -26.28 -28.39 -4.47
N ASP A 125 -26.21 -28.81 -5.72
CA ASP A 125 -26.37 -30.21 -6.06
C ASP A 125 -25.05 -30.79 -6.52
N ILE A 126 -24.22 -29.95 -7.13
CA ILE A 126 -22.90 -30.36 -7.60
C ILE A 126 -21.88 -29.28 -7.27
N ILE A 127 -20.66 -29.69 -6.93
CA ILE A 127 -19.61 -28.74 -6.60
C ILE A 127 -18.36 -28.86 -7.48
N GLY A 128 -17.84 -27.71 -7.88
CA GLY A 128 -16.64 -27.66 -8.68
C GLY A 128 -15.62 -26.93 -7.83
N VAL A 129 -14.44 -27.51 -7.68
CA VAL A 129 -13.41 -26.88 -6.87
C VAL A 129 -12.08 -26.74 -7.58
N ARG A 130 -11.46 -25.58 -7.44
CA ARG A 130 -10.14 -25.37 -8.02
C ARG A 130 -9.25 -25.05 -6.84
N SER A 131 -8.20 -25.83 -6.67
CA SER A 131 -7.26 -25.63 -5.57
C SER A 131 -5.87 -26.08 -5.99
N PHE A 132 -5.08 -25.11 -6.42
CA PHE A 132 -3.72 -25.36 -6.86
C PHE A 132 -2.88 -25.97 -5.78
N ALA A 133 -1.85 -26.71 -6.17
CA ALA A 133 -0.94 -27.32 -5.22
C ALA A 133 -0.29 -26.16 -4.48
N ARG A 134 -0.10 -26.30 -3.17
CA ARG A 134 0.49 -25.21 -2.38
C ARG A 134 2.03 -25.26 -2.34
N PHE A 135 2.60 -26.38 -2.76
CA PHE A 135 4.06 -26.53 -2.75
C PHE A 135 4.68 -26.33 -1.39
N GLU A 136 3.94 -26.62 -0.32
CA GLU A 136 4.47 -26.46 1.02
C GLU A 136 4.93 -27.82 1.55
N ASN A 137 4.20 -28.86 1.16
CA ASN A 137 4.49 -30.22 1.56
C ASN A 137 4.04 -31.16 0.47
N ARG A 138 4.97 -31.86 -0.16
CA ARG A 138 4.61 -32.76 -1.24
C ARG A 138 3.49 -33.75 -0.89
N GLU A 139 3.58 -34.36 0.29
CA GLU A 139 2.57 -35.33 0.69
C GLU A 139 1.19 -34.70 0.73
N TYR A 140 1.09 -33.54 1.37
CA TYR A 140 -0.17 -32.82 1.48
C TYR A 140 -0.75 -32.57 0.09
N ASP A 141 0.10 -32.10 -0.82
CA ASP A 141 -0.32 -31.84 -2.17
C ASP A 141 -0.71 -33.11 -2.91
N TYR A 142 0.21 -34.07 -2.97
CA TYR A 142 -0.09 -35.29 -3.69
C TYR A 142 -1.15 -36.19 -3.08
N ASN A 143 -1.41 -36.04 -1.78
CA ASN A 143 -2.47 -36.84 -1.17
C ASN A 143 -3.79 -36.15 -1.50
N GLU A 144 -3.68 -34.98 -2.12
CA GLU A 144 -4.84 -34.18 -2.51
C GLU A 144 -5.80 -34.02 -1.35
N VAL A 145 -5.25 -33.59 -0.23
CA VAL A 145 -6.02 -33.40 0.98
C VAL A 145 -7.27 -32.55 0.80
N ILE A 146 -7.11 -31.33 0.31
CA ILE A 146 -8.26 -30.44 0.13
C ILE A 146 -9.37 -30.99 -0.77
N ILE A 147 -9.05 -31.24 -2.03
CA ILE A 147 -10.05 -31.75 -2.96
C ILE A 147 -10.75 -32.97 -2.38
N ASN A 148 -10.02 -33.78 -1.62
CA ASN A 148 -10.62 -34.97 -1.02
C ASN A 148 -11.58 -34.65 0.13
N GLN A 149 -11.30 -33.58 0.86
CA GLN A 149 -12.19 -33.22 1.94
C GLN A 149 -13.52 -32.72 1.41
N PHE A 150 -13.51 -32.14 0.21
CA PHE A 150 -14.76 -31.69 -0.38
C PHE A 150 -15.52 -32.96 -0.71
N ILE A 151 -14.80 -33.93 -1.24
CA ILE A 151 -15.43 -35.19 -1.60
C ILE A 151 -15.98 -35.87 -0.35
N GLN A 152 -15.21 -35.82 0.73
CA GLN A 152 -15.61 -36.44 1.98
C GLN A 152 -16.73 -35.76 2.74
N HIS A 153 -16.65 -34.43 2.86
CA HIS A 153 -17.64 -33.70 3.65
C HIS A 153 -18.63 -32.73 2.99
N SER A 154 -18.52 -32.52 1.69
CA SER A 154 -19.43 -31.58 1.03
C SER A 154 -20.83 -32.21 0.96
N GLY A 155 -20.87 -33.53 0.86
CA GLY A 155 -22.15 -34.19 0.78
C GLY A 155 -22.70 -34.06 -0.62
N ARG A 156 -21.84 -33.72 -1.59
CA ARG A 156 -22.25 -33.55 -2.98
C ARG A 156 -21.23 -34.11 -3.94
N PRO A 157 -21.63 -34.34 -5.21
CA PRO A 157 -20.68 -34.87 -6.19
C PRO A 157 -19.68 -33.75 -6.41
N VAL A 158 -18.40 -34.08 -6.41
CA VAL A 158 -17.38 -33.05 -6.60
C VAL A 158 -16.57 -33.27 -7.87
N PHE A 159 -16.32 -32.21 -8.62
CA PHE A 159 -15.49 -32.35 -9.81
C PHE A 159 -14.34 -31.36 -9.72
N SER A 160 -13.18 -31.77 -10.20
CA SER A 160 -11.98 -30.95 -10.13
C SER A 160 -11.86 -29.87 -11.20
N MET A 161 -11.57 -28.66 -10.76
CA MET A 161 -11.38 -27.53 -11.68
C MET A 161 -9.86 -27.27 -11.66
N GLU A 162 -9.16 -28.34 -11.28
CA GLU A 162 -7.71 -28.42 -11.16
C GLU A 162 -7.36 -28.51 -9.70
N ALA A 163 -6.88 -29.69 -9.29
CA ALA A 163 -6.49 -29.93 -7.93
C ALA A 163 -4.99 -29.76 -7.86
N ALA A 164 -4.36 -30.35 -6.86
CA ALA A 164 -2.93 -30.22 -6.69
C ALA A 164 -2.13 -31.05 -7.68
N THR A 165 -2.67 -32.18 -8.11
CA THR A 165 -1.92 -33.04 -9.01
C THR A 165 -2.60 -33.44 -10.32
N ARG A 166 -3.84 -33.04 -10.54
CA ARG A 166 -4.53 -33.39 -11.78
C ARG A 166 -5.38 -32.21 -12.27
N HIS A 167 -5.94 -32.35 -13.46
CA HIS A 167 -6.80 -31.32 -14.04
C HIS A 167 -7.57 -32.01 -15.16
N PRO A 168 -8.34 -33.04 -14.79
CA PRO A 168 -9.14 -33.83 -15.73
C PRO A 168 -9.97 -33.04 -16.73
N LEU A 169 -10.66 -32.01 -16.28
CA LEU A 169 -11.48 -31.20 -17.20
C LEU A 169 -10.67 -30.74 -18.39
N GLN A 170 -9.41 -30.35 -18.13
CA GLN A 170 -8.49 -29.88 -19.17
C GLN A 170 -8.06 -31.02 -20.08
N SER A 171 -7.49 -32.06 -19.49
CA SER A 171 -7.03 -33.21 -20.25
C SER A 171 -8.11 -33.78 -21.14
N PHE A 172 -9.32 -33.92 -20.59
CA PHE A 172 -10.45 -34.45 -21.35
C PHE A 172 -10.66 -33.57 -22.60
N ALA A 173 -10.54 -32.27 -22.45
CA ALA A 173 -10.71 -31.37 -23.58
C ALA A 173 -9.55 -31.58 -24.57
N ASP A 174 -8.34 -31.69 -24.04
CA ASP A 174 -7.17 -31.93 -24.87
C ASP A 174 -7.40 -33.18 -25.72
N LEU A 175 -7.95 -34.22 -25.09
CA LEU A 175 -8.25 -35.47 -25.79
C LEU A 175 -9.23 -35.19 -26.91
N ILE A 176 -10.32 -34.52 -26.56
CA ILE A 176 -11.33 -34.19 -27.55
C ILE A 176 -10.73 -33.45 -28.73
N THR A 177 -9.87 -32.46 -28.47
CA THR A 177 -9.31 -31.71 -29.60
C THR A 177 -8.31 -32.52 -30.45
N ILE A 178 -7.54 -33.43 -29.83
CA ILE A 178 -6.61 -34.23 -30.59
C ILE A 178 -7.38 -35.17 -31.53
N GLU A 179 -8.42 -35.79 -31.01
CA GLU A 179 -9.24 -36.68 -31.82
C GLU A 179 -9.84 -35.84 -32.95
N GLU A 180 -10.31 -34.66 -32.59
CA GLU A 180 -10.92 -33.74 -33.52
C GLU A 180 -10.01 -33.33 -34.66
N TYR A 181 -8.72 -33.21 -34.39
CA TYR A 181 -7.76 -32.78 -35.43
C TYR A 181 -6.77 -33.81 -35.98
N LYS A 182 -6.61 -34.95 -35.29
CA LYS A 182 -5.65 -35.95 -35.75
C LYS A 182 -5.85 -36.38 -37.19
N LYS A 183 -4.73 -36.65 -37.86
CA LYS A 183 -4.73 -37.07 -39.25
C LYS A 183 -4.64 -38.58 -39.42
N THR A 184 -4.30 -39.27 -38.33
CA THR A 184 -4.21 -40.74 -38.34
C THR A 184 -4.80 -41.28 -37.05
N ALA A 185 -5.02 -42.59 -37.01
CA ALA A 185 -5.59 -43.25 -35.85
C ALA A 185 -4.78 -43.09 -34.56
N ARG A 186 -3.47 -43.29 -34.64
CA ARG A 186 -2.64 -43.19 -33.46
C ARG A 186 -1.46 -42.26 -33.61
N PRO A 187 -1.70 -40.94 -33.59
CA PRO A 187 -0.67 -39.92 -33.73
C PRO A 187 0.41 -39.96 -32.67
N LYS A 188 1.51 -39.27 -32.95
CA LYS A 188 2.62 -39.18 -32.00
C LYS A 188 2.37 -37.88 -31.27
N VAL A 189 2.08 -37.99 -29.98
CA VAL A 189 1.81 -36.83 -29.16
C VAL A 189 2.96 -36.64 -28.19
N VAL A 190 3.62 -35.49 -28.31
CA VAL A 190 4.76 -35.19 -27.45
C VAL A 190 4.48 -34.08 -26.47
N MET A 191 4.67 -34.34 -25.18
CA MET A 191 4.48 -33.31 -24.17
C MET A 191 5.87 -32.77 -23.85
N THR A 192 6.03 -31.46 -23.96
CA THR A 192 7.33 -30.87 -23.70
C THR A 192 7.33 -29.79 -22.64
N TRP A 193 8.34 -29.82 -21.79
CA TRP A 193 8.50 -28.84 -20.73
C TRP A 193 8.94 -27.56 -21.45
N ALA A 194 8.83 -26.43 -20.76
CA ALA A 194 9.23 -25.12 -21.30
C ALA A 194 9.53 -24.28 -20.08
N PRO A 195 10.40 -23.27 -20.22
CA PRO A 195 10.78 -22.38 -19.12
C PRO A 195 9.70 -21.41 -18.66
N HIS A 196 9.66 -21.15 -17.35
CA HIS A 196 8.69 -20.24 -16.76
C HIS A 196 9.36 -19.57 -15.55
N PRO A 197 9.11 -18.27 -15.33
CA PRO A 197 9.71 -17.55 -14.21
C PRO A 197 9.20 -17.90 -12.82
N ARG A 198 8.07 -18.59 -12.73
CA ARG A 198 7.54 -18.97 -11.43
C ARG A 198 7.35 -20.46 -11.36
N PRO A 199 7.36 -21.03 -10.14
CA PRO A 199 7.18 -22.47 -9.97
C PRO A 199 5.72 -22.86 -10.13
N LEU A 200 5.42 -23.62 -11.18
CA LEU A 200 4.04 -24.04 -11.45
C LEU A 200 3.78 -25.51 -11.05
N PRO A 201 2.53 -25.82 -10.71
CA PRO A 201 2.14 -27.19 -10.31
C PRO A 201 2.41 -28.16 -11.43
N GLN A 202 2.47 -29.46 -11.14
CA GLN A 202 2.68 -30.44 -12.18
C GLN A 202 1.33 -31.08 -12.51
N ALA A 203 0.27 -30.43 -12.04
CA ALA A 203 -1.09 -30.90 -12.25
C ALA A 203 -1.48 -31.11 -13.70
N VAL A 204 -1.21 -30.12 -14.55
CA VAL A 204 -1.54 -30.25 -15.97
C VAL A 204 -0.74 -31.38 -16.63
N PRO A 205 0.59 -31.39 -16.43
CA PRO A 205 1.43 -32.43 -17.02
C PRO A 205 0.99 -33.79 -16.53
N ASN A 206 0.85 -33.93 -15.21
CA ASN A 206 0.44 -35.21 -14.64
C ASN A 206 -0.84 -35.66 -15.32
N SER A 207 -1.82 -34.78 -15.31
CA SER A 207 -3.13 -35.06 -15.91
C SER A 207 -3.04 -35.44 -17.38
N PHE A 208 -2.25 -34.68 -18.16
CA PHE A 208 -2.11 -34.95 -19.59
C PHE A 208 -1.56 -36.36 -19.82
N ALA A 209 -0.47 -36.67 -19.13
CA ALA A 209 0.15 -37.99 -19.24
C ALA A 209 -0.88 -39.05 -18.90
N GLU A 210 -1.49 -38.92 -17.73
CA GLU A 210 -2.51 -39.85 -17.30
C GLU A 210 -3.52 -40.15 -18.40
N TRP A 211 -4.01 -39.12 -19.07
CA TRP A 211 -4.98 -39.33 -20.13
C TRP A 211 -4.36 -39.89 -21.40
N MET A 212 -3.20 -39.36 -21.80
CA MET A 212 -2.55 -39.89 -23.00
C MET A 212 -2.24 -41.36 -22.81
N ASN A 213 -1.70 -41.73 -21.66
CA ASN A 213 -1.40 -43.12 -21.37
C ASN A 213 -2.63 -44.00 -21.50
N ALA A 214 -3.81 -43.40 -21.39
CA ALA A 214 -5.05 -44.16 -21.48
C ALA A 214 -5.48 -44.36 -22.92
N THR A 215 -4.73 -43.75 -23.84
CA THR A 215 -5.06 -43.87 -25.27
C THR A 215 -4.04 -44.76 -25.95
N ASP A 216 -4.27 -45.02 -27.23
CA ASP A 216 -3.40 -45.87 -28.02
C ASP A 216 -2.47 -45.00 -28.86
N TYR A 217 -2.32 -43.73 -28.45
CA TYR A 217 -1.45 -42.80 -29.15
C TYR A 217 0.01 -43.14 -28.84
N GLU A 218 0.93 -42.62 -29.64
CA GLU A 218 2.35 -42.85 -29.35
C GLU A 218 2.68 -41.64 -28.50
N PHE A 219 2.82 -41.87 -27.20
CA PHE A 219 3.08 -40.77 -26.27
C PHE A 219 4.51 -40.66 -25.78
N VAL A 220 5.05 -39.44 -25.89
CA VAL A 220 6.41 -39.16 -25.45
C VAL A 220 6.47 -37.92 -24.58
N ILE A 221 7.24 -37.98 -23.50
CA ILE A 221 7.40 -36.86 -22.59
C ILE A 221 8.84 -36.39 -22.66
N THR A 222 9.06 -35.10 -22.90
CA THR A 222 10.42 -34.58 -22.97
C THR A 222 10.61 -33.40 -22.04
N HIS A 223 11.61 -33.49 -21.16
CA HIS A 223 11.88 -32.42 -20.22
C HIS A 223 13.35 -32.42 -19.81
N PRO A 224 13.82 -31.34 -19.20
CA PRO A 224 15.22 -31.27 -18.76
C PRO A 224 15.49 -32.24 -17.62
N GLU A 225 16.77 -32.50 -17.38
CA GLU A 225 17.20 -33.38 -16.32
C GLU A 225 16.70 -32.82 -15.00
N GLY A 226 16.18 -33.67 -14.13
CA GLY A 226 15.71 -33.20 -12.84
C GLY A 226 14.21 -32.93 -12.77
N TYR A 227 13.59 -32.78 -13.93
CA TYR A 227 12.17 -32.49 -13.96
C TYR A 227 11.27 -33.70 -14.16
N GLU A 228 11.72 -34.90 -13.79
CA GLU A 228 10.84 -36.04 -14.00
C GLU A 228 9.62 -35.97 -13.10
N LEU A 229 8.48 -36.34 -13.67
CA LEU A 229 7.21 -36.32 -12.97
C LEU A 229 7.03 -37.59 -12.15
N ASP A 230 6.03 -37.58 -11.26
CA ASP A 230 5.76 -38.75 -10.43
C ASP A 230 5.52 -39.94 -11.35
N PRO A 231 6.19 -41.06 -11.06
CA PRO A 231 6.07 -42.29 -11.85
C PRO A 231 4.65 -42.73 -12.12
N LYS A 232 3.81 -42.69 -11.10
CA LYS A 232 2.44 -43.14 -11.27
C LYS A 232 1.74 -42.42 -12.41
N PHE A 233 2.22 -41.23 -12.74
CA PHE A 233 1.61 -40.47 -13.82
C PHE A 233 2.33 -40.74 -15.14
N VAL A 234 3.66 -40.76 -15.08
CA VAL A 234 4.48 -41.01 -16.25
C VAL A 234 4.05 -42.32 -16.88
N GLY A 235 3.71 -43.28 -16.03
CA GLY A 235 3.29 -44.58 -16.51
C GLY A 235 4.45 -45.15 -17.28
N ASN A 236 4.16 -45.70 -18.46
CA ASN A 236 5.22 -46.26 -19.29
C ASN A 236 5.37 -45.45 -20.57
N ALA A 237 5.26 -44.14 -20.44
CA ALA A 237 5.42 -43.28 -21.59
C ALA A 237 6.92 -43.09 -21.79
N ARG A 238 7.34 -42.94 -23.03
CA ARG A 238 8.75 -42.75 -23.33
C ARG A 238 9.18 -41.38 -22.84
N VAL A 239 10.29 -41.33 -22.12
CA VAL A 239 10.80 -40.06 -21.62
C VAL A 239 12.11 -39.74 -22.33
N GLU A 240 12.09 -38.70 -23.16
CA GLU A 240 13.25 -38.29 -23.93
C GLU A 240 13.84 -36.99 -23.37
N TYR A 241 15.10 -37.04 -22.95
CA TYR A 241 15.73 -35.83 -22.40
C TYR A 241 16.22 -34.88 -23.46
N ASP A 242 16.22 -35.35 -24.71
CA ASP A 242 16.63 -34.52 -25.84
C ASP A 242 15.36 -34.00 -26.49
N GLN A 243 15.07 -32.72 -26.32
CA GLN A 243 13.86 -32.15 -26.87
C GLN A 243 13.77 -32.36 -28.37
N MET A 244 14.80 -31.96 -29.11
CA MET A 244 14.82 -32.11 -30.55
C MET A 244 14.53 -33.55 -31.00
N LYS A 245 14.99 -34.53 -30.23
CA LYS A 245 14.74 -35.91 -30.56
C LYS A 245 13.28 -36.27 -30.42
N ALA A 246 12.71 -35.90 -29.27
CA ALA A 246 11.31 -36.18 -28.99
C ALA A 246 10.41 -35.59 -30.06
N PHE A 247 10.71 -34.35 -30.46
CA PHE A 247 9.92 -33.64 -31.46
C PHE A 247 9.88 -34.29 -32.84
N GLU A 248 10.93 -35.01 -33.20
CA GLU A 248 11.02 -35.65 -34.50
C GLU A 248 9.76 -36.38 -34.94
N GLY A 249 9.16 -35.88 -36.03
CA GLY A 249 7.96 -36.49 -36.57
C GLY A 249 6.73 -36.51 -35.69
N ALA A 250 6.64 -35.58 -34.75
CA ALA A 250 5.49 -35.52 -33.86
C ALA A 250 4.29 -35.00 -34.63
N ASP A 251 3.10 -35.38 -34.20
CA ASP A 251 1.87 -34.92 -34.85
C ASP A 251 1.21 -33.86 -33.99
N PHE A 252 1.54 -33.89 -32.69
CA PHE A 252 1.00 -32.94 -31.74
C PHE A 252 2.06 -32.58 -30.72
N ILE A 253 2.18 -31.29 -30.42
CA ILE A 253 3.12 -30.83 -29.41
C ILE A 253 2.30 -30.14 -28.31
N TYR A 254 2.39 -30.71 -27.11
CA TYR A 254 1.66 -30.18 -25.96
C TYR A 254 2.71 -29.61 -25.01
N ALA A 255 2.86 -28.29 -25.03
CA ALA A 255 3.85 -27.67 -24.18
C ALA A 255 3.24 -27.20 -22.87
N LYS A 256 4.02 -27.24 -21.80
CA LYS A 256 3.55 -26.81 -20.49
C LYS A 256 4.71 -26.83 -19.50
N ASN A 257 4.83 -25.77 -18.71
CA ASN A 257 5.91 -25.75 -17.71
C ASN A 257 5.43 -26.32 -16.40
N TRP A 258 6.38 -26.77 -15.59
CA TRP A 258 6.07 -27.31 -14.28
C TRP A 258 7.34 -27.28 -13.44
N ALA A 259 7.18 -27.03 -12.15
CA ALA A 259 8.33 -26.99 -11.26
C ALA A 259 8.78 -28.40 -10.96
N ALA A 260 10.01 -28.54 -10.45
CA ALA A 260 10.55 -29.85 -10.11
C ALA A 260 9.64 -30.62 -9.16
N TYR A 261 9.82 -31.93 -9.12
CA TYR A 261 8.99 -32.78 -8.28
C TYR A 261 9.80 -33.72 -7.39
N LEU A 262 10.91 -34.23 -7.92
CA LEU A 262 11.77 -35.16 -7.20
C LEU A 262 12.48 -34.66 -5.95
N GLY A 263 12.58 -35.56 -4.97
CA GLY A 263 13.23 -35.27 -3.71
C GLY A 263 13.32 -33.84 -3.20
N ASP A 264 14.55 -33.37 -3.03
CA ASP A 264 14.82 -32.05 -2.48
C ASP A 264 14.39 -30.82 -3.26
N ASN A 265 13.88 -31.01 -4.47
CA ASN A 265 13.47 -29.87 -5.27
C ASN A 265 11.98 -29.71 -5.48
N TYR A 266 11.18 -30.43 -4.70
CA TYR A 266 9.74 -30.33 -4.87
C TYR A 266 9.31 -28.86 -4.92
N GLY A 267 8.54 -28.53 -5.96
CA GLY A 267 8.04 -27.17 -6.12
C GLY A 267 9.09 -26.12 -6.43
N GLN A 268 10.20 -26.52 -7.04
CA GLN A 268 11.24 -25.55 -7.34
C GLN A 268 11.68 -25.42 -8.78
N ILE A 269 12.16 -24.23 -9.12
CA ILE A 269 12.63 -23.95 -10.47
C ILE A 269 14.08 -24.37 -10.58
N LEU A 270 14.32 -25.43 -11.35
CA LEU A 270 15.68 -25.93 -11.55
C LEU A 270 16.32 -25.24 -12.74
N SER A 271 15.49 -24.79 -13.66
CA SER A 271 15.98 -24.12 -14.85
C SER A 271 14.98 -23.18 -15.52
N THR A 272 15.51 -22.29 -16.34
CA THR A 272 14.72 -21.34 -17.10
C THR A 272 15.40 -21.29 -18.45
N ASP A 273 15.93 -22.43 -18.87
CA ASP A 273 16.63 -22.59 -20.14
C ASP A 273 15.72 -22.24 -21.30
N ARG A 274 15.91 -21.05 -21.84
CA ARG A 274 15.08 -20.58 -22.93
C ARG A 274 15.28 -21.37 -24.22
N ASN A 275 16.14 -22.39 -24.19
CA ASN A 275 16.38 -23.22 -25.36
C ASN A 275 15.23 -24.16 -25.55
N TRP A 276 14.48 -24.37 -24.48
CA TRP A 276 13.33 -25.26 -24.54
C TRP A 276 12.11 -24.53 -25.03
N THR A 277 12.19 -23.20 -25.11
CA THR A 277 11.04 -22.44 -25.59
C THR A 277 10.67 -23.01 -26.95
N VAL A 278 9.47 -23.52 -27.07
CA VAL A 278 9.04 -24.10 -28.33
C VAL A 278 9.00 -23.04 -29.40
N GLY A 279 10.00 -23.06 -30.27
CA GLY A 279 10.08 -22.11 -31.36
C GLY A 279 10.03 -22.84 -32.68
N ASP A 280 10.28 -22.13 -33.77
CA ASP A 280 10.23 -22.76 -35.08
C ASP A 280 11.30 -23.84 -35.21
N ARG A 281 12.45 -23.59 -34.60
CA ARG A 281 13.56 -24.54 -34.64
C ARG A 281 13.09 -25.98 -34.36
N GLN A 282 12.31 -26.16 -33.30
CA GLN A 282 11.83 -27.48 -32.92
C GLN A 282 10.65 -27.94 -33.74
N MET A 283 9.70 -27.05 -34.01
CA MET A 283 8.53 -27.44 -34.79
C MET A 283 8.95 -28.00 -36.14
N ALA A 284 9.97 -27.39 -36.73
CA ALA A 284 10.48 -27.82 -38.04
C ALA A 284 10.74 -29.33 -38.11
N VAL A 285 11.30 -29.87 -37.05
CA VAL A 285 11.62 -31.29 -36.98
C VAL A 285 10.39 -32.17 -36.80
N THR A 286 9.23 -31.57 -36.54
CA THR A 286 8.03 -32.39 -36.35
C THR A 286 7.38 -32.68 -37.69
N ASN A 287 6.37 -33.54 -37.68
CA ASN A 287 5.64 -33.89 -38.88
C ASN A 287 4.55 -32.85 -39.10
N ASN A 288 4.96 -31.58 -39.14
CA ASN A 288 4.03 -30.48 -39.31
C ASN A 288 2.96 -30.64 -38.24
N ALA A 289 3.42 -30.92 -37.02
CA ALA A 289 2.53 -31.12 -35.88
C ALA A 289 1.74 -29.88 -35.48
N TYR A 290 0.61 -30.12 -34.81
CA TYR A 290 -0.21 -29.03 -34.32
C TYR A 290 0.42 -28.59 -33.01
N PHE A 291 0.14 -27.36 -32.58
CA PHE A 291 0.67 -26.90 -31.31
C PHE A 291 -0.47 -26.73 -30.35
N MET A 292 -0.31 -27.27 -29.15
CA MET A 292 -1.33 -27.17 -28.11
C MET A 292 -0.79 -26.65 -26.79
N HIS A 293 -1.68 -26.02 -26.03
CA HIS A 293 -1.35 -25.49 -24.71
C HIS A 293 -2.67 -25.19 -24.02
N CYS A 294 -2.74 -25.50 -22.72
CA CYS A 294 -3.96 -25.29 -21.94
C CYS A 294 -4.25 -23.82 -21.66
N LEU A 295 -3.23 -22.98 -21.77
CA LEU A 295 -3.39 -21.55 -21.49
C LEU A 295 -3.65 -21.38 -19.99
N PRO A 296 -3.22 -20.26 -19.41
CA PRO A 296 -2.52 -19.10 -19.96
C PRO A 296 -1.16 -19.49 -20.51
N VAL A 297 -0.63 -18.71 -21.43
CA VAL A 297 0.69 -18.98 -22.00
C VAL A 297 1.51 -17.72 -22.04
N ARG A 298 2.75 -17.81 -21.56
CA ARG A 298 3.63 -16.65 -21.61
C ARG A 298 4.35 -16.75 -22.96
N ARG A 299 4.06 -15.79 -23.84
CA ARG A 299 4.67 -15.76 -25.16
C ARG A 299 6.17 -15.54 -25.09
N ASN A 300 6.90 -16.25 -25.96
CA ASN A 300 8.35 -16.15 -26.02
C ASN A 300 9.03 -16.62 -24.73
N MET A 301 8.39 -17.58 -24.08
CA MET A 301 8.89 -18.21 -22.87
C MET A 301 8.54 -19.67 -23.06
N ILE A 302 7.25 -19.93 -23.23
CA ILE A 302 6.77 -21.28 -23.44
C ILE A 302 6.80 -21.56 -24.93
N VAL A 303 6.29 -20.61 -25.71
CA VAL A 303 6.26 -20.77 -27.15
C VAL A 303 6.42 -19.43 -27.89
N THR A 304 7.04 -19.50 -29.07
CA THR A 304 7.29 -18.34 -29.91
C THR A 304 6.00 -17.70 -30.42
N ASP A 305 6.02 -16.39 -30.59
CA ASP A 305 4.86 -15.66 -31.11
C ASP A 305 4.46 -16.34 -32.41
N ASP A 306 5.44 -16.52 -33.28
CA ASP A 306 5.20 -17.13 -34.58
C ASP A 306 4.58 -18.52 -34.51
N VAL A 307 5.09 -19.35 -33.61
CA VAL A 307 4.55 -20.70 -33.49
C VAL A 307 3.08 -20.66 -33.08
N ILE A 308 2.80 -19.96 -31.99
CA ILE A 308 1.44 -19.87 -31.49
C ILE A 308 0.51 -19.17 -32.47
N GLU A 309 1.05 -18.27 -33.29
CA GLU A 309 0.21 -17.55 -34.25
C GLU A 309 0.13 -18.32 -35.57
N SER A 310 0.96 -19.34 -35.71
CA SER A 310 0.95 -20.12 -36.94
C SER A 310 -0.36 -20.87 -37.06
N PRO A 311 -0.71 -21.31 -38.28
CA PRO A 311 -1.95 -22.05 -38.47
C PRO A 311 -1.93 -23.43 -37.82
N GLN A 312 -0.75 -23.93 -37.46
CA GLN A 312 -0.67 -25.24 -36.82
C GLN A 312 -1.08 -25.15 -35.36
N SER A 313 -1.20 -23.92 -34.86
CA SER A 313 -1.59 -23.71 -33.46
C SER A 313 -3.11 -23.86 -33.31
N ILE A 314 -3.53 -24.84 -32.51
CA ILE A 314 -4.95 -25.08 -32.29
C ILE A 314 -5.29 -24.72 -30.85
N VAL A 315 -4.51 -23.80 -30.29
CA VAL A 315 -4.66 -23.33 -28.94
C VAL A 315 -6.10 -22.92 -28.61
N ILE A 316 -6.71 -22.13 -29.48
CA ILE A 316 -8.09 -21.69 -29.26
C ILE A 316 -9.11 -22.82 -29.39
N PRO A 317 -9.07 -23.58 -30.48
CA PRO A 317 -10.03 -24.68 -30.66
C PRO A 317 -9.96 -25.60 -29.44
N GLU A 318 -8.76 -25.68 -28.87
CA GLU A 318 -8.50 -26.49 -27.69
C GLU A 318 -9.32 -25.88 -26.56
N ALA A 319 -8.99 -24.64 -26.23
CA ALA A 319 -9.68 -23.90 -25.18
C ALA A 319 -11.20 -24.01 -25.34
N ALA A 320 -11.64 -23.89 -26.58
CA ALA A 320 -13.05 -23.99 -26.87
C ALA A 320 -13.64 -25.30 -26.37
N ASN A 321 -12.90 -26.40 -26.56
CA ASN A 321 -13.39 -27.71 -26.13
C ASN A 321 -13.58 -27.84 -24.62
N ARG A 322 -13.05 -26.90 -23.86
CA ARG A 322 -13.20 -26.95 -22.42
C ARG A 322 -14.70 -26.91 -22.09
N GLU A 323 -15.48 -26.22 -22.93
CA GLU A 323 -16.93 -26.11 -22.74
C GLU A 323 -17.55 -27.48 -22.90
N ILE A 324 -17.04 -28.24 -23.87
CA ILE A 324 -17.52 -29.58 -24.17
C ILE A 324 -17.20 -30.57 -23.03
N SER A 325 -15.93 -30.69 -22.69
CA SER A 325 -15.52 -31.59 -21.63
C SER A 325 -16.35 -31.31 -20.38
N ALA A 326 -16.54 -30.04 -20.06
CA ALA A 326 -17.33 -29.66 -18.89
C ALA A 326 -18.79 -30.06 -19.05
N THR A 327 -19.38 -29.79 -20.20
CA THR A 327 -20.78 -30.15 -20.44
C THR A 327 -21.00 -31.64 -20.27
N VAL A 328 -20.08 -32.46 -20.80
CA VAL A 328 -20.20 -33.91 -20.68
C VAL A 328 -20.14 -34.34 -19.21
N VAL A 329 -19.05 -33.96 -18.53
CA VAL A 329 -18.89 -34.32 -17.12
C VAL A 329 -20.11 -33.87 -16.29
N LEU A 330 -20.51 -32.61 -16.50
CA LEU A 330 -21.66 -32.08 -15.76
C LEU A 330 -22.89 -32.94 -16.07
N LYS A 331 -23.10 -33.25 -17.34
CA LYS A 331 -24.23 -34.07 -17.74
C LYS A 331 -24.20 -35.40 -17.02
N ARG A 332 -23.06 -36.09 -17.07
CA ARG A 332 -22.91 -37.40 -16.41
C ARG A 332 -23.29 -37.25 -14.93
N LEU A 333 -22.64 -36.30 -14.24
CA LEU A 333 -22.92 -36.08 -12.83
C LEU A 333 -24.42 -35.88 -12.59
N LEU A 334 -25.04 -35.06 -13.42
CA LEU A 334 -26.48 -34.81 -13.29
C LEU A 334 -27.23 -36.12 -13.38
N GLU A 335 -26.98 -36.87 -14.45
CA GLU A 335 -27.67 -38.13 -14.68
C GLU A 335 -27.56 -39.10 -13.51
N ASN A 336 -26.53 -38.96 -12.69
CA ASN A 336 -26.38 -39.86 -11.57
C ASN A 336 -26.77 -39.23 -10.23
N LEU A 337 -27.42 -38.08 -10.27
CA LEU A 337 -27.83 -37.44 -9.02
C LEU A 337 -29.00 -38.24 -8.48
N PRO A 338 -29.08 -38.38 -7.16
CA PRO A 338 -30.17 -39.15 -6.55
C PRO A 338 -31.51 -38.49 -6.86
N GLY B 18 -49.07 -9.24 8.74
CA GLY B 18 -48.04 -10.34 8.61
C GLY B 18 -47.82 -10.85 7.19
N SER B 19 -48.89 -10.85 6.38
CA SER B 19 -48.84 -11.29 4.99
C SER B 19 -48.70 -10.03 4.14
N HIS B 20 -48.37 -8.95 4.83
CA HIS B 20 -48.19 -7.65 4.23
C HIS B 20 -46.72 -7.32 4.45
N MET B 21 -45.82 -8.16 3.94
CA MET B 21 -44.41 -7.89 4.16
C MET B 21 -43.87 -6.81 3.22
N LYS B 22 -43.43 -5.70 3.81
CA LYS B 22 -42.89 -4.58 3.07
C LYS B 22 -41.37 -4.52 3.25
N LYS B 23 -40.89 -5.23 4.27
CA LYS B 23 -39.46 -5.28 4.55
C LYS B 23 -39.18 -6.47 5.47
N PHE B 24 -37.91 -6.69 5.80
CA PHE B 24 -37.57 -7.77 6.70
C PHE B 24 -36.28 -7.38 7.44
N THR B 25 -36.45 -6.77 8.60
CA THR B 25 -35.30 -6.33 9.39
C THR B 25 -35.37 -6.80 10.83
N CYS B 26 -36.58 -7.06 11.33
CA CYS B 26 -36.76 -7.51 12.70
C CYS B 26 -37.84 -8.60 12.74
N VAL B 27 -37.94 -9.33 13.85
CA VAL B 27 -38.91 -10.40 13.97
C VAL B 27 -40.36 -9.96 13.74
N GLN B 28 -40.66 -8.69 14.01
CA GLN B 28 -42.03 -8.20 13.79
C GLN B 28 -42.47 -8.42 12.35
N ASP B 29 -41.57 -8.20 11.40
CA ASP B 29 -41.87 -8.36 9.99
C ASP B 29 -42.39 -9.73 9.56
N ILE B 30 -42.05 -10.79 10.30
CA ILE B 30 -42.49 -12.14 9.90
C ILE B 30 -43.91 -12.48 10.31
N GLY B 31 -44.47 -11.71 11.23
CA GLY B 31 -45.82 -11.98 11.68
C GLY B 31 -45.95 -13.12 12.66
N ASP B 32 -46.99 -13.93 12.50
CA ASP B 32 -47.25 -15.06 13.36
C ASP B 32 -46.23 -16.16 13.17
N LEU B 33 -45.45 -16.43 14.21
CA LEU B 33 -44.44 -17.47 14.14
C LEU B 33 -44.96 -18.83 13.70
N LYS B 34 -46.14 -19.19 14.18
CA LYS B 34 -46.73 -20.48 13.84
C LYS B 34 -46.84 -20.73 12.35
N SER B 35 -47.54 -19.84 11.67
CA SER B 35 -47.72 -19.96 10.23
C SER B 35 -46.38 -19.82 9.50
N ALA B 36 -45.51 -18.97 10.04
CA ALA B 36 -44.20 -18.76 9.44
C ALA B 36 -43.44 -20.09 9.43
N LEU B 37 -43.41 -20.76 10.58
CA LEU B 37 -42.73 -22.04 10.70
C LEU B 37 -43.40 -23.03 9.78
N ALA B 38 -44.71 -22.91 9.65
CA ALA B 38 -45.47 -23.80 8.78
C ALA B 38 -44.92 -23.72 7.36
N GLU B 39 -44.84 -22.50 6.83
CA GLU B 39 -44.33 -22.32 5.48
C GLU B 39 -42.92 -22.86 5.39
N SER B 40 -42.14 -22.62 6.43
CA SER B 40 -40.76 -23.06 6.47
C SER B 40 -40.67 -24.56 6.18
N PHE B 41 -41.30 -25.35 7.03
CA PHE B 41 -41.25 -26.80 6.83
C PHE B 41 -41.92 -27.26 5.54
N GLU B 42 -42.87 -26.46 5.04
CA GLU B 42 -43.54 -26.78 3.80
C GLU B 42 -42.48 -26.79 2.70
N ILE B 43 -41.67 -25.73 2.69
CA ILE B 43 -40.63 -25.56 1.70
C ILE B 43 -39.48 -26.52 1.90
N LYS B 44 -39.19 -26.86 3.16
CA LYS B 44 -38.10 -27.81 3.41
C LYS B 44 -38.47 -29.11 2.71
N LYS B 45 -39.75 -29.45 2.79
CA LYS B 45 -40.26 -30.66 2.18
C LYS B 45 -40.33 -30.60 0.66
N ASP B 46 -40.77 -29.47 0.13
CA ASP B 46 -40.92 -29.30 -1.32
C ASP B 46 -40.20 -28.02 -1.75
N ARG B 47 -38.88 -28.10 -1.85
CA ARG B 47 -38.05 -26.96 -2.19
C ARG B 47 -38.44 -26.03 -3.35
N PHE B 48 -38.72 -26.59 -4.51
CA PHE B 48 -39.08 -25.74 -5.64
C PHE B 48 -40.58 -25.58 -5.89
N LYS B 49 -41.37 -25.84 -4.85
CA LYS B 49 -42.82 -25.72 -4.98
C LYS B 49 -43.27 -24.37 -5.58
N TYR B 50 -42.57 -23.29 -5.26
CA TYR B 50 -42.93 -21.97 -5.76
C TYR B 50 -41.94 -21.39 -6.77
N VAL B 51 -41.30 -22.29 -7.52
CA VAL B 51 -40.30 -21.89 -8.49
C VAL B 51 -40.82 -20.92 -9.55
N GLU B 52 -42.13 -20.88 -9.75
CA GLU B 52 -42.69 -19.97 -10.74
C GLU B 52 -43.07 -18.61 -10.14
N LEU B 53 -43.20 -18.56 -8.83
CA LEU B 53 -43.60 -17.34 -8.16
C LEU B 53 -42.76 -16.11 -8.53
N GLY B 54 -41.44 -16.23 -8.47
CA GLY B 54 -40.59 -15.10 -8.75
C GLY B 54 -40.08 -14.94 -10.17
N ARG B 55 -40.70 -15.62 -11.12
CA ARG B 55 -40.27 -15.51 -12.52
C ARG B 55 -40.21 -14.05 -12.94
N ASN B 56 -39.16 -13.71 -13.66
CA ASN B 56 -38.94 -12.33 -14.13
C ASN B 56 -38.94 -11.29 -13.02
N LYS B 57 -38.57 -11.73 -11.83
CA LYS B 57 -38.44 -10.85 -10.68
C LYS B 57 -36.95 -10.89 -10.31
N THR B 58 -36.34 -9.72 -10.15
CA THR B 58 -34.91 -9.65 -9.88
C THR B 58 -34.51 -9.21 -8.48
N LEU B 59 -33.69 -10.05 -7.84
CA LEU B 59 -33.19 -9.76 -6.51
C LEU B 59 -31.77 -9.24 -6.58
N LEU B 60 -31.52 -8.13 -5.87
CA LEU B 60 -30.20 -7.52 -5.82
C LEU B 60 -29.61 -7.69 -4.44
N MET B 61 -28.55 -8.48 -4.33
CA MET B 61 -27.87 -8.69 -3.05
C MET B 61 -26.66 -7.77 -2.97
N ILE B 62 -26.61 -6.91 -1.97
CA ILE B 62 -25.50 -5.97 -1.80
C ILE B 62 -24.69 -6.27 -0.56
N PHE B 63 -23.38 -6.41 -0.71
CA PHE B 63 -22.52 -6.69 0.41
C PHE B 63 -21.49 -5.63 0.72
N PHE B 64 -21.47 -5.18 1.98
CA PHE B 64 -20.50 -4.20 2.41
C PHE B 64 -19.47 -4.96 3.26
N ASN B 65 -19.79 -6.21 3.60
CA ASN B 65 -18.89 -7.03 4.40
C ASN B 65 -18.84 -8.46 3.87
N SER B 66 -17.88 -9.23 4.37
CA SER B 66 -17.71 -10.64 3.98
C SER B 66 -18.94 -11.50 4.28
N SER B 67 -19.01 -12.65 3.62
CA SER B 67 -20.12 -13.58 3.82
C SER B 67 -20.00 -14.85 3.00
N LEU B 68 -20.23 -15.99 3.66
CA LEU B 68 -20.19 -17.29 3.02
C LEU B 68 -21.64 -17.80 2.97
N ARG B 69 -22.22 -17.99 4.15
CA ARG B 69 -23.58 -18.49 4.31
C ARG B 69 -24.66 -17.59 3.70
N THR B 70 -24.68 -16.32 4.09
CA THR B 70 -25.69 -15.41 3.57
C THR B 70 -25.55 -15.27 2.07
N ARG B 71 -24.31 -15.11 1.60
CA ARG B 71 -24.04 -14.97 0.17
C ARG B 71 -24.57 -16.16 -0.62
N LEU B 72 -24.28 -17.35 -0.15
CA LEU B 72 -24.72 -18.56 -0.83
C LEU B 72 -26.20 -18.90 -0.61
N SER B 73 -26.61 -18.99 0.66
CA SER B 73 -27.97 -19.36 1.00
C SER B 73 -29.02 -18.45 0.34
N THR B 74 -28.74 -17.16 0.27
CA THR B 74 -29.71 -16.25 -0.31
C THR B 74 -29.87 -16.44 -1.82
N GLN B 75 -28.78 -16.72 -2.53
CA GLN B 75 -28.89 -16.95 -3.96
C GLN B 75 -29.71 -18.21 -4.20
N LYS B 76 -29.45 -19.26 -3.42
CA LYS B 76 -30.19 -20.50 -3.58
C LYS B 76 -31.67 -20.24 -3.33
N ALA B 77 -31.97 -19.48 -2.27
CA ALA B 77 -33.34 -19.16 -1.92
C ALA B 77 -34.03 -18.50 -3.10
N ALA B 78 -33.40 -17.49 -3.65
CA ALA B 78 -33.95 -16.77 -4.79
C ALA B 78 -34.21 -17.70 -5.98
N LEU B 79 -33.29 -18.63 -6.22
CA LEU B 79 -33.45 -19.57 -7.33
C LEU B 79 -34.61 -20.51 -7.07
N ASN B 80 -34.82 -20.87 -5.81
CA ASN B 80 -35.93 -21.77 -5.45
C ASN B 80 -37.24 -21.14 -5.87
N LEU B 81 -37.26 -19.81 -5.90
CA LEU B 81 -38.46 -19.05 -6.28
C LEU B 81 -38.40 -18.61 -7.75
N GLY B 82 -37.47 -19.20 -8.50
CA GLY B 82 -37.33 -18.86 -9.91
C GLY B 82 -36.98 -17.42 -10.21
N MET B 83 -36.31 -16.74 -9.28
CA MET B 83 -35.93 -15.35 -9.48
C MET B 83 -34.62 -15.15 -10.23
N ASN B 84 -34.34 -13.89 -10.56
CA ASN B 84 -33.10 -13.49 -11.20
C ASN B 84 -32.27 -13.01 -10.03
N VAL B 85 -30.98 -13.31 -10.04
CA VAL B 85 -30.13 -12.87 -8.95
C VAL B 85 -28.93 -12.06 -9.41
N ILE B 86 -28.69 -10.95 -8.74
CA ILE B 86 -27.54 -10.13 -9.08
C ILE B 86 -26.81 -9.83 -7.79
N VAL B 87 -25.62 -10.40 -7.62
CA VAL B 87 -24.86 -10.14 -6.41
C VAL B 87 -23.88 -9.02 -6.66
N LEU B 88 -23.93 -8.00 -5.81
CA LEU B 88 -23.05 -6.85 -5.96
C LEU B 88 -22.18 -6.68 -4.76
N ASP B 89 -20.89 -6.81 -4.97
CA ASP B 89 -19.91 -6.62 -3.92
C ASP B 89 -19.40 -5.21 -4.07
N ILE B 90 -20.21 -4.29 -3.59
CA ILE B 90 -19.85 -2.88 -3.65
C ILE B 90 -18.46 -2.82 -2.99
N ASN B 91 -17.64 -1.88 -3.44
CA ASN B 91 -16.27 -1.70 -2.92
C ASN B 91 -15.27 -2.45 -3.78
N GLN B 92 -15.69 -3.55 -4.37
CA GLN B 92 -14.79 -4.28 -5.23
C GLN B 92 -15.02 -3.87 -6.68
N GLY B 93 -16.22 -4.13 -7.17
CA GLY B 93 -16.53 -3.78 -8.54
C GLY B 93 -17.07 -2.37 -8.79
N ALA B 94 -17.66 -1.75 -7.76
CA ALA B 94 -18.23 -0.42 -7.89
C ALA B 94 -17.34 0.67 -7.30
N TRP B 95 -17.94 1.78 -6.92
CA TRP B 95 -17.20 2.91 -6.36
C TRP B 95 -17.45 3.04 -4.87
N LYS B 96 -16.39 3.26 -4.09
CA LYS B 96 -16.52 3.42 -2.62
C LYS B 96 -17.46 4.57 -2.40
N LEU B 97 -18.41 4.39 -1.50
CA LEU B 97 -19.41 5.41 -1.24
C LEU B 97 -19.08 6.39 -0.12
N GLU B 98 -19.57 7.61 -0.27
CA GLU B 98 -19.39 8.64 0.74
C GLU B 98 -20.71 8.58 1.49
N THR B 99 -20.63 8.19 2.76
CA THR B 99 -21.81 8.02 3.58
C THR B 99 -22.35 9.29 4.21
N GLU B 100 -21.47 10.21 4.58
CA GLU B 100 -21.89 11.47 5.22
C GLU B 100 -22.47 12.50 4.25
N ARG B 101 -23.53 13.19 4.68
CA ARG B 101 -24.14 14.17 3.81
C ARG B 101 -23.62 15.59 4.02
N GLY B 102 -23.61 16.37 2.96
CA GLY B 102 -23.16 17.75 3.03
C GLY B 102 -21.66 17.94 3.10
N VAL B 103 -20.91 16.93 2.66
CA VAL B 103 -19.47 17.00 2.68
C VAL B 103 -18.99 17.37 1.28
N ILE B 104 -17.79 17.92 1.17
CA ILE B 104 -17.29 18.25 -0.17
C ILE B 104 -16.53 17.01 -0.63
N MET B 105 -17.08 16.32 -1.62
CA MET B 105 -16.45 15.11 -2.11
C MET B 105 -15.23 15.39 -2.95
N ASP B 106 -14.24 15.99 -2.30
CA ASP B 106 -12.97 16.33 -2.97
C ASP B 106 -11.88 15.41 -2.46
N GLY B 107 -12.17 14.13 -2.38
CA GLY B 107 -11.18 13.20 -1.90
C GLY B 107 -11.32 11.78 -2.35
N ASP B 108 -11.16 10.90 -1.39
CA ASP B 108 -11.23 9.46 -1.56
C ASP B 108 -12.40 8.89 -2.37
N LYS B 109 -13.63 9.25 -2.01
CA LYS B 109 -14.84 8.74 -2.65
C LYS B 109 -15.29 9.39 -3.96
N GLU B 110 -15.85 8.56 -4.84
CA GLU B 110 -16.34 8.98 -6.14
C GLU B 110 -17.86 9.11 -6.20
N GLU B 111 -18.55 8.32 -5.39
CA GLU B 111 -20.00 8.33 -5.39
C GLU B 111 -20.57 8.48 -3.99
N HIS B 112 -21.71 9.16 -3.89
CA HIS B 112 -22.35 9.33 -2.59
C HIS B 112 -23.48 8.32 -2.42
N LEU B 113 -23.64 7.84 -1.19
CA LEU B 113 -24.68 6.88 -0.87
C LEU B 113 -26.05 7.38 -1.31
N LEU B 114 -26.25 8.70 -1.24
CA LEU B 114 -27.51 9.28 -1.62
C LEU B 114 -27.91 9.02 -3.07
N GLU B 115 -26.93 8.87 -3.97
CA GLU B 115 -27.27 8.60 -5.37
C GLU B 115 -27.29 7.09 -5.54
N ALA B 116 -26.29 6.45 -4.96
CA ALA B 116 -26.12 5.00 -5.03
C ALA B 116 -27.37 4.18 -4.72
N ILE B 117 -27.97 4.40 -3.55
CA ILE B 117 -29.15 3.66 -3.16
C ILE B 117 -30.28 3.74 -4.20
N PRO B 118 -30.74 4.96 -4.54
CA PRO B 118 -31.82 5.12 -5.53
C PRO B 118 -31.45 4.45 -6.86
N VAL B 119 -30.21 4.64 -7.30
CA VAL B 119 -29.76 4.07 -8.55
C VAL B 119 -29.91 2.55 -8.53
N MET B 120 -29.42 1.93 -7.46
CA MET B 120 -29.48 0.48 -7.35
C MET B 120 -30.92 0.00 -7.40
N GLY B 121 -31.82 0.77 -6.78
CA GLY B 121 -33.23 0.39 -6.78
C GLY B 121 -33.82 0.36 -8.18
N CYS B 122 -33.21 1.11 -9.09
CA CYS B 122 -33.70 1.15 -10.46
C CYS B 122 -33.66 -0.18 -11.20
N TYR B 123 -32.74 -1.07 -10.84
CA TYR B 123 -32.61 -2.29 -11.60
C TYR B 123 -33.06 -3.60 -11.01
N CYS B 124 -33.79 -3.55 -9.90
CA CYS B 124 -34.27 -4.78 -9.27
C CYS B 124 -35.67 -4.63 -8.69
N ASP B 125 -36.19 -5.72 -8.12
CA ASP B 125 -37.52 -5.72 -7.51
C ASP B 125 -37.40 -5.81 -6.00
N ILE B 126 -36.34 -6.49 -5.55
CA ILE B 126 -36.12 -6.66 -4.12
C ILE B 126 -34.64 -6.49 -3.83
N ILE B 127 -34.33 -5.90 -2.67
CA ILE B 127 -32.93 -5.68 -2.31
C ILE B 127 -32.56 -6.32 -0.98
N GLY B 128 -31.38 -6.93 -0.95
CA GLY B 128 -30.86 -7.53 0.26
C GLY B 128 -29.58 -6.78 0.58
N VAL B 129 -29.45 -6.30 1.81
CA VAL B 129 -28.26 -5.55 2.19
C VAL B 129 -27.59 -6.10 3.43
N ARG B 130 -26.27 -6.19 3.39
CA ARG B 130 -25.51 -6.61 4.55
C ARG B 130 -24.61 -5.44 4.87
N SER B 131 -24.72 -4.93 6.09
CA SER B 131 -23.90 -3.80 6.51
C SER B 131 -23.64 -3.87 8.01
N PHE B 132 -22.49 -4.46 8.34
CA PHE B 132 -22.07 -4.62 9.73
C PHE B 132 -22.00 -3.30 10.48
N ALA B 133 -22.18 -3.36 11.79
CA ALA B 133 -22.08 -2.17 12.62
C ALA B 133 -20.64 -1.65 12.43
N ARG B 134 -20.46 -0.34 12.38
CA ARG B 134 -19.12 0.22 12.17
C ARG B 134 -18.40 0.49 13.47
N PHE B 135 -19.12 0.43 14.59
CA PHE B 135 -18.52 0.67 15.89
C PHE B 135 -17.81 2.02 16.00
N GLU B 136 -18.26 3.01 15.23
CA GLU B 136 -17.65 4.33 15.28
C GLU B 136 -18.48 5.24 16.17
N ASN B 137 -19.79 5.06 16.11
CA ASN B 137 -20.73 5.85 16.90
C ASN B 137 -21.94 4.96 17.22
N ARG B 138 -22.16 4.67 18.50
CA ARG B 138 -23.28 3.81 18.89
C ARG B 138 -24.62 4.22 18.31
N GLU B 139 -24.92 5.52 18.37
CA GLU B 139 -26.19 6.01 17.86
C GLU B 139 -26.35 5.71 16.36
N TYR B 140 -25.31 6.03 15.59
CA TYR B 140 -25.32 5.77 14.14
C TYR B 140 -25.62 4.30 13.87
N ASP B 141 -24.94 3.43 14.62
CA ASP B 141 -25.14 2.00 14.46
C ASP B 141 -26.52 1.58 14.91
N TYR B 142 -26.87 1.91 16.15
CA TYR B 142 -28.17 1.50 16.64
C TYR B 142 -29.38 2.15 16.03
N ASN B 143 -29.21 3.32 15.41
CA ASN B 143 -30.33 3.95 14.72
C ASN B 143 -30.45 3.29 13.35
N GLU B 144 -29.51 2.39 13.06
CA GLU B 144 -29.47 1.67 11.81
C GLU B 144 -29.64 2.60 10.61
N VAL B 145 -28.84 3.65 10.61
CA VAL B 145 -28.87 4.65 9.57
C VAL B 145 -28.78 4.09 8.15
N ILE B 146 -27.75 3.30 7.87
CA ILE B 146 -27.60 2.76 6.53
C ILE B 146 -28.77 1.91 6.06
N ILE B 147 -29.00 0.79 6.74
CA ILE B 147 -30.09 -0.10 6.35
C ILE B 147 -31.38 0.68 6.16
N ASN B 148 -31.59 1.71 6.98
CA ASN B 148 -32.80 2.51 6.88
C ASN B 148 -32.84 3.38 5.63
N GLN B 149 -31.69 3.83 5.18
CA GLN B 149 -31.65 4.65 3.98
C GLN B 149 -31.98 3.83 2.76
N PHE B 150 -31.67 2.55 2.79
CA PHE B 150 -32.01 1.70 1.67
C PHE B 150 -33.53 1.60 1.67
N ILE B 151 -34.09 1.43 2.87
CA ILE B 151 -35.53 1.33 3.01
C ILE B 151 -36.19 2.63 2.56
N GLN B 152 -35.59 3.76 2.94
CA GLN B 152 -36.12 5.08 2.58
C GLN B 152 -35.98 5.47 1.11
N HIS B 153 -34.81 5.25 0.53
CA HIS B 153 -34.57 5.68 -0.84
C HIS B 153 -34.35 4.67 -1.95
N SER B 154 -34.32 3.38 -1.63
CA SER B 154 -34.09 2.39 -2.69
C SER B 154 -35.32 2.29 -3.57
N GLY B 155 -36.49 2.53 -2.97
CA GLY B 155 -37.72 2.43 -3.72
C GLY B 155 -38.12 0.98 -3.94
N ARG B 156 -37.53 0.09 -3.13
CA ARG B 156 -37.82 -1.34 -3.21
C ARG B 156 -37.92 -1.97 -1.84
N PRO B 157 -38.50 -3.17 -1.77
CA PRO B 157 -38.61 -3.84 -0.49
C PRO B 157 -37.18 -4.21 -0.09
N VAL B 158 -36.80 -3.94 1.16
CA VAL B 158 -35.45 -4.26 1.59
C VAL B 158 -35.43 -5.29 2.71
N PHE B 159 -34.52 -6.26 2.63
CA PHE B 159 -34.40 -7.24 3.70
C PHE B 159 -32.97 -7.25 4.17
N SER B 160 -32.81 -7.44 5.47
CA SER B 160 -31.49 -7.42 6.09
C SER B 160 -30.68 -8.70 5.95
N MET B 161 -29.43 -8.56 5.51
CA MET B 161 -28.52 -9.71 5.39
C MET B 161 -27.54 -9.55 6.55
N GLU B 162 -28.03 -8.82 7.55
CA GLU B 162 -27.35 -8.48 8.80
C GLU B 162 -27.04 -7.00 8.77
N ALA B 163 -27.71 -6.26 9.64
CA ALA B 163 -27.51 -4.83 9.74
C ALA B 163 -26.59 -4.60 10.93
N ALA B 164 -26.64 -3.42 11.51
CA ALA B 164 -25.78 -3.10 12.62
C ALA B 164 -26.24 -3.71 13.92
N THR B 165 -27.55 -3.90 14.07
CA THR B 165 -28.03 -4.45 15.33
C THR B 165 -28.89 -5.70 15.29
N ARG B 166 -29.21 -6.19 14.09
CA ARG B 166 -30.04 -7.39 13.98
C ARG B 166 -29.54 -8.26 12.83
N HIS B 167 -30.13 -9.46 12.73
CA HIS B 167 -29.79 -10.38 11.65
C HIS B 167 -30.95 -11.38 11.59
N PRO B 168 -32.16 -10.87 11.30
CA PRO B 168 -33.39 -11.67 11.20
C PRO B 168 -33.29 -12.94 10.38
N LEU B 169 -32.69 -12.87 9.21
CA LEU B 169 -32.56 -14.07 8.38
C LEU B 169 -31.93 -15.22 9.15
N GLN B 170 -30.94 -14.90 9.97
CA GLN B 170 -30.23 -15.88 10.78
C GLN B 170 -31.12 -16.41 11.91
N SER B 171 -31.62 -15.51 12.74
CA SER B 171 -32.48 -15.87 13.85
C SER B 171 -33.65 -16.73 13.39
N PHE B 172 -34.29 -16.33 12.31
CA PHE B 172 -35.43 -17.07 11.77
C PHE B 172 -34.98 -18.53 11.52
N ALA B 173 -33.79 -18.71 10.94
CA ALA B 173 -33.29 -20.06 10.67
C ALA B 173 -33.03 -20.76 12.00
N ASP B 174 -32.42 -20.06 12.95
CA ASP B 174 -32.17 -20.64 14.26
C ASP B 174 -33.49 -21.17 14.83
N LEU B 175 -34.55 -20.38 14.71
CA LEU B 175 -35.84 -20.77 15.23
C LEU B 175 -36.28 -22.04 14.52
N ILE B 176 -36.20 -22.03 13.20
CA ILE B 176 -36.61 -23.18 12.44
C ILE B 176 -35.86 -24.43 12.90
N THR B 177 -34.56 -24.32 13.11
CA THR B 177 -33.81 -25.50 13.50
C THR B 177 -34.11 -25.98 14.93
N ILE B 178 -34.42 -25.05 15.83
CA ILE B 178 -34.74 -25.45 17.22
C ILE B 178 -36.06 -26.22 17.23
N GLU B 179 -37.04 -25.70 16.48
CA GLU B 179 -38.33 -26.36 16.38
C GLU B 179 -38.10 -27.74 15.77
N GLU B 180 -37.27 -27.75 14.73
CA GLU B 180 -36.94 -28.96 14.02
C GLU B 180 -36.30 -30.04 14.89
N TYR B 181 -35.48 -29.64 15.87
CA TYR B 181 -34.82 -30.60 16.75
C TYR B 181 -35.29 -30.73 18.19
N LYS B 182 -36.06 -29.76 18.69
CA LYS B 182 -36.51 -29.81 20.07
C LYS B 182 -37.18 -31.09 20.46
N LYS B 183 -36.94 -31.52 21.69
CA LYS B 183 -37.52 -32.74 22.24
C LYS B 183 -38.80 -32.50 23.05
N THR B 184 -39.04 -31.24 23.41
CA THR B 184 -40.24 -30.88 24.16
C THR B 184 -40.79 -29.58 23.59
N ALA B 185 -42.02 -29.24 23.98
CA ALA B 185 -42.68 -28.03 23.51
C ALA B 185 -41.95 -26.72 23.84
N ARG B 186 -41.45 -26.58 25.06
CA ARG B 186 -40.77 -25.35 25.44
C ARG B 186 -39.40 -25.59 26.07
N PRO B 187 -38.41 -25.92 25.23
CA PRO B 187 -37.03 -26.20 25.68
C PRO B 187 -36.35 -25.02 26.35
N LYS B 188 -35.26 -25.31 27.05
CA LYS B 188 -34.48 -24.27 27.71
C LYS B 188 -33.39 -23.95 26.71
N VAL B 189 -33.42 -22.73 26.18
CA VAL B 189 -32.44 -22.29 25.21
C VAL B 189 -31.53 -21.26 25.88
N VAL B 190 -30.24 -21.56 25.95
CA VAL B 190 -29.30 -20.65 26.57
C VAL B 190 -28.34 -20.02 25.58
N MET B 191 -28.30 -18.69 25.52
CA MET B 191 -27.35 -18.02 24.64
C MET B 191 -26.14 -17.68 25.50
N THR B 192 -24.95 -18.08 25.05
CA THR B 192 -23.76 -17.80 25.83
C THR B 192 -22.68 -17.05 25.07
N TRP B 193 -22.08 -16.09 25.74
CA TRP B 193 -21.00 -15.31 25.18
C TRP B 193 -19.80 -16.27 25.12
N ALA B 194 -18.77 -15.91 24.36
CA ALA B 194 -17.56 -16.71 24.22
C ALA B 194 -16.49 -15.72 23.77
N PRO B 195 -15.22 -15.99 24.08
CA PRO B 195 -14.11 -15.11 23.71
C PRO B 195 -13.77 -15.07 22.23
N HIS B 196 -13.34 -13.90 21.76
CA HIS B 196 -12.97 -13.71 20.35
C HIS B 196 -11.90 -12.62 20.31
N PRO B 197 -10.89 -12.78 19.46
CA PRO B 197 -9.81 -11.80 19.35
C PRO B 197 -10.14 -10.45 18.73
N ARG B 198 -11.28 -10.35 18.08
CA ARG B 198 -11.68 -9.09 17.46
C ARG B 198 -13.03 -8.65 17.98
N PRO B 199 -13.31 -7.33 17.98
CA PRO B 199 -14.59 -6.83 18.47
C PRO B 199 -15.69 -7.09 17.44
N LEU B 200 -16.65 -7.93 17.79
CA LEU B 200 -17.73 -8.27 16.88
C LEU B 200 -19.02 -7.55 17.24
N PRO B 201 -19.89 -7.32 16.23
CA PRO B 201 -21.18 -6.65 16.44
C PRO B 201 -22.06 -7.44 17.40
N GLN B 202 -23.08 -6.82 17.97
CA GLN B 202 -23.98 -7.54 18.86
C GLN B 202 -25.25 -7.86 18.07
N ALA B 203 -25.17 -7.73 16.75
CA ALA B 203 -26.29 -7.98 15.86
C ALA B 203 -26.87 -9.37 15.98
N VAL B 204 -26.03 -10.40 15.96
CA VAL B 204 -26.51 -11.77 16.10
C VAL B 204 -27.18 -12.01 17.47
N PRO B 205 -26.48 -11.65 18.56
CA PRO B 205 -27.02 -11.82 19.91
C PRO B 205 -28.33 -11.06 20.05
N ASN B 206 -28.32 -9.78 19.65
CA ASN B 206 -29.52 -8.97 19.75
C ASN B 206 -30.65 -9.69 19.04
N SER B 207 -30.41 -10.04 17.78
CA SER B 207 -31.40 -10.71 16.96
C SER B 207 -31.90 -12.01 17.57
N PHE B 208 -30.98 -12.83 18.07
CA PHE B 208 -31.37 -14.12 18.68
C PHE B 208 -32.30 -13.89 19.86
N ALA B 209 -31.90 -13.00 20.77
CA ALA B 209 -32.73 -12.69 21.93
C ALA B 209 -34.12 -12.24 21.46
N GLU B 210 -34.13 -11.24 20.59
CA GLU B 210 -35.38 -10.72 20.05
C GLU B 210 -36.31 -11.83 19.60
N TRP B 211 -35.78 -12.81 18.87
CA TRP B 211 -36.61 -13.90 18.40
C TRP B 211 -36.96 -14.89 19.50
N MET B 212 -36.00 -15.25 20.34
CA MET B 212 -36.31 -16.19 21.43
C MET B 212 -37.37 -15.59 22.31
N ASN B 213 -37.22 -14.31 22.66
CA ASN B 213 -38.22 -13.64 23.51
C ASN B 213 -39.61 -13.70 22.90
N ALA B 214 -39.67 -13.90 21.59
CA ALA B 214 -40.96 -13.98 20.91
C ALA B 214 -41.57 -15.37 20.99
N THR B 215 -40.82 -16.31 21.54
CA THR B 215 -41.31 -17.68 21.68
C THR B 215 -41.67 -17.95 23.12
N ASP B 216 -42.18 -19.14 23.36
CA ASP B 216 -42.59 -19.56 24.69
C ASP B 216 -41.49 -20.46 25.28
N TYR B 217 -40.29 -20.37 24.73
CA TYR B 217 -39.17 -21.18 25.21
C TYR B 217 -38.66 -20.59 26.52
N GLU B 218 -37.89 -21.37 27.27
CA GLU B 218 -37.31 -20.87 28.51
C GLU B 218 -35.99 -20.29 28.03
N PHE B 219 -35.92 -18.97 27.92
CA PHE B 219 -34.73 -18.31 27.41
C PHE B 219 -33.82 -17.68 28.46
N VAL B 220 -32.53 -18.01 28.40
CA VAL B 220 -31.54 -17.50 29.33
C VAL B 220 -30.31 -16.98 28.58
N ILE B 221 -29.81 -15.82 29.01
CA ILE B 221 -28.63 -15.21 28.39
C ILE B 221 -27.52 -15.20 29.41
N THR B 222 -26.35 -15.72 29.05
CA THR B 222 -25.23 -15.74 30.00
C THR B 222 -23.99 -15.13 29.39
N HIS B 223 -23.43 -14.13 30.06
CA HIS B 223 -22.22 -13.46 29.58
C HIS B 223 -21.45 -12.86 30.73
N PRO B 224 -20.18 -12.50 30.49
CA PRO B 224 -19.36 -11.91 31.55
C PRO B 224 -19.89 -10.54 31.94
N GLU B 225 -19.45 -10.07 33.09
CA GLU B 225 -19.83 -8.76 33.60
C GLU B 225 -19.38 -7.71 32.59
N GLY B 226 -20.24 -6.73 32.33
CA GLY B 226 -19.84 -5.67 31.40
C GLY B 226 -20.33 -5.88 29.98
N TYR B 227 -20.71 -7.11 29.65
CA TYR B 227 -21.18 -7.41 28.31
C TYR B 227 -22.69 -7.41 28.15
N GLU B 228 -23.42 -6.71 29.00
CA GLU B 228 -24.87 -6.71 28.84
C GLU B 228 -25.29 -6.03 27.53
N LEU B 229 -26.27 -6.64 26.88
CA LEU B 229 -26.78 -6.15 25.62
C LEU B 229 -27.82 -5.07 25.85
N ASP B 230 -28.16 -4.35 24.78
CA ASP B 230 -29.17 -3.30 24.90
C ASP B 230 -30.46 -3.91 25.47
N PRO B 231 -31.03 -3.27 26.50
CA PRO B 231 -32.25 -3.71 27.16
C PRO B 231 -33.40 -4.05 26.22
N LYS B 232 -33.63 -3.20 25.22
CA LYS B 232 -34.72 -3.44 24.28
C LYS B 232 -34.64 -4.81 23.63
N PHE B 233 -33.44 -5.37 23.57
CA PHE B 233 -33.28 -6.67 22.97
C PHE B 233 -33.35 -7.74 24.05
N VAL B 234 -32.67 -7.50 25.16
CA VAL B 234 -32.66 -8.46 26.26
C VAL B 234 -34.10 -8.78 26.65
N GLY B 235 -34.95 -7.77 26.60
CA GLY B 235 -36.34 -7.96 26.97
C GLY B 235 -36.36 -8.40 28.41
N ASN B 236 -37.15 -9.43 28.70
CA ASN B 236 -37.21 -9.93 30.07
C ASN B 236 -36.65 -11.33 30.15
N ALA B 237 -35.57 -11.57 29.41
CA ALA B 237 -34.94 -12.87 29.44
C ALA B 237 -34.05 -12.90 30.68
N ARG B 238 -33.92 -14.07 31.29
CA ARG B 238 -33.08 -14.22 32.48
C ARG B 238 -31.62 -14.04 32.08
N VAL B 239 -30.90 -13.21 32.83
CA VAL B 239 -29.49 -12.98 32.54
C VAL B 239 -28.66 -13.57 33.67
N GLU B 240 -27.92 -14.63 33.37
CA GLU B 240 -27.09 -15.31 34.36
C GLU B 240 -25.61 -15.03 34.13
N TYR B 241 -24.94 -14.45 35.13
CA TYR B 241 -23.52 -14.14 34.98
C TYR B 241 -22.63 -15.34 35.20
N ASP B 242 -23.21 -16.41 35.74
CA ASP B 242 -22.47 -17.65 35.98
C ASP B 242 -22.78 -18.59 34.80
N GLN B 243 -21.79 -18.78 33.92
CA GLN B 243 -22.02 -19.62 32.76
C GLN B 243 -22.48 -21.01 33.16
N MET B 244 -21.74 -21.67 34.03
CA MET B 244 -22.10 -23.03 34.47
C MET B 244 -23.51 -23.12 35.00
N LYS B 245 -23.99 -22.06 35.64
CA LYS B 245 -25.35 -22.07 36.17
C LYS B 245 -26.37 -22.04 35.04
N ALA B 246 -26.17 -21.12 34.10
CA ALA B 246 -27.07 -20.97 32.97
C ALA B 246 -27.17 -22.28 32.20
N PHE B 247 -26.04 -22.92 31.98
CA PHE B 247 -26.00 -24.17 31.24
C PHE B 247 -26.77 -25.34 31.86
N GLU B 248 -26.91 -25.34 33.18
CA GLU B 248 -27.61 -26.42 33.84
C GLU B 248 -28.92 -26.81 33.18
N GLY B 249 -28.99 -28.07 32.74
CA GLY B 249 -30.20 -28.60 32.13
C GLY B 249 -30.70 -27.92 30.88
N ALA B 250 -29.82 -27.23 30.16
CA ALA B 250 -30.22 -26.58 28.92
C ALA B 250 -30.50 -27.63 27.85
N ASP B 251 -31.36 -27.29 26.89
CA ASP B 251 -31.68 -28.20 25.81
C ASP B 251 -30.97 -27.74 24.54
N PHE B 252 -30.62 -26.46 24.51
CA PHE B 252 -29.94 -25.87 23.37
C PHE B 252 -28.95 -24.82 23.85
N ILE B 253 -27.75 -24.85 23.28
CA ILE B 253 -26.72 -23.88 23.61
C ILE B 253 -26.40 -23.09 22.34
N TYR B 254 -26.65 -21.78 22.38
CA TYR B 254 -26.39 -20.92 21.24
C TYR B 254 -25.23 -20.02 21.63
N ALA B 255 -24.04 -20.35 21.17
CA ALA B 255 -22.88 -19.54 21.53
C ALA B 255 -22.61 -18.49 20.47
N LYS B 256 -22.08 -17.35 20.89
CA LYS B 256 -21.75 -16.28 19.97
C LYS B 256 -21.01 -15.18 20.69
N ASN B 257 -19.92 -14.69 20.12
CA ASN B 257 -19.21 -13.60 20.77
C ASN B 257 -19.74 -12.25 20.30
N TRP B 258 -19.54 -11.23 21.14
CA TRP B 258 -19.94 -9.88 20.80
C TRP B 258 -19.14 -8.90 21.65
N ALA B 259 -18.80 -7.75 21.08
CA ALA B 259 -18.04 -6.75 21.82
C ALA B 259 -18.96 -6.04 22.80
N ALA B 260 -18.37 -5.36 23.78
CA ALA B 260 -19.15 -4.62 24.77
C ALA B 260 -20.11 -3.63 24.12
N TYR B 261 -21.14 -3.23 24.85
CA TYR B 261 -22.14 -2.32 24.34
C TYR B 261 -22.37 -1.12 25.25
N LEU B 262 -22.37 -1.36 26.56
CA LEU B 262 -22.59 -0.30 27.54
C LEU B 262 -21.63 0.84 27.60
N GLY B 263 -22.17 2.02 27.87
CA GLY B 263 -21.39 3.24 28.00
C GLY B 263 -20.06 3.40 27.29
N ASP B 264 -19.02 3.61 28.08
CA ASP B 264 -17.68 3.84 27.55
C ASP B 264 -17.00 2.71 26.78
N ASN B 265 -17.59 1.51 26.75
CA ASN B 265 -16.95 0.41 26.06
C ASN B 265 -17.62 -0.03 24.78
N TYR B 266 -18.50 0.79 24.23
CA TYR B 266 -19.17 0.41 23.01
C TYR B 266 -18.17 -0.07 21.96
N GLY B 267 -18.42 -1.25 21.41
CA GLY B 267 -17.55 -1.83 20.41
C GLY B 267 -16.17 -2.26 20.88
N GLN B 268 -16.04 -2.59 22.16
CA GLN B 268 -14.73 -2.98 22.67
C GLN B 268 -14.62 -4.34 23.34
N ILE B 269 -13.42 -4.89 23.30
CA ILE B 269 -13.15 -6.19 23.89
C ILE B 269 -12.80 -5.99 25.35
N LEU B 270 -13.69 -6.43 26.24
CA LEU B 270 -13.46 -6.30 27.68
C LEU B 270 -12.70 -7.52 28.18
N SER B 271 -12.87 -8.64 27.49
CA SER B 271 -12.23 -9.86 27.91
C SER B 271 -12.04 -10.87 26.79
N THR B 272 -11.16 -11.83 27.01
CA THR B 272 -10.91 -12.91 26.07
C THR B 272 -10.74 -14.14 26.96
N ASP B 273 -11.50 -14.15 28.05
CA ASP B 273 -11.49 -15.24 29.04
C ASP B 273 -11.83 -16.57 28.38
N ARG B 274 -10.80 -17.36 28.14
CA ARG B 274 -10.99 -18.64 27.48
C ARG B 274 -11.78 -19.63 28.34
N ASN B 275 -12.18 -19.22 29.54
CA ASN B 275 -12.95 -20.10 30.41
C ASN B 275 -14.38 -20.20 29.92
N TRP B 276 -14.77 -19.23 29.11
CA TRP B 276 -16.12 -19.22 28.56
C TRP B 276 -16.17 -20.04 27.28
N THR B 277 -15.02 -20.46 26.77
CA THR B 277 -15.02 -21.26 25.57
C THR B 277 -15.91 -22.46 25.86
N VAL B 278 -16.97 -22.62 25.08
CA VAL B 278 -17.87 -23.74 25.28
C VAL B 278 -17.16 -25.06 25.03
N GLY B 279 -16.79 -25.74 26.11
CA GLY B 279 -16.12 -27.00 25.99
C GLY B 279 -16.96 -28.08 26.62
N ASP B 280 -16.41 -29.27 26.76
CA ASP B 280 -17.17 -30.37 27.35
C ASP B 280 -17.55 -30.07 28.79
N ARG B 281 -16.68 -29.38 29.50
CA ARG B 281 -16.93 -29.03 30.88
C ARG B 281 -18.32 -28.46 31.09
N GLN B 282 -18.71 -27.51 30.23
CA GLN B 282 -20.02 -26.88 30.33
C GLN B 282 -21.14 -27.71 29.76
N MET B 283 -20.90 -28.33 28.61
CA MET B 283 -21.95 -29.15 28.00
C MET B 283 -22.42 -30.24 28.93
N ALA B 284 -21.49 -30.82 29.69
CA ALA B 284 -21.80 -31.88 30.64
C ALA B 284 -22.96 -31.53 31.57
N VAL B 285 -22.96 -30.30 32.04
CA VAL B 285 -24.00 -29.82 32.95
C VAL B 285 -25.35 -29.61 32.26
N THR B 286 -25.39 -29.68 30.94
CA THR B 286 -26.65 -29.45 30.23
C THR B 286 -27.41 -30.74 30.15
N ASN B 287 -28.64 -30.65 29.68
CA ASN B 287 -29.51 -31.81 29.53
C ASN B 287 -29.20 -32.46 28.17
N ASN B 288 -27.92 -32.73 27.95
CA ASN B 288 -27.46 -33.30 26.69
C ASN B 288 -27.94 -32.38 25.57
N ALA B 289 -27.78 -31.08 25.79
CA ALA B 289 -28.24 -30.06 24.86
C ALA B 289 -27.54 -30.09 23.51
N TYR B 290 -28.21 -29.55 22.50
CA TYR B 290 -27.62 -29.48 21.17
C TYR B 290 -26.74 -28.25 21.17
N PHE B 291 -25.77 -28.21 20.26
CA PHE B 291 -24.92 -27.04 20.17
C PHE B 291 -25.20 -26.30 18.87
N MET B 292 -25.41 -24.98 18.98
CA MET B 292 -25.69 -24.16 17.83
C MET B 292 -24.78 -22.95 17.74
N HIS B 293 -24.56 -22.50 16.50
CA HIS B 293 -23.73 -21.33 16.21
C HIS B 293 -24.03 -20.93 14.77
N CYS B 294 -24.15 -19.62 14.53
CA CYS B 294 -24.45 -19.09 13.21
C CYS B 294 -23.34 -19.22 12.21
N LEU B 295 -22.11 -19.42 12.70
CA LEU B 295 -20.94 -19.54 11.83
C LEU B 295 -20.70 -18.17 11.16
N PRO B 296 -19.43 -17.84 10.87
CA PRO B 296 -18.17 -18.57 11.09
C PRO B 296 -17.90 -18.79 12.55
N VAL B 297 -17.12 -19.82 12.88
CA VAL B 297 -16.76 -20.11 14.26
C VAL B 297 -15.28 -20.34 14.37
N ARG B 298 -14.66 -19.73 15.36
CA ARG B 298 -13.25 -19.95 15.58
C ARG B 298 -13.16 -21.11 16.57
N ARG B 299 -12.64 -22.25 16.09
CA ARG B 299 -12.52 -23.44 16.93
C ARG B 299 -11.55 -23.21 18.07
N ASN B 300 -11.90 -23.76 19.24
CA ASN B 300 -11.08 -23.65 20.45
C ASN B 300 -10.94 -22.21 20.93
N MET B 301 -11.99 -21.44 20.68
CA MET B 301 -12.10 -20.03 21.08
C MET B 301 -13.54 -19.89 21.52
N ILE B 302 -14.44 -20.15 20.59
CA ILE B 302 -15.87 -20.07 20.86
C ILE B 302 -16.30 -21.44 21.39
N VAL B 303 -15.88 -22.48 20.70
CA VAL B 303 -16.25 -23.83 21.10
C VAL B 303 -15.16 -24.85 20.81
N THR B 304 -15.08 -25.89 21.64
CA THR B 304 -14.09 -26.95 21.50
C THR B 304 -14.28 -27.77 20.24
N ASP B 305 -13.18 -28.27 19.69
CA ASP B 305 -13.24 -29.11 18.51
C ASP B 305 -14.21 -30.25 18.80
N ASP B 306 -14.02 -30.90 19.95
CA ASP B 306 -14.85 -32.02 20.34
C ASP B 306 -16.33 -31.70 20.44
N VAL B 307 -16.64 -30.55 21.02
CA VAL B 307 -18.04 -30.18 21.15
C VAL B 307 -18.67 -29.98 19.79
N ILE B 308 -18.04 -29.17 18.95
CA ILE B 308 -18.58 -28.89 17.64
C ILE B 308 -18.62 -30.13 16.75
N GLU B 309 -17.71 -31.08 17.00
CA GLU B 309 -17.69 -32.29 16.19
C GLU B 309 -18.59 -33.37 16.79
N SER B 310 -19.05 -33.14 18.01
CA SER B 310 -19.91 -34.11 18.67
C SER B 310 -21.22 -34.22 17.94
N PRO B 311 -21.94 -35.32 18.14
CA PRO B 311 -23.23 -35.46 17.45
C PRO B 311 -24.28 -34.48 17.94
N GLN B 312 -24.06 -33.86 19.10
CA GLN B 312 -25.03 -32.89 19.63
C GLN B 312 -24.95 -31.58 18.89
N SER B 313 -23.90 -31.42 18.07
CA SER B 313 -23.71 -30.20 17.30
C SER B 313 -24.58 -30.22 16.05
N ILE B 314 -25.48 -29.26 15.94
CA ILE B 314 -26.37 -29.19 14.79
C ILE B 314 -26.02 -27.94 13.96
N VAL B 315 -24.77 -27.52 14.10
CA VAL B 315 -24.24 -26.36 13.41
C VAL B 315 -24.56 -26.36 11.91
N ILE B 316 -24.36 -27.49 11.23
CA ILE B 316 -24.64 -27.57 9.80
C ILE B 316 -26.12 -27.55 9.48
N PRO B 317 -26.92 -28.40 10.14
CA PRO B 317 -28.37 -28.42 9.87
C PRO B 317 -28.91 -27.00 10.06
N GLU B 318 -28.28 -26.27 10.97
CA GLU B 318 -28.66 -24.92 11.29
C GLU B 318 -28.40 -24.09 10.05
N ALA B 319 -27.12 -24.04 9.67
CA ALA B 319 -26.68 -23.32 8.48
C ALA B 319 -27.59 -23.66 7.30
N ALA B 320 -27.86 -24.95 7.14
CA ALA B 320 -28.73 -25.39 6.07
C ALA B 320 -30.07 -24.64 6.05
N ASN B 321 -30.66 -24.46 7.22
CA ASN B 321 -31.95 -23.78 7.31
C ASN B 321 -31.91 -22.32 6.86
N ARG B 322 -30.72 -21.76 6.68
CA ARG B 322 -30.62 -20.39 6.21
C ARG B 322 -31.28 -20.29 4.82
N GLU B 323 -31.24 -21.39 4.06
CA GLU B 323 -31.84 -21.42 2.73
C GLU B 323 -33.35 -21.30 2.87
N ILE B 324 -33.88 -21.98 3.90
CA ILE B 324 -35.30 -21.99 4.18
C ILE B 324 -35.80 -20.62 4.63
N SER B 325 -35.19 -20.08 5.68
CA SER B 325 -35.60 -18.78 6.20
C SER B 325 -35.62 -17.75 5.06
N ALA B 326 -34.57 -17.78 4.23
CA ALA B 326 -34.47 -16.87 3.08
C ALA B 326 -35.57 -17.12 2.05
N THR B 327 -35.82 -18.39 1.72
CA THR B 327 -36.87 -18.71 0.76
C THR B 327 -38.24 -18.20 1.23
N VAL B 328 -38.54 -18.39 2.50
CA VAL B 328 -39.82 -17.91 3.05
C VAL B 328 -39.92 -16.38 2.96
N VAL B 329 -38.93 -15.67 3.51
CA VAL B 329 -38.92 -14.22 3.47
C VAL B 329 -39.04 -13.70 2.03
N LEU B 330 -38.20 -14.24 1.15
CA LEU B 330 -38.22 -13.84 -0.25
C LEU B 330 -39.63 -14.09 -0.82
N LYS B 331 -40.18 -15.27 -0.56
CA LYS B 331 -41.51 -15.60 -1.02
C LYS B 331 -42.53 -14.55 -0.54
N ARG B 332 -42.55 -14.28 0.75
CA ARG B 332 -43.45 -13.30 1.31
C ARG B 332 -43.29 -11.97 0.57
N LEU B 333 -42.05 -11.49 0.49
CA LEU B 333 -41.79 -10.22 -0.18
C LEU B 333 -42.35 -10.23 -1.60
N LEU B 334 -42.10 -11.31 -2.33
CA LEU B 334 -42.59 -11.44 -3.69
C LEU B 334 -44.11 -11.29 -3.71
N GLU B 335 -44.78 -12.09 -2.88
CA GLU B 335 -46.24 -12.09 -2.82
C GLU B 335 -46.84 -10.71 -2.57
N ASN B 336 -46.06 -9.82 -1.96
CA ASN B 336 -46.57 -8.50 -1.69
C ASN B 336 -46.01 -7.41 -2.64
N LEU B 337 -45.37 -7.84 -3.71
CA LEU B 337 -44.86 -6.88 -4.68
C LEU B 337 -46.03 -6.31 -5.42
N PRO B 338 -46.00 -5.01 -5.73
CA PRO B 338 -47.13 -4.39 -6.46
C PRO B 338 -47.30 -5.05 -7.81
N SER C 19 -32.33 -3.14 -39.94
CA SER C 19 -31.43 -2.95 -38.77
C SER C 19 -30.48 -4.13 -38.58
N HIS C 20 -29.27 -4.00 -39.11
CA HIS C 20 -28.28 -5.06 -38.96
C HIS C 20 -27.18 -4.60 -38.03
N MET C 21 -27.45 -4.55 -36.73
CA MET C 21 -26.44 -4.14 -35.76
C MET C 21 -25.38 -5.23 -35.57
N LYS C 22 -24.14 -4.90 -35.88
CA LYS C 22 -23.04 -5.84 -35.75
C LYS C 22 -22.18 -5.48 -34.54
N LYS C 23 -22.37 -4.25 -34.05
CA LYS C 23 -21.65 -3.76 -32.89
C LYS C 23 -22.33 -2.54 -32.33
N PHE C 24 -21.83 -1.99 -31.23
CA PHE C 24 -22.43 -0.81 -30.66
C PHE C 24 -21.35 -0.03 -29.94
N THR C 25 -20.71 0.88 -30.66
CA THR C 25 -19.64 1.67 -30.07
C THR C 25 -19.83 3.17 -30.24
N CYS C 26 -20.59 3.57 -31.26
CA CYS C 26 -20.85 4.99 -31.54
C CYS C 26 -22.30 5.14 -31.97
N VAL C 27 -22.79 6.38 -31.97
CA VAL C 27 -24.18 6.64 -32.32
C VAL C 27 -24.61 6.12 -33.69
N GLN C 28 -23.66 5.99 -34.61
CA GLN C 28 -23.97 5.49 -35.95
C GLN C 28 -24.61 4.11 -35.88
N ASP C 29 -24.11 3.26 -34.99
CA ASP C 29 -24.62 1.91 -34.84
C ASP C 29 -26.10 1.79 -34.52
N ILE C 30 -26.68 2.81 -33.90
CA ILE C 30 -28.11 2.74 -33.54
C ILE C 30 -29.07 3.03 -34.69
N GLY C 31 -28.56 3.63 -35.76
CA GLY C 31 -29.39 3.95 -36.89
C GLY C 31 -30.28 5.16 -36.68
N ASP C 32 -31.52 5.07 -37.15
CA ASP C 32 -32.49 6.15 -37.04
C ASP C 32 -32.93 6.38 -35.60
N LEU C 33 -32.61 7.57 -35.07
CA LEU C 33 -32.97 7.90 -33.69
C LEU C 33 -34.45 7.76 -33.40
N LYS C 34 -35.29 8.15 -34.34
CA LYS C 34 -36.74 8.09 -34.15
C LYS C 34 -37.23 6.70 -33.77
N SER C 35 -36.92 5.73 -34.61
CA SER C 35 -37.34 4.36 -34.37
C SER C 35 -36.65 3.80 -33.15
N ALA C 36 -35.41 4.22 -32.93
CA ALA C 36 -34.66 3.76 -31.78
C ALA C 36 -35.38 4.19 -30.51
N LEU C 37 -35.74 5.48 -30.44
CA LEU C 37 -36.46 6.01 -29.30
C LEU C 37 -37.80 5.29 -29.17
N ALA C 38 -38.38 4.93 -30.31
CA ALA C 38 -39.65 4.25 -30.30
C ALA C 38 -39.52 2.94 -29.54
N GLU C 39 -38.54 2.14 -29.90
CA GLU C 39 -38.32 0.86 -29.22
C GLU C 39 -38.06 1.09 -27.75
N SER C 40 -37.31 2.15 -27.46
CA SER C 40 -36.97 2.49 -26.09
C SER C 40 -38.25 2.62 -25.24
N PHE C 41 -39.11 3.54 -25.59
CA PHE C 41 -40.35 3.73 -24.83
C PHE C 41 -41.28 2.52 -24.88
N GLU C 42 -41.14 1.70 -25.93
CA GLU C 42 -41.97 0.50 -26.04
C GLU C 42 -41.59 -0.40 -24.86
N ILE C 43 -40.28 -0.60 -24.70
CA ILE C 43 -39.75 -1.43 -23.64
C ILE C 43 -39.95 -0.83 -22.25
N LYS C 44 -39.90 0.49 -22.15
CA LYS C 44 -40.11 1.12 -20.87
C LYS C 44 -41.50 0.73 -20.40
N LYS C 45 -42.42 0.72 -21.35
CA LYS C 45 -43.81 0.38 -21.06
C LYS C 45 -44.04 -1.09 -20.79
N ASP C 46 -43.39 -1.95 -21.57
CA ASP C 46 -43.54 -3.38 -21.41
C ASP C 46 -42.16 -4.03 -21.29
N ARG C 47 -41.57 -3.93 -20.11
CA ARG C 47 -40.23 -4.44 -19.86
C ARG C 47 -39.83 -5.83 -20.35
N PHE C 48 -40.62 -6.84 -20.04
CA PHE C 48 -40.26 -8.20 -20.47
C PHE C 48 -40.93 -8.67 -21.75
N LYS C 49 -41.39 -7.73 -22.55
CA LYS C 49 -42.05 -8.07 -23.80
C LYS C 49 -41.26 -9.04 -24.65
N TYR C 50 -39.94 -8.92 -24.66
CA TYR C 50 -39.10 -9.80 -25.47
C TYR C 50 -38.28 -10.78 -24.66
N VAL C 51 -38.79 -11.16 -23.49
CA VAL C 51 -38.09 -12.06 -22.61
C VAL C 51 -37.71 -13.41 -23.24
N GLU C 52 -38.37 -13.78 -24.33
CA GLU C 52 -38.05 -15.03 -24.99
C GLU C 52 -37.02 -14.86 -26.09
N LEU C 53 -36.83 -13.64 -26.54
CA LEU C 53 -35.90 -13.38 -27.61
C LEU C 53 -34.50 -13.92 -27.40
N GLY C 54 -33.92 -13.65 -26.22
CA GLY C 54 -32.56 -14.10 -25.96
C GLY C 54 -32.39 -15.44 -25.27
N ARG C 55 -33.43 -16.27 -25.26
CA ARG C 55 -33.34 -17.58 -24.62
C ARG C 55 -32.13 -18.35 -25.14
N ASN C 56 -31.39 -18.98 -24.23
CA ASN C 56 -30.21 -19.76 -24.56
C ASN C 56 -29.14 -18.98 -25.30
N LYS C 57 -29.13 -17.67 -25.08
CA LYS C 57 -28.14 -16.80 -25.68
C LYS C 57 -27.38 -16.24 -24.49
N THR C 58 -26.05 -16.31 -24.56
CA THR C 58 -25.21 -15.87 -23.46
C THR C 58 -24.43 -14.59 -23.67
N LEU C 59 -24.60 -13.65 -22.75
CA LEU C 59 -23.91 -12.37 -22.78
C LEU C 59 -22.74 -12.39 -21.82
N LEU C 60 -21.56 -11.98 -22.28
CA LEU C 60 -20.36 -11.92 -21.44
C LEU C 60 -19.99 -10.48 -21.20
N MET C 61 -20.08 -10.04 -19.95
CA MET C 61 -19.72 -8.66 -19.60
C MET C 61 -18.31 -8.65 -19.02
N ILE C 62 -17.41 -7.90 -19.64
CA ILE C 62 -16.02 -7.83 -19.19
C ILE C 62 -15.66 -6.44 -18.68
N PHE C 63 -15.14 -6.39 -17.45
CA PHE C 63 -14.76 -5.11 -16.85
C PHE C 63 -13.28 -4.98 -16.56
N PHE C 64 -12.70 -3.88 -17.05
CA PHE C 64 -11.30 -3.58 -16.79
C PHE C 64 -11.29 -2.45 -15.78
N ASN C 65 -12.45 -1.85 -15.55
CA ASN C 65 -12.56 -0.75 -14.59
C ASN C 65 -13.83 -0.87 -13.75
N SER C 66 -13.90 -0.06 -12.69
CA SER C 66 -15.04 -0.04 -11.80
C SER C 66 -16.35 0.30 -12.50
N SER C 67 -17.48 -0.02 -11.85
CA SER C 67 -18.81 0.23 -12.40
C SER C 67 -19.96 -0.20 -11.49
N LEU C 68 -20.92 0.68 -11.34
CA LEU C 68 -22.12 0.40 -10.55
C LEU C 68 -23.28 0.31 -11.54
N ARG C 69 -23.55 1.43 -12.20
CA ARG C 69 -24.65 1.50 -13.17
C ARG C 69 -24.53 0.54 -14.35
N THR C 70 -23.40 0.59 -15.06
CA THR C 70 -23.23 -0.28 -16.21
C THR C 70 -23.29 -1.74 -15.80
N ARG C 71 -22.60 -2.07 -14.71
CA ARG C 71 -22.56 -3.43 -14.20
C ARG C 71 -23.96 -3.97 -13.89
N LEU C 72 -24.74 -3.17 -13.18
CA LEU C 72 -26.10 -3.57 -12.81
C LEU C 72 -27.10 -3.45 -13.98
N SER C 73 -27.19 -2.26 -14.57
CA SER C 73 -28.12 -2.01 -15.65
C SER C 73 -28.01 -3.02 -16.80
N THR C 74 -26.77 -3.39 -17.15
CA THR C 74 -26.61 -4.33 -18.26
C THR C 74 -27.09 -5.74 -17.95
N GLN C 75 -26.93 -6.18 -16.71
CA GLN C 75 -27.38 -7.51 -16.34
C GLN C 75 -28.91 -7.54 -16.39
N LYS C 76 -29.53 -6.48 -15.87
CA LYS C 76 -30.98 -6.40 -15.87
C LYS C 76 -31.48 -6.43 -17.31
N ALA C 77 -30.84 -5.63 -18.18
CA ALA C 77 -31.21 -5.57 -19.59
C ALA C 77 -31.18 -6.96 -20.21
N ALA C 78 -30.08 -7.68 -19.99
CA ALA C 78 -29.94 -9.01 -20.54
C ALA C 78 -31.04 -9.95 -20.04
N LEU C 79 -31.41 -9.81 -18.77
CA LEU C 79 -32.44 -10.65 -18.18
C LEU C 79 -33.80 -10.32 -18.79
N ASN C 80 -34.02 -9.04 -19.09
CA ASN C 80 -35.27 -8.61 -19.70
C ASN C 80 -35.47 -9.36 -21.01
N LEU C 81 -34.37 -9.74 -21.64
CA LEU C 81 -34.43 -10.45 -22.90
C LEU C 81 -34.24 -11.96 -22.71
N GLY C 82 -34.41 -12.42 -21.48
CA GLY C 82 -34.25 -13.83 -21.17
C GLY C 82 -32.90 -14.45 -21.48
N MET C 83 -31.83 -13.65 -21.44
CA MET C 83 -30.48 -14.14 -21.72
C MET C 83 -29.76 -14.71 -20.53
N ASN C 84 -28.62 -15.34 -20.81
CA ASN C 84 -27.74 -15.89 -19.80
C ASN C 84 -26.72 -14.80 -19.60
N VAL C 85 -26.30 -14.56 -18.36
CA VAL C 85 -25.33 -13.50 -18.13
C VAL C 85 -24.14 -14.00 -17.36
N ILE C 86 -22.96 -13.61 -17.84
CA ILE C 86 -21.71 -13.99 -17.18
C ILE C 86 -20.89 -12.73 -17.01
N VAL C 87 -20.73 -12.27 -15.79
CA VAL C 87 -19.93 -11.07 -15.57
C VAL C 87 -18.52 -11.47 -15.20
N LEU C 88 -17.55 -10.94 -15.94
CA LEU C 88 -16.16 -11.28 -15.69
C LEU C 88 -15.35 -10.06 -15.31
N ASP C 89 -14.85 -10.04 -14.10
CA ASP C 89 -14.04 -8.95 -13.62
C ASP C 89 -12.61 -9.38 -13.82
N ILE C 90 -12.16 -9.29 -15.06
CA ILE C 90 -10.80 -9.65 -15.40
C ILE C 90 -9.93 -8.85 -14.42
N ASN C 91 -8.79 -9.42 -14.04
CA ASN C 91 -7.85 -8.77 -13.10
C ASN C 91 -8.09 -9.25 -11.70
N GLN C 92 -9.33 -9.60 -11.39
CA GLN C 92 -9.61 -10.11 -10.07
C GLN C 92 -9.62 -11.64 -10.10
N GLY C 93 -10.52 -12.21 -10.90
CA GLY C 93 -10.62 -13.66 -10.99
C GLY C 93 -9.75 -14.31 -12.04
N ALA C 94 -9.38 -13.57 -13.08
CA ALA C 94 -8.57 -14.13 -14.15
C ALA C 94 -7.09 -13.73 -14.04
N TRP C 95 -6.40 -13.74 -15.18
CA TRP C 95 -4.98 -13.38 -15.22
C TRP C 95 -4.76 -12.01 -15.87
N LYS C 96 -3.93 -11.18 -15.25
CA LYS C 96 -3.62 -9.85 -15.79
C LYS C 96 -3.10 -10.07 -17.19
N LEU C 97 -3.61 -9.28 -18.13
CA LEU C 97 -3.21 -9.42 -19.52
C LEU C 97 -2.03 -8.57 -19.97
N GLU C 98 -1.30 -9.09 -20.94
CA GLU C 98 -0.18 -8.35 -21.52
C GLU C 98 -0.79 -7.80 -22.79
N THR C 99 -0.89 -6.48 -22.85
CA THR C 99 -1.50 -5.80 -23.97
C THR C 99 -0.60 -5.62 -25.20
N GLU C 100 0.68 -5.35 -24.97
CA GLU C 100 1.62 -5.12 -26.07
C GLU C 100 2.03 -6.39 -26.81
N ARG C 101 2.14 -6.30 -28.13
CA ARG C 101 2.54 -7.48 -28.91
C ARG C 101 4.03 -7.56 -29.18
N GLY C 102 4.53 -8.79 -29.30
CA GLY C 102 5.94 -9.02 -29.57
C GLY C 102 6.88 -8.80 -28.40
N VAL C 103 6.35 -8.86 -27.19
CA VAL C 103 7.15 -8.68 -26.00
C VAL C 103 7.49 -10.05 -25.45
N ILE C 104 8.54 -10.15 -24.63
CA ILE C 104 8.87 -11.43 -24.04
C ILE C 104 8.16 -11.42 -22.70
N MET C 105 7.14 -12.28 -22.58
CA MET C 105 6.35 -12.34 -21.36
C MET C 105 7.09 -13.04 -20.23
N ASP C 106 8.21 -12.47 -19.85
CA ASP C 106 9.03 -13.03 -18.79
C ASP C 106 8.90 -12.16 -17.55
N GLY C 107 7.68 -11.79 -17.24
CA GLY C 107 7.50 -10.96 -16.06
C GLY C 107 6.14 -11.07 -15.41
N ASP C 108 5.63 -9.89 -15.07
CA ASP C 108 4.36 -9.68 -14.41
C ASP C 108 3.13 -10.45 -14.94
N LYS C 109 2.89 -10.38 -16.25
CA LYS C 109 1.74 -11.01 -16.88
C LYS C 109 1.84 -12.50 -17.23
N GLU C 110 0.71 -13.20 -17.10
CA GLU C 110 0.62 -14.62 -17.39
C GLU C 110 -0.06 -14.91 -18.72
N GLU C 111 -0.94 -14.03 -19.14
CA GLU C 111 -1.67 -14.22 -20.39
C GLU C 111 -1.62 -12.99 -21.30
N HIS C 112 -1.64 -13.23 -22.61
CA HIS C 112 -1.62 -12.11 -23.54
C HIS C 112 -3.01 -11.83 -24.07
N LEU C 113 -3.32 -10.56 -24.26
CA LEU C 113 -4.62 -10.14 -24.77
C LEU C 113 -4.97 -10.87 -26.06
N LEU C 114 -3.94 -11.20 -26.84
CA LEU C 114 -4.14 -11.88 -28.10
C LEU C 114 -4.79 -13.25 -27.99
N GLU C 115 -4.57 -13.94 -26.88
CA GLU C 115 -5.20 -15.25 -26.69
C GLU C 115 -6.51 -15.01 -25.96
N ALA C 116 -6.44 -14.17 -24.92
CA ALA C 116 -7.60 -13.86 -24.09
C ALA C 116 -8.87 -13.52 -24.85
N ILE C 117 -8.81 -12.52 -25.74
CA ILE C 117 -9.99 -12.12 -26.49
C ILE C 117 -10.66 -13.27 -27.23
N PRO C 118 -9.90 -13.98 -28.07
CA PRO C 118 -10.47 -15.11 -28.83
C PRO C 118 -11.08 -16.15 -27.90
N VAL C 119 -10.35 -16.48 -26.85
CA VAL C 119 -10.80 -17.46 -25.87
C VAL C 119 -12.15 -17.05 -25.29
N MET C 120 -12.26 -15.82 -24.81
CA MET C 120 -13.50 -15.35 -24.22
C MET C 120 -14.66 -15.47 -25.21
N GLY C 121 -14.39 -15.17 -26.48
CA GLY C 121 -15.42 -15.26 -27.49
C GLY C 121 -15.96 -16.66 -27.66
N CYS C 122 -15.16 -17.64 -27.26
CA CYS C 122 -15.58 -19.05 -27.37
C CYS C 122 -16.78 -19.44 -26.55
N TYR C 123 -17.02 -18.75 -25.44
CA TYR C 123 -18.12 -19.13 -24.56
C TYR C 123 -19.35 -18.25 -24.47
N CYS C 124 -19.52 -17.30 -25.39
CA CYS C 124 -20.69 -16.44 -25.36
C CYS C 124 -21.19 -16.11 -26.77
N ASP C 125 -22.29 -15.36 -26.83
CA ASP C 125 -22.87 -14.95 -28.11
C ASP C 125 -22.66 -13.47 -28.34
N ILE C 126 -22.62 -12.71 -27.25
CA ILE C 126 -22.41 -11.27 -27.32
C ILE C 126 -21.45 -10.86 -26.22
N ILE C 127 -20.62 -9.86 -26.50
CA ILE C 127 -19.66 -9.37 -25.52
C ILE C 127 -19.78 -7.88 -25.22
N GLY C 128 -19.68 -7.55 -23.93
CA GLY C 128 -19.76 -6.17 -23.49
C GLY C 128 -18.42 -5.89 -22.85
N VAL C 129 -17.77 -4.80 -23.25
CA VAL C 129 -16.47 -4.48 -22.69
C VAL C 129 -16.37 -3.06 -22.17
N ARG C 130 -15.79 -2.90 -21.00
CA ARG C 130 -15.58 -1.57 -20.45
C ARG C 130 -14.08 -1.44 -20.31
N SER C 131 -13.51 -0.42 -20.95
CA SER C 131 -12.09 -0.20 -20.90
C SER C 131 -11.79 1.28 -20.98
N PHE C 132 -11.63 1.90 -19.82
CA PHE C 132 -11.33 3.32 -19.74
C PHE C 132 -10.06 3.68 -20.48
N ALA C 133 -9.97 4.93 -20.92
CA ALA C 133 -8.80 5.44 -21.61
C ALA C 133 -7.67 5.33 -20.60
N ARG C 134 -6.48 4.93 -21.03
CA ARG C 134 -5.36 4.78 -20.11
C ARG C 134 -4.55 6.07 -19.92
N PHE C 135 -4.77 7.06 -20.80
CA PHE C 135 -4.06 8.33 -20.72
C PHE C 135 -2.54 8.19 -20.79
N GLU C 136 -2.07 7.13 -21.44
CA GLU C 136 -0.62 6.91 -21.55
C GLU C 136 -0.15 7.43 -22.91
N ASN C 137 -1.00 7.25 -23.92
CA ASN C 137 -0.69 7.68 -25.27
C ASN C 137 -2.01 8.04 -25.96
N ARG C 138 -2.17 9.31 -26.31
CA ARG C 138 -3.41 9.75 -26.95
C ARG C 138 -3.82 8.92 -28.14
N GLU C 139 -2.87 8.60 -29.01
CA GLU C 139 -3.18 7.81 -30.19
C GLU C 139 -3.75 6.45 -29.82
N TYR C 140 -3.09 5.76 -28.90
CA TYR C 140 -3.53 4.46 -28.45
C TYR C 140 -4.97 4.54 -27.96
N ASP C 141 -5.23 5.55 -27.12
CA ASP C 141 -6.57 5.74 -26.59
C ASP C 141 -7.57 6.07 -27.68
N TYR C 142 -7.31 7.14 -28.42
CA TYR C 142 -8.24 7.56 -29.46
C TYR C 142 -8.40 6.64 -30.65
N ASN C 143 -7.43 5.75 -30.88
CA ASN C 143 -7.56 4.79 -31.96
C ASN C 143 -8.39 3.62 -31.42
N GLU C 144 -8.71 3.71 -30.12
CA GLU C 144 -9.51 2.71 -29.45
C GLU C 144 -8.99 1.31 -29.75
N VAL C 145 -7.70 1.13 -29.55
CA VAL C 145 -7.03 -0.13 -29.81
C VAL C 145 -7.66 -1.35 -29.14
N ILE C 146 -7.86 -1.28 -27.83
CA ILE C 146 -8.44 -2.40 -27.10
C ILE C 146 -9.84 -2.78 -27.55
N ILE C 147 -10.79 -1.87 -27.41
CA ILE C 147 -12.16 -2.13 -27.82
C ILE C 147 -12.22 -2.69 -29.25
N ASN C 148 -11.31 -2.21 -30.11
CA ASN C 148 -11.28 -2.68 -31.49
C ASN C 148 -10.76 -4.10 -31.64
N GLN C 149 -9.84 -4.49 -30.76
CA GLN C 149 -9.31 -5.84 -30.83
C GLN C 149 -10.36 -6.84 -30.44
N PHE C 150 -11.29 -6.44 -29.56
CA PHE C 150 -12.37 -7.34 -29.17
C PHE C 150 -13.25 -7.51 -30.40
N ILE C 151 -13.48 -6.41 -31.09
CA ILE C 151 -14.29 -6.43 -32.30
C ILE C 151 -13.60 -7.29 -33.35
N GLN C 152 -12.27 -7.15 -33.46
CA GLN C 152 -11.50 -7.90 -34.44
C GLN C 152 -11.32 -9.37 -34.15
N HIS C 153 -10.99 -9.72 -32.92
CA HIS C 153 -10.71 -11.12 -32.59
C HIS C 153 -11.63 -11.89 -31.66
N SER C 154 -12.63 -11.26 -31.08
CA SER C 154 -13.52 -11.98 -30.17
C SER C 154 -14.37 -12.97 -30.97
N GLY C 155 -14.68 -12.61 -32.20
CA GLY C 155 -15.51 -13.48 -33.01
C GLY C 155 -16.96 -13.34 -32.62
N ARG C 156 -17.29 -12.25 -31.91
CA ARG C 156 -18.66 -12.00 -31.47
C ARG C 156 -19.04 -10.54 -31.58
N PRO C 157 -20.35 -10.24 -31.54
CA PRO C 157 -20.77 -8.85 -31.63
C PRO C 157 -20.27 -8.20 -30.35
N VAL C 158 -19.69 -7.00 -30.45
CA VAL C 158 -19.18 -6.33 -29.27
C VAL C 158 -19.87 -5.01 -29.03
N PHE C 159 -20.22 -4.72 -27.78
CA PHE C 159 -20.81 -3.42 -27.48
C PHE C 159 -19.99 -2.77 -26.39
N SER C 160 -19.87 -1.45 -26.47
CA SER C 160 -19.09 -0.69 -25.51
C SER C 160 -19.78 -0.37 -24.19
N MET C 161 -19.09 -0.66 -23.09
CA MET C 161 -19.62 -0.36 -21.76
C MET C 161 -18.83 0.84 -21.28
N GLU C 162 -18.28 1.54 -22.27
CA GLU C 162 -17.44 2.74 -22.17
C GLU C 162 -16.04 2.36 -22.59
N ALA C 163 -15.61 2.93 -23.71
CA ALA C 163 -14.28 2.68 -24.25
C ALA C 163 -13.43 3.87 -23.88
N ALA C 164 -12.36 4.08 -24.61
CA ALA C 164 -11.47 5.18 -24.30
C ALA C 164 -12.03 6.54 -24.70
N THR C 165 -12.84 6.57 -25.76
CA THR C 165 -13.37 7.85 -26.24
C THR C 165 -14.88 8.01 -26.38
N ARG C 166 -15.65 6.96 -26.14
CA ARG C 166 -17.10 7.03 -26.23
C ARG C 166 -17.77 6.22 -25.13
N HIS C 167 -19.08 6.35 -25.02
CA HIS C 167 -19.87 5.62 -24.03
C HIS C 167 -21.29 5.67 -24.53
N PRO C 168 -21.54 5.10 -25.72
CA PRO C 168 -22.86 5.07 -26.36
C PRO C 168 -24.01 4.63 -25.48
N LEU C 169 -23.84 3.54 -24.71
CA LEU C 169 -24.91 3.07 -23.84
C LEU C 169 -25.41 4.20 -22.94
N GLN C 170 -24.49 5.02 -22.46
CA GLN C 170 -24.84 6.15 -21.60
C GLN C 170 -25.57 7.24 -22.37
N SER C 171 -24.95 7.73 -23.44
CA SER C 171 -25.52 8.78 -24.25
C SER C 171 -26.93 8.42 -24.72
N PHE C 172 -27.09 7.20 -25.22
CA PHE C 172 -28.37 6.71 -25.69
C PHE C 172 -29.42 6.89 -24.58
N ALA C 173 -29.03 6.57 -23.35
CA ALA C 173 -29.95 6.71 -22.22
C ALA C 173 -30.22 8.19 -21.98
N ASP C 174 -29.16 9.00 -22.04
CA ASP C 174 -29.31 10.44 -21.86
C ASP C 174 -30.35 10.97 -22.86
N LEU C 175 -30.25 10.48 -24.10
CA LEU C 175 -31.16 10.88 -25.16
C LEU C 175 -32.57 10.52 -24.75
N ILE C 176 -32.74 9.26 -24.38
CA ILE C 176 -34.04 8.78 -23.98
C ILE C 176 -34.62 9.64 -22.85
N THR C 177 -33.81 9.98 -21.85
CA THR C 177 -34.38 10.77 -20.77
C THR C 177 -34.72 12.19 -21.15
N ILE C 178 -33.95 12.79 -22.07
CA ILE C 178 -34.24 14.16 -22.49
C ILE C 178 -35.55 14.21 -23.25
N GLU C 179 -35.73 13.25 -24.16
CA GLU C 179 -36.98 13.15 -24.90
C GLU C 179 -38.11 12.95 -23.91
N GLU C 180 -37.87 12.06 -22.96
CA GLU C 180 -38.83 11.74 -21.93
C GLU C 180 -39.27 12.94 -21.10
N TYR C 181 -38.36 13.87 -20.83
CA TYR C 181 -38.68 15.04 -20.01
C TYR C 181 -38.81 16.39 -20.70
N LYS C 182 -38.31 16.51 -21.93
CA LYS C 182 -38.38 17.80 -22.61
C LYS C 182 -39.76 18.43 -22.68
N LYS C 183 -39.79 19.74 -22.55
CA LYS C 183 -41.02 20.52 -22.61
C LYS C 183 -41.33 21.08 -24.00
N THR C 184 -40.35 21.03 -24.90
CA THR C 184 -40.54 21.50 -26.28
C THR C 184 -39.82 20.57 -27.22
N ALA C 185 -40.11 20.70 -28.51
CA ALA C 185 -39.52 19.85 -29.52
C ALA C 185 -37.99 19.91 -29.58
N ARG C 186 -37.44 21.11 -29.53
CA ARG C 186 -35.99 21.25 -29.63
C ARG C 186 -35.40 22.08 -28.51
N PRO C 187 -35.28 21.50 -27.31
CA PRO C 187 -34.73 22.18 -26.12
C PRO C 187 -33.27 22.61 -26.27
N LYS C 188 -32.85 23.50 -25.39
CA LYS C 188 -31.48 23.96 -25.37
C LYS C 188 -30.78 23.07 -24.36
N VAL C 189 -29.87 22.24 -24.84
CA VAL C 189 -29.13 21.32 -23.98
C VAL C 189 -27.69 21.80 -23.85
N VAL C 190 -27.29 22.12 -22.63
CA VAL C 190 -25.95 22.61 -22.39
C VAL C 190 -25.07 21.64 -21.63
N MET C 191 -23.94 21.24 -22.21
CA MET C 191 -23.00 20.35 -21.53
C MET C 191 -21.95 21.25 -20.86
N THR C 192 -21.77 21.08 -19.56
CA THR C 192 -20.81 21.91 -18.86
C THR C 192 -19.75 21.13 -18.12
N TRP C 193 -18.51 21.60 -18.21
CA TRP C 193 -17.38 20.99 -17.53
C TRP C 193 -17.59 21.35 -16.06
N ALA C 194 -16.90 20.64 -15.18
CA ALA C 194 -16.94 20.89 -13.75
C ALA C 194 -15.62 20.35 -13.18
N PRO C 195 -15.17 20.89 -12.05
CA PRO C 195 -13.91 20.46 -11.43
C PRO C 195 -13.92 19.08 -10.80
N HIS C 196 -12.81 18.37 -10.93
CA HIS C 196 -12.64 17.03 -10.35
C HIS C 196 -11.18 16.86 -9.92
N PRO C 197 -10.94 16.21 -8.78
CA PRO C 197 -9.57 16.02 -8.28
C PRO C 197 -8.70 15.03 -9.06
N ARG C 198 -9.30 14.23 -9.92
CA ARG C 198 -8.54 13.26 -10.70
C ARG C 198 -8.78 13.47 -12.18
N PRO C 199 -7.83 13.08 -13.02
CA PRO C 199 -8.00 13.24 -14.46
C PRO C 199 -8.93 12.18 -15.01
N LEU C 200 -10.08 12.61 -15.52
CA LEU C 200 -11.06 11.68 -16.06
C LEU C 200 -11.07 11.65 -17.61
N PRO C 201 -11.47 10.52 -18.19
CA PRO C 201 -11.52 10.36 -19.65
C PRO C 201 -12.49 11.39 -20.25
N GLN C 202 -12.41 11.64 -21.55
CA GLN C 202 -13.34 12.56 -22.18
C GLN C 202 -14.40 11.72 -22.92
N ALA C 203 -14.45 10.42 -22.59
CA ALA C 203 -15.36 9.49 -23.22
C ALA C 203 -16.84 9.89 -23.10
N VAL C 204 -17.26 10.28 -21.90
CA VAL C 204 -18.65 10.67 -21.70
C VAL C 204 -18.96 11.94 -22.47
N PRO C 205 -18.13 12.99 -22.32
CA PRO C 205 -18.35 14.26 -23.02
C PRO C 205 -18.35 14.03 -24.53
N ASN C 206 -17.35 13.32 -25.01
CA ASN C 206 -17.26 13.04 -26.45
C ASN C 206 -18.57 12.41 -26.91
N SER C 207 -18.95 11.34 -26.22
CA SER C 207 -20.15 10.58 -26.56
C SER C 207 -21.41 11.44 -26.51
N PHE C 208 -21.55 12.23 -25.45
CA PHE C 208 -22.73 13.10 -25.32
C PHE C 208 -22.85 14.04 -26.51
N ALA C 209 -21.76 14.74 -26.81
CA ALA C 209 -21.74 15.66 -27.95
C ALA C 209 -22.12 14.91 -29.21
N GLU C 210 -21.42 13.81 -29.46
CA GLU C 210 -21.69 13.01 -30.63
C GLU C 210 -23.19 12.75 -30.80
N TRP C 211 -23.85 12.39 -29.71
CA TRP C 211 -25.28 12.09 -29.80
C TRP C 211 -26.13 13.35 -29.89
N MET C 212 -25.82 14.37 -29.10
CA MET C 212 -26.59 15.61 -29.19
C MET C 212 -26.49 16.18 -30.60
N ASN C 213 -25.28 16.21 -31.16
CA ASN C 213 -25.09 16.70 -32.52
C ASN C 213 -25.96 15.94 -33.52
N ALA C 214 -26.36 14.73 -33.17
CA ALA C 214 -27.18 13.94 -34.06
C ALA C 214 -28.65 14.28 -33.93
N THR C 215 -28.97 15.17 -32.98
CA THR C 215 -30.36 15.58 -32.79
C THR C 215 -30.54 16.98 -33.32
N ASP C 216 -31.78 17.45 -33.26
CA ASP C 216 -32.13 18.77 -33.71
C ASP C 216 -32.26 19.71 -32.52
N TYR C 217 -31.62 19.34 -31.41
CA TYR C 217 -31.65 20.16 -30.20
C TYR C 217 -30.68 21.32 -30.38
N GLU C 218 -30.83 22.34 -29.54
CA GLU C 218 -29.92 23.47 -29.57
C GLU C 218 -28.83 23.04 -28.60
N PHE C 219 -27.70 22.58 -29.13
CA PHE C 219 -26.62 22.09 -28.30
C PHE C 219 -25.46 23.07 -28.09
N VAL C 220 -25.08 23.25 -26.83
CA VAL C 220 -24.00 24.15 -26.47
C VAL C 220 -23.04 23.46 -25.50
N ILE C 221 -21.74 23.64 -25.72
CA ILE C 221 -20.71 23.06 -24.86
C ILE C 221 -19.97 24.18 -24.15
N THR C 222 -19.87 24.12 -22.84
CA THR C 222 -19.18 25.18 -22.11
C THR C 222 -18.10 24.60 -21.18
N HIS C 223 -16.86 25.03 -21.34
CA HIS C 223 -15.75 24.55 -20.53
C HIS C 223 -14.67 25.61 -20.40
N PRO C 224 -13.74 25.43 -19.46
CA PRO C 224 -12.66 26.41 -19.29
C PRO C 224 -11.70 26.38 -20.46
N GLU C 225 -10.89 27.43 -20.56
CA GLU C 225 -9.91 27.52 -21.62
C GLU C 225 -8.97 26.33 -21.50
N GLY C 226 -8.61 25.73 -22.64
CA GLY C 226 -7.68 24.61 -22.60
C GLY C 226 -8.34 23.25 -22.60
N TYR C 227 -9.63 23.23 -22.25
CA TYR C 227 -10.33 21.96 -22.20
C TYR C 227 -11.12 21.59 -23.44
N GLU C 228 -10.76 22.12 -24.59
CA GLU C 228 -11.54 21.77 -25.79
C GLU C 228 -11.40 20.31 -26.14
N LEU C 229 -12.52 19.71 -26.53
CA LEU C 229 -12.57 18.31 -26.89
C LEU C 229 -12.16 18.10 -28.33
N ASP C 230 -11.90 16.85 -28.69
CA ASP C 230 -11.52 16.56 -30.07
C ASP C 230 -12.59 17.10 -31.00
N PRO C 231 -12.18 17.83 -32.04
CA PRO C 231 -13.08 18.42 -33.03
C PRO C 231 -14.11 17.46 -33.62
N LYS C 232 -13.66 16.25 -33.97
CA LYS C 232 -14.56 15.28 -34.57
C LYS C 232 -15.77 15.01 -33.70
N PHE C 233 -15.65 15.27 -32.40
CA PHE C 233 -16.77 15.05 -31.49
C PHE C 233 -17.54 16.34 -31.30
N VAL C 234 -16.81 17.43 -31.10
CA VAL C 234 -17.44 18.73 -30.91
C VAL C 234 -18.38 19.01 -32.07
N GLY C 235 -17.97 18.58 -33.26
CA GLY C 235 -18.78 18.81 -34.44
C GLY C 235 -18.94 20.30 -34.60
N ASN C 236 -20.16 20.73 -34.87
CA ASN C 236 -20.40 22.16 -35.02
C ASN C 236 -21.29 22.67 -33.89
N ALA C 237 -21.05 22.17 -32.69
CA ALA C 237 -21.81 22.61 -31.55
C ALA C 237 -21.19 23.92 -31.08
N ARG C 238 -22.02 24.82 -30.55
CA ARG C 238 -21.53 26.11 -30.08
C ARG C 238 -20.69 25.89 -28.84
N VAL C 239 -19.51 26.50 -28.80
CA VAL C 239 -18.64 26.35 -27.64
C VAL C 239 -18.55 27.68 -26.94
N GLU C 240 -19.10 27.76 -25.73
CA GLU C 240 -19.08 29.00 -24.95
C GLU C 240 -18.12 28.88 -23.77
N TYR C 241 -17.14 29.77 -23.70
CA TYR C 241 -16.17 29.74 -22.61
C TYR C 241 -16.68 30.41 -21.36
N ASP C 242 -17.80 31.08 -21.49
CA ASP C 242 -18.42 31.74 -20.34
C ASP C 242 -19.53 30.81 -19.87
N GLN C 243 -19.35 30.17 -18.73
CA GLN C 243 -20.37 29.25 -18.24
C GLN C 243 -21.72 29.93 -18.07
N MET C 244 -21.76 31.03 -17.32
CA MET C 244 -23.01 31.74 -17.11
C MET C 244 -23.74 32.07 -18.40
N LYS C 245 -23.00 32.36 -19.45
CA LYS C 245 -23.63 32.68 -20.72
C LYS C 245 -24.30 31.46 -21.32
N ALA C 246 -23.56 30.36 -21.36
CA ALA C 246 -24.07 29.12 -21.93
C ALA C 246 -25.34 28.70 -21.22
N PHE C 247 -25.34 28.83 -19.90
CA PHE C 247 -26.48 28.44 -19.07
C PHE C 247 -27.77 29.22 -19.32
N GLU C 248 -27.65 30.46 -19.75
CA GLU C 248 -28.82 31.30 -20.00
C GLU C 248 -29.92 30.60 -20.79
N GLY C 249 -31.07 30.48 -20.15
CA GLY C 249 -32.24 29.87 -20.76
C GLY C 249 -32.12 28.42 -21.22
N ALA C 250 -31.22 27.67 -20.60
CA ALA C 250 -31.05 26.28 -20.97
C ALA C 250 -32.22 25.47 -20.45
N ASP C 251 -32.53 24.36 -21.12
CA ASP C 251 -33.63 23.51 -20.71
C ASP C 251 -33.07 22.27 -20.02
N PHE C 252 -31.82 21.96 -20.31
CA PHE C 252 -31.15 20.81 -19.73
C PHE C 252 -29.69 21.13 -19.50
N ILE C 253 -29.20 20.75 -18.32
CA ILE C 253 -27.79 20.95 -17.98
C ILE C 253 -27.18 19.59 -17.77
N TYR C 254 -26.20 19.25 -18.61
CA TYR C 254 -25.51 17.96 -18.52
C TYR C 254 -24.09 18.26 -18.06
N ALA C 255 -23.82 18.07 -16.78
CA ALA C 255 -22.49 18.35 -16.25
C ALA C 255 -21.64 17.09 -16.25
N LYS C 256 -20.34 17.28 -16.45
CA LYS C 256 -19.39 16.17 -16.46
C LYS C 256 -17.96 16.69 -16.54
N ASN C 257 -17.07 16.14 -15.72
CA ASN C 257 -15.69 16.60 -15.79
C ASN C 257 -14.90 15.73 -16.74
N TRP C 258 -13.81 16.28 -17.25
CA TRP C 258 -12.93 15.54 -18.14
C TRP C 258 -11.57 16.23 -18.14
N ALA C 259 -10.51 15.42 -18.26
CA ALA C 259 -9.17 15.96 -18.26
C ALA C 259 -8.89 16.59 -19.62
N ALA C 260 -7.87 17.45 -19.68
CA ALA C 260 -7.49 18.12 -20.93
C ALA C 260 -7.28 17.11 -22.05
N TYR C 261 -7.35 17.59 -23.29
CA TYR C 261 -7.17 16.73 -24.45
C TYR C 261 -6.14 17.24 -25.45
N LEU C 262 -6.10 18.55 -25.64
CA LEU C 262 -5.18 19.19 -26.57
C LEU C 262 -3.69 19.07 -26.30
N GLY C 263 -2.94 18.93 -27.39
CA GLY C 263 -1.49 18.83 -27.34
C GLY C 263 -0.78 18.30 -26.11
N ASP C 264 0.06 19.14 -25.51
CA ASP C 264 0.84 18.77 -24.34
C ASP C 264 0.11 18.45 -23.05
N ASN C 265 -1.20 18.63 -22.99
CA ASN C 265 -1.91 18.35 -21.76
C ASN C 265 -2.82 17.13 -21.77
N TYR C 266 -2.69 16.31 -22.81
CA TYR C 266 -3.54 15.13 -22.88
C TYR C 266 -3.58 14.41 -21.54
N GLY C 267 -4.80 14.14 -21.06
CA GLY C 267 -4.98 13.44 -19.81
C GLY C 267 -4.57 14.20 -18.56
N GLN C 268 -4.56 15.52 -18.62
CA GLN C 268 -4.16 16.28 -17.46
C GLN C 268 -5.14 17.28 -16.88
N ILE C 269 -4.99 17.52 -15.58
CA ILE C 269 -5.86 18.46 -14.90
C ILE C 269 -5.28 19.84 -15.04
N LEU C 270 -5.96 20.69 -15.82
CA LEU C 270 -5.51 22.06 -16.03
C LEU C 270 -6.10 22.97 -14.96
N SER C 271 -7.26 22.57 -14.43
CA SER C 271 -7.93 23.36 -13.40
C SER C 271 -8.85 22.58 -12.48
N THR C 272 -9.12 23.16 -11.33
CA THR C 272 -10.03 22.59 -10.35
C THR C 272 -10.83 23.78 -9.84
N ASP C 273 -11.08 24.71 -10.74
CA ASP C 273 -11.82 25.93 -10.45
C ASP C 273 -13.23 25.62 -9.95
N ARG C 274 -13.41 25.72 -8.64
CA ARG C 274 -14.69 25.41 -8.03
C ARG C 274 -15.80 26.39 -8.42
N ASN C 275 -15.48 27.36 -9.26
CA ASN C 275 -16.50 28.32 -9.71
C ASN C 275 -17.38 27.67 -10.76
N TRP C 276 -16.88 26.61 -11.37
CA TRP C 276 -17.64 25.90 -12.37
C TRP C 276 -18.55 24.88 -11.73
N THR C 277 -18.41 24.65 -10.43
CA THR C 277 -19.27 23.70 -9.77
C THR C 277 -20.70 24.16 -10.00
N VAL C 278 -21.49 23.32 -10.66
CA VAL C 278 -22.87 23.68 -10.94
C VAL C 278 -23.64 23.87 -9.67
N GLY C 279 -23.85 25.13 -9.29
CA GLY C 279 -24.60 25.44 -8.10
C GLY C 279 -25.86 26.20 -8.46
N ASP C 280 -26.54 26.73 -7.45
CA ASP C 280 -27.77 27.46 -7.73
C ASP C 280 -27.49 28.71 -8.56
N ARG C 281 -26.35 29.34 -8.30
CA ARG C 281 -25.98 30.54 -9.02
C ARG C 281 -26.17 30.39 -10.52
N GLN C 282 -25.71 29.29 -11.09
CA GLN C 282 -25.83 29.06 -12.52
C GLN C 282 -27.21 28.58 -12.94
N MET C 283 -27.79 27.67 -12.16
CA MET C 283 -29.11 27.13 -12.52
C MET C 283 -30.13 28.25 -12.64
N ALA C 284 -30.02 29.24 -11.76
CA ALA C 284 -30.92 30.39 -11.76
C ALA C 284 -31.07 31.04 -13.14
N VAL C 285 -29.97 31.16 -13.84
CA VAL C 285 -29.97 31.78 -15.16
C VAL C 285 -30.57 30.89 -16.24
N THR C 286 -30.84 29.64 -15.91
CA THR C 286 -31.41 28.74 -16.91
C THR C 286 -32.91 28.89 -16.93
N ASN C 287 -33.54 28.24 -17.90
CA ASN C 287 -34.98 28.27 -18.06
C ASN C 287 -35.56 27.17 -17.17
N ASN C 288 -35.20 27.21 -15.90
CA ASN C 288 -35.65 26.22 -14.92
C ASN C 288 -35.31 24.85 -15.50
N ALA C 289 -34.10 24.75 -16.04
CA ALA C 289 -33.63 23.53 -16.67
C ALA C 289 -33.49 22.35 -15.71
N TYR C 290 -33.54 21.16 -16.28
CA TYR C 290 -33.38 19.94 -15.50
C TYR C 290 -31.88 19.75 -15.35
N PHE C 291 -31.47 18.99 -14.33
CA PHE C 291 -30.06 18.72 -14.14
C PHE C 291 -29.79 17.26 -14.42
N MET C 292 -28.77 16.99 -15.22
CA MET C 292 -28.40 15.63 -15.57
C MET C 292 -26.93 15.34 -15.32
N HIS C 293 -26.62 14.06 -15.10
CA HIS C 293 -25.26 13.59 -14.87
C HIS C 293 -25.30 12.08 -14.97
N CYS C 294 -24.30 11.51 -15.62
CA CYS C 294 -24.24 10.07 -15.81
C CYS C 294 -23.94 9.29 -14.53
N LEU C 295 -23.39 9.97 -13.53
CA LEU C 295 -23.00 9.33 -12.26
C LEU C 295 -21.83 8.37 -12.53
N PRO C 296 -20.95 8.17 -11.55
CA PRO C 296 -20.89 8.73 -10.19
C PRO C 296 -20.70 10.24 -10.21
N VAL C 297 -21.11 10.91 -9.14
CA VAL C 297 -20.97 12.36 -9.05
C VAL C 297 -20.40 12.74 -7.71
N ARG C 298 -19.40 13.60 -7.71
CA ARG C 298 -18.81 14.04 -6.46
C ARG C 298 -19.60 15.29 -6.06
N ARG C 299 -20.37 15.18 -4.97
CA ARG C 299 -21.16 16.30 -4.51
C ARG C 299 -20.30 17.48 -4.07
N ASN C 300 -20.76 18.68 -4.41
CA ASN C 300 -20.07 19.91 -4.07
C ASN C 300 -18.71 20.02 -4.74
N MET C 301 -18.64 19.44 -5.93
CA MET C 301 -17.45 19.45 -6.77
C MET C 301 -17.99 19.67 -8.18
N ILE C 302 -18.81 18.70 -8.61
CA ILE C 302 -19.43 18.76 -9.92
C ILE C 302 -20.72 19.57 -9.77
N VAL C 303 -21.51 19.24 -8.75
CA VAL C 303 -22.77 19.91 -8.52
C VAL C 303 -23.10 20.05 -7.03
N THR C 304 -23.81 21.12 -6.68
CA THR C 304 -24.22 21.41 -5.30
C THR C 304 -25.20 20.38 -4.78
N ASP C 305 -25.15 20.13 -3.47
CA ASP C 305 -26.07 19.21 -2.84
C ASP C 305 -27.50 19.63 -3.21
N ASP C 306 -27.79 20.91 -2.99
CA ASP C 306 -29.10 21.48 -3.27
C ASP C 306 -29.57 21.30 -4.71
N VAL C 307 -28.67 21.51 -5.67
CA VAL C 307 -29.05 21.36 -7.06
C VAL C 307 -29.41 19.92 -7.36
N ILE C 308 -28.54 18.99 -6.99
CA ILE C 308 -28.78 17.60 -7.27
C ILE C 308 -29.98 17.06 -6.50
N GLU C 309 -30.27 17.66 -5.36
CA GLU C 309 -31.41 17.20 -4.57
C GLU C 309 -32.68 17.93 -4.95
N SER C 310 -32.54 18.99 -5.72
CA SER C 310 -33.70 19.77 -6.15
C SER C 310 -34.58 18.90 -7.05
N PRO C 311 -35.85 19.28 -7.19
CA PRO C 311 -36.74 18.50 -8.05
C PRO C 311 -36.37 18.59 -9.54
N GLN C 312 -35.56 19.57 -9.92
CA GLN C 312 -35.15 19.68 -11.33
C GLN C 312 -34.12 18.63 -11.70
N SER C 313 -33.57 17.96 -10.68
CA SER C 313 -32.57 16.94 -10.90
C SER C 313 -33.23 15.63 -11.34
N ILE C 314 -32.90 15.16 -12.53
CA ILE C 314 -33.48 13.91 -13.03
C ILE C 314 -32.38 12.86 -13.12
N VAL C 315 -31.35 13.05 -12.29
CA VAL C 315 -30.21 12.15 -12.22
C VAL C 315 -30.59 10.67 -12.12
N ILE C 316 -31.57 10.37 -11.25
CA ILE C 316 -32.00 8.97 -11.10
C ILE C 316 -32.80 8.45 -12.32
N PRO C 317 -33.82 9.20 -12.75
CA PRO C 317 -34.62 8.77 -13.90
C PRO C 317 -33.69 8.51 -15.08
N GLU C 318 -32.62 9.30 -15.12
CA GLU C 318 -31.60 9.19 -16.17
C GLU C 318 -30.96 7.81 -16.00
N ALA C 319 -30.32 7.60 -14.84
CA ALA C 319 -29.66 6.34 -14.52
C ALA C 319 -30.59 5.18 -14.84
N ALA C 320 -31.86 5.33 -14.46
CA ALA C 320 -32.84 4.30 -14.72
C ALA C 320 -32.91 3.90 -16.19
N ASN C 321 -32.85 4.90 -17.07
CA ASN C 321 -32.92 4.64 -18.49
C ASN C 321 -31.76 3.82 -19.03
N ARG C 322 -30.71 3.69 -18.24
CA ARG C 322 -29.58 2.88 -18.69
C ARG C 322 -30.05 1.46 -18.96
N GLU C 323 -31.06 1.01 -18.22
CA GLU C 323 -31.61 -0.33 -18.40
C GLU C 323 -32.27 -0.43 -19.77
N ILE C 324 -32.95 0.65 -20.16
CA ILE C 324 -33.64 0.74 -21.43
C ILE C 324 -32.67 0.74 -22.59
N SER C 325 -31.76 1.70 -22.60
CA SER C 325 -30.77 1.80 -23.69
C SER C 325 -30.11 0.44 -23.89
N ALA C 326 -29.73 -0.21 -22.79
CA ALA C 326 -29.08 -1.51 -22.85
C ALA C 326 -30.00 -2.59 -23.41
N THR C 327 -31.25 -2.61 -22.96
CA THR C 327 -32.21 -3.59 -23.46
C THR C 327 -32.40 -3.46 -24.98
N VAL C 328 -32.53 -2.23 -25.46
CA VAL C 328 -32.69 -2.00 -26.89
C VAL C 328 -31.46 -2.50 -27.69
N VAL C 329 -30.27 -2.01 -27.32
CA VAL C 329 -29.05 -2.42 -27.99
C VAL C 329 -28.89 -3.94 -27.97
N LEU C 330 -29.09 -4.54 -26.80
CA LEU C 330 -28.99 -5.98 -26.63
C LEU C 330 -29.99 -6.67 -27.56
N LYS C 331 -31.23 -6.18 -27.55
CA LYS C 331 -32.26 -6.73 -28.42
C LYS C 331 -31.82 -6.67 -29.88
N ARG C 332 -31.39 -5.50 -30.34
CA ARG C 332 -30.93 -5.33 -31.72
C ARG C 332 -29.84 -6.37 -32.02
N LEU C 333 -28.80 -6.38 -31.20
CA LEU C 333 -27.71 -7.33 -31.41
C LEU C 333 -28.24 -8.75 -31.52
N LEU C 334 -29.12 -9.14 -30.61
CA LEU C 334 -29.68 -10.47 -30.65
C LEU C 334 -30.34 -10.73 -32.00
N GLU C 335 -31.24 -9.83 -32.39
CA GLU C 335 -31.99 -9.96 -33.65
C GLU C 335 -31.10 -10.17 -34.85
N ASN C 336 -29.86 -9.70 -34.77
CA ASN C 336 -28.97 -9.87 -35.90
C ASN C 336 -27.95 -10.97 -35.72
N LEU C 337 -28.13 -11.80 -34.70
CA LEU C 337 -27.21 -12.90 -34.47
C LEU C 337 -27.45 -13.93 -35.57
N PRO C 338 -26.38 -14.56 -36.05
CA PRO C 338 -26.55 -15.56 -37.11
C PRO C 338 -27.41 -16.72 -36.62
N SER D 19 47.95 15.48 -2.64
CA SER D 19 48.63 16.78 -2.95
C SER D 19 47.66 17.81 -3.53
N HIS D 20 47.83 18.11 -4.82
CA HIS D 20 46.96 19.06 -5.52
C HIS D 20 45.74 18.36 -6.11
N MET D 21 44.94 17.83 -5.20
CA MET D 21 43.71 17.10 -5.50
C MET D 21 42.55 18.06 -5.68
N LYS D 22 41.93 18.00 -6.86
CA LYS D 22 40.80 18.85 -7.18
C LYS D 22 39.51 18.04 -7.15
N LYS D 23 39.66 16.72 -7.20
CA LYS D 23 38.53 15.81 -7.18
C LYS D 23 39.02 14.40 -6.83
N PHE D 24 38.10 13.46 -6.71
CA PHE D 24 38.47 12.09 -6.40
C PHE D 24 37.43 11.16 -7.01
N THR D 25 37.69 10.73 -8.25
CA THR D 25 36.77 9.85 -8.95
C THR D 25 37.43 8.60 -9.51
N CYS D 26 38.73 8.68 -9.76
CA CYS D 26 39.50 7.54 -10.30
C CYS D 26 40.84 7.48 -9.60
N VAL D 27 41.54 6.35 -9.74
CA VAL D 27 42.83 6.16 -9.10
C VAL D 27 43.88 7.23 -9.45
N GLN D 28 43.75 7.86 -10.62
CA GLN D 28 44.69 8.90 -11.02
C GLN D 28 44.73 10.03 -10.00
N ASP D 29 43.57 10.40 -9.47
CA ASP D 29 43.46 11.48 -8.51
C ASP D 29 44.30 11.33 -7.24
N ILE D 30 44.61 10.09 -6.84
CA ILE D 30 45.38 9.89 -5.62
C ILE D 30 46.88 10.10 -5.77
N GLY D 31 47.36 10.07 -7.00
CA GLY D 31 48.78 10.27 -7.25
C GLY D 31 49.62 9.04 -6.98
N ASP D 32 50.78 9.25 -6.39
CA ASP D 32 51.70 8.17 -6.06
C ASP D 32 51.15 7.26 -4.97
N LEU D 33 50.92 5.99 -5.32
CA LEU D 33 50.39 5.03 -4.37
C LEU D 33 51.22 4.90 -3.11
N LYS D 34 52.54 4.91 -3.26
CA LYS D 34 53.45 4.77 -2.12
C LYS D 34 53.18 5.76 -1.01
N SER D 35 53.23 7.05 -1.36
CA SER D 35 53.01 8.11 -0.39
C SER D 35 51.56 8.08 0.11
N ALA D 36 50.65 7.72 -0.79
CA ALA D 36 49.24 7.64 -0.42
C ALA D 36 49.08 6.61 0.70
N LEU D 37 49.63 5.41 0.48
CA LEU D 37 49.57 4.35 1.49
C LEU D 37 50.26 4.82 2.76
N ALA D 38 51.31 5.61 2.60
CA ALA D 38 52.04 6.13 3.73
C ALA D 38 51.11 6.92 4.63
N GLU D 39 50.41 7.89 4.05
CA GLU D 39 49.47 8.72 4.81
C GLU D 39 48.41 7.84 5.44
N SER D 40 47.97 6.84 4.69
CA SER D 40 46.94 5.93 5.16
C SER D 40 47.33 5.32 6.50
N PHE D 41 48.45 4.60 6.53
CA PHE D 41 48.90 3.98 7.76
C PHE D 41 49.26 4.99 8.83
N GLU D 42 49.63 6.20 8.42
CA GLU D 42 49.96 7.25 9.38
C GLU D 42 48.71 7.52 10.19
N ILE D 43 47.61 7.72 9.47
CA ILE D 43 46.33 8.01 10.09
C ILE D 43 45.75 6.83 10.84
N LYS D 44 46.00 5.62 10.35
CA LYS D 44 45.49 4.43 11.04
C LYS D 44 46.08 4.46 12.44
N LYS D 45 47.35 4.82 12.51
CA LYS D 45 48.08 4.88 13.77
C LYS D 45 47.67 6.03 14.67
N ASP D 46 47.46 7.20 14.06
CA ASP D 46 47.07 8.39 14.81
C ASP D 46 45.83 9.00 14.18
N ARG D 47 44.67 8.43 14.48
CA ARG D 47 43.41 8.87 13.90
C ARG D 47 43.06 10.35 13.86
N PHE D 48 43.15 11.04 14.99
CA PHE D 48 42.79 12.45 15.00
C PHE D 48 43.97 13.42 14.86
N LYS D 49 45.06 12.93 14.30
CA LYS D 49 46.25 13.77 14.11
C LYS D 49 45.95 15.09 13.42
N TYR D 50 45.04 15.09 12.45
CA TYR D 50 44.72 16.31 11.73
C TYR D 50 43.34 16.85 12.04
N VAL D 51 42.87 16.60 13.26
CA VAL D 51 41.54 17.04 13.68
C VAL D 51 41.29 18.55 13.54
N GLU D 52 42.37 19.32 13.47
CA GLU D 52 42.22 20.77 13.33
C GLU D 52 42.22 21.22 11.88
N LEU D 53 42.73 20.37 11.00
CA LEU D 53 42.82 20.69 9.58
C LEU D 53 41.52 21.17 8.96
N GLY D 54 40.42 20.43 9.18
CA GLY D 54 39.14 20.81 8.60
C GLY D 54 38.21 21.68 9.41
N ARG D 55 38.73 22.32 10.47
CA ARG D 55 37.89 23.18 11.29
C ARG D 55 37.15 24.22 10.43
N ASN D 56 35.86 24.40 10.74
CA ASN D 56 35.01 25.34 10.01
C ASN D 56 34.94 25.09 8.52
N LYS D 57 35.15 23.83 8.14
CA LYS D 57 35.06 23.41 6.75
C LYS D 57 33.90 22.42 6.73
N THR D 58 32.97 22.63 5.80
CA THR D 58 31.78 21.79 5.73
C THR D 58 31.69 20.81 4.55
N LEU D 59 31.47 19.55 4.88
CA LEU D 59 31.34 18.49 3.90
C LEU D 59 29.87 18.14 3.69
N LEU D 60 29.46 18.07 2.43
CA LEU D 60 28.09 17.73 2.09
C LEU D 60 28.05 16.37 1.41
N MET D 61 27.46 15.40 2.08
CA MET D 61 27.35 14.06 1.52
C MET D 61 25.95 13.90 0.92
N ILE D 62 25.91 13.60 -0.38
CA ILE D 62 24.64 13.43 -1.09
C ILE D 62 24.42 12.00 -1.55
N PHE D 63 23.28 11.43 -1.18
CA PHE D 63 22.97 10.06 -1.57
C PHE D 63 21.76 9.91 -2.47
N PHE D 64 21.96 9.22 -3.59
CA PHE D 64 20.88 8.95 -4.52
C PHE D 64 20.53 7.47 -4.36
N ASN D 65 21.38 6.75 -3.64
CA ASN D 65 21.16 5.32 -3.39
C ASN D 65 21.49 4.94 -1.95
N SER D 66 21.10 3.73 -1.57
CA SER D 66 21.35 3.20 -0.23
C SER D 66 22.83 3.12 0.11
N SER D 67 23.13 3.03 1.41
CA SER D 67 24.51 2.94 1.88
C SER D 67 24.63 2.82 3.39
N LEU D 68 25.49 1.89 3.81
CA LEU D 68 25.76 1.67 5.23
C LEU D 68 27.20 2.12 5.46
N ARG D 69 28.13 1.43 4.81
CA ARG D 69 29.56 1.72 4.94
C ARG D 69 29.97 3.13 4.51
N THR D 70 29.64 3.50 3.28
CA THR D 70 30.01 4.83 2.78
C THR D 70 29.37 5.92 3.63
N ARG D 71 28.08 5.75 3.96
CA ARG D 71 27.35 6.70 4.78
C ARG D 71 28.04 6.92 6.13
N LEU D 72 28.36 5.83 6.80
CA LEU D 72 29.00 5.89 8.11
C LEU D 72 30.48 6.27 8.04
N SER D 73 31.26 5.49 7.28
CA SER D 73 32.69 5.73 7.17
C SER D 73 33.05 7.15 6.77
N THR D 74 32.33 7.73 5.84
CA THR D 74 32.64 9.08 5.41
C THR D 74 32.38 10.14 6.48
N GLN D 75 31.36 9.95 7.30
CA GLN D 75 31.09 10.92 8.36
C GLN D 75 32.20 10.87 9.39
N LYS D 76 32.63 9.64 9.73
CA LYS D 76 33.69 9.47 10.71
C LYS D 76 34.96 10.12 10.17
N ALA D 77 35.26 9.87 8.90
CA ALA D 77 36.45 10.45 8.28
C ALA D 77 36.44 11.97 8.43
N ALA D 78 35.33 12.58 8.06
CA ALA D 78 35.19 14.03 8.14
C ALA D 78 35.39 14.53 9.56
N LEU D 79 34.90 13.76 10.54
CA LEU D 79 35.03 14.15 11.94
C LEU D 79 36.49 14.04 12.39
N ASN D 80 37.20 13.05 11.83
CA ASN D 80 38.61 12.85 12.16
C ASN D 80 39.39 14.10 11.79
N LEU D 81 38.89 14.81 10.79
CA LEU D 81 39.53 16.04 10.32
C LEU D 81 38.86 17.30 10.89
N GLY D 82 38.06 17.11 11.94
CA GLY D 82 37.38 18.23 12.57
C GLY D 82 36.43 19.02 11.69
N MET D 83 35.87 18.37 10.67
CA MET D 83 34.95 19.04 9.76
C MET D 83 33.50 19.06 10.22
N ASN D 84 32.70 19.82 9.49
CA ASN D 84 31.26 19.91 9.72
C ASN D 84 30.69 18.92 8.72
N VAL D 85 29.67 18.16 9.10
CA VAL D 85 29.10 17.19 8.18
C VAL D 85 27.60 17.36 8.00
N ILE D 86 27.17 17.36 6.74
CA ILE D 86 25.74 17.47 6.43
C ILE D 86 25.41 16.36 5.46
N VAL D 87 24.65 15.38 5.93
CA VAL D 87 24.26 14.28 5.07
C VAL D 87 22.89 14.58 4.48
N LEU D 88 22.81 14.55 3.16
CA LEU D 88 21.56 14.83 2.48
C LEU D 88 21.09 13.63 1.67
N ASP D 89 19.94 13.11 2.08
CA ASP D 89 19.34 11.98 1.40
C ASP D 89 18.33 12.57 0.46
N ILE D 90 18.82 13.09 -0.66
CA ILE D 90 17.96 13.68 -1.66
C ILE D 90 16.93 12.59 -1.97
N ASN D 91 15.71 13.00 -2.32
CA ASN D 91 14.61 12.07 -2.63
C ASN D 91 13.75 11.83 -1.41
N GLN D 92 14.34 11.89 -0.23
CA GLN D 92 13.57 11.70 0.98
C GLN D 92 13.18 13.06 1.55
N GLY D 93 14.18 13.86 1.91
CA GLY D 93 13.91 15.17 2.47
C GLY D 93 13.79 16.32 1.47
N ALA D 94 14.37 16.17 0.29
CA ALA D 94 14.32 17.23 -0.71
C ALA D 94 13.31 16.94 -1.81
N TRP D 95 13.53 17.52 -2.98
CA TRP D 95 12.64 17.34 -4.12
C TRP D 95 13.27 16.45 -5.20
N LYS D 96 12.50 15.50 -5.72
CA LYS D 96 12.98 14.60 -6.78
C LYS D 96 13.44 15.48 -7.93
N LEU D 97 14.62 15.18 -8.46
CA LEU D 97 15.18 15.99 -9.52
C LEU D 97 14.85 15.54 -10.94
N GLU D 98 14.78 16.51 -11.84
CA GLU D 98 14.56 16.24 -13.25
C GLU D 98 15.96 16.28 -13.82
N THR D 99 16.42 15.14 -14.30
CA THR D 99 17.77 15.01 -14.81
C THR D 99 17.97 15.49 -16.26
N GLU D 100 16.96 15.26 -17.11
CA GLU D 100 17.05 15.65 -18.52
C GLU D 100 16.86 17.14 -18.76
N ARG D 101 17.65 17.69 -19.68
CA ARG D 101 17.54 19.11 -19.98
C ARG D 101 16.62 19.43 -21.15
N GLY D 102 16.00 20.61 -21.08
CA GLY D 102 15.11 21.05 -22.13
C GLY D 102 13.75 20.38 -22.16
N VAL D 103 13.34 19.83 -21.02
CA VAL D 103 12.05 19.16 -20.92
C VAL D 103 11.08 20.15 -20.28
N ILE D 104 9.79 19.93 -20.48
CA ILE D 104 8.80 20.80 -19.84
C ILE D 104 8.47 20.13 -18.52
N MET D 105 8.91 20.74 -17.42
CA MET D 105 8.67 20.19 -16.10
C MET D 105 7.24 20.34 -15.65
N ASP D 106 6.33 19.74 -16.42
CA ASP D 106 4.92 19.80 -16.12
C ASP D 106 4.45 18.46 -15.61
N GLY D 107 5.24 17.88 -14.71
CA GLY D 107 4.85 16.59 -14.18
C GLY D 107 5.40 16.27 -12.81
N ASP D 108 5.87 15.04 -12.71
CA ASP D 108 6.42 14.45 -11.50
C ASP D 108 7.41 15.27 -10.69
N LYS D 109 8.44 15.80 -11.35
CA LYS D 109 9.51 16.57 -10.70
C LYS D 109 9.26 18.05 -10.42
N GLU D 110 9.78 18.51 -9.28
CA GLU D 110 9.65 19.89 -8.83
C GLU D 110 10.91 20.72 -9.08
N GLU D 111 12.06 20.07 -9.07
CA GLU D 111 13.33 20.76 -9.26
C GLU D 111 14.20 20.10 -10.31
N HIS D 112 14.98 20.91 -11.01
CA HIS D 112 15.86 20.38 -12.03
C HIS D 112 17.28 20.26 -11.49
N LEU D 113 17.98 19.21 -11.92
CA LEU D 113 19.35 18.97 -11.49
C LEU D 113 20.23 20.19 -11.74
N LEU D 114 19.93 20.92 -12.81
CA LEU D 114 20.69 22.09 -13.18
C LEU D 114 20.69 23.18 -12.13
N GLU D 115 19.61 23.29 -11.34
CA GLU D 115 19.59 24.31 -10.29
C GLU D 115 20.12 23.68 -9.02
N ALA D 116 19.67 22.45 -8.77
CA ALA D 116 20.03 21.70 -7.58
C ALA D 116 21.53 21.64 -7.28
N ILE D 117 22.33 21.19 -8.25
CA ILE D 117 23.77 21.08 -8.06
C ILE D 117 24.41 22.41 -7.61
N PRO D 118 24.23 23.49 -8.39
CA PRO D 118 24.81 24.79 -8.02
C PRO D 118 24.36 25.23 -6.64
N VAL D 119 23.07 25.08 -6.37
CA VAL D 119 22.51 25.45 -5.08
C VAL D 119 23.21 24.72 -3.93
N MET D 120 23.34 23.41 -4.06
CA MET D 120 23.98 22.61 -3.02
C MET D 120 25.41 23.09 -2.78
N GLY D 121 26.11 23.43 -3.86
CA GLY D 121 27.48 23.90 -3.75
C GLY D 121 27.59 25.17 -2.91
N CYS D 122 26.50 25.93 -2.85
CA CYS D 122 26.48 27.16 -2.08
C CYS D 122 26.71 27.03 -0.60
N TYR D 123 26.37 25.87 -0.03
CA TYR D 123 26.49 25.73 1.42
C TYR D 123 27.57 24.83 1.99
N CYS D 124 28.52 24.42 1.17
CA CYS D 124 29.58 23.55 1.65
C CYS D 124 30.93 23.87 1.00
N ASP D 125 31.96 23.14 1.43
CA ASP D 125 33.31 23.34 0.90
C ASP D 125 33.70 22.15 0.04
N ILE D 126 33.20 20.98 0.41
CA ILE D 126 33.48 19.77 -0.33
C ILE D 126 32.21 18.95 -0.47
N ILE D 127 32.06 18.27 -1.61
CA ILE D 127 30.88 17.46 -1.85
C ILE D 127 31.18 15.99 -2.16
N GLY D 128 30.39 15.12 -1.54
CA GLY D 128 30.52 13.70 -1.77
C GLY D 128 29.22 13.23 -2.42
N VAL D 129 29.31 12.53 -3.54
CA VAL D 129 28.11 12.08 -4.22
C VAL D 129 28.11 10.59 -4.52
N ARG D 130 26.97 9.95 -4.27
CA ARG D 130 26.81 8.54 -4.58
C ARG D 130 25.69 8.48 -5.59
N SER D 131 25.97 7.93 -6.76
CA SER D 131 24.96 7.82 -7.79
C SER D 131 25.21 6.59 -8.64
N PHE D 132 24.53 5.50 -8.26
CA PHE D 132 24.66 4.23 -8.96
C PHE D 132 24.32 4.37 -10.44
N ALA D 133 24.88 3.47 -11.23
CA ALA D 133 24.60 3.45 -12.67
C ALA D 133 23.10 3.17 -12.79
N ARG D 134 22.42 3.81 -13.74
CA ARG D 134 20.98 3.59 -13.88
C ARG D 134 20.63 2.44 -14.82
N PHE D 135 21.62 1.95 -15.57
CA PHE D 135 21.40 0.85 -16.50
C PHE D 135 20.32 1.13 -17.53
N GLU D 136 20.10 2.41 -17.85
CA GLU D 136 19.09 2.77 -18.84
C GLU D 136 19.74 2.98 -20.19
N ASN D 137 20.95 3.53 -20.16
CA ASN D 137 21.71 3.81 -21.37
C ASN D 137 23.19 3.71 -21.02
N ARG D 138 23.89 2.75 -21.62
CA ARG D 138 25.30 2.56 -21.33
C ARG D 138 26.14 3.81 -21.45
N GLU D 139 25.94 4.57 -22.52
CA GLU D 139 26.69 5.80 -22.73
C GLU D 139 26.49 6.78 -21.57
N TYR D 140 25.24 7.01 -21.21
CA TYR D 140 24.90 7.93 -20.13
C TYR D 140 25.65 7.51 -18.86
N ASP D 141 25.59 6.22 -18.55
CA ASP D 141 26.25 5.69 -17.37
C ASP D 141 27.78 5.81 -17.47
N TYR D 142 28.35 5.24 -18.52
CA TYR D 142 29.79 5.28 -18.67
C TYR D 142 30.40 6.64 -18.94
N ASN D 143 29.61 7.60 -19.41
CA ASN D 143 30.13 8.94 -19.62
C ASN D 143 30.06 9.64 -18.27
N GLU D 144 29.50 8.93 -17.29
CA GLU D 144 29.36 9.45 -15.94
C GLU D 144 28.81 10.86 -15.93
N VAL D 145 27.69 11.02 -16.64
CA VAL D 145 27.03 12.31 -16.77
C VAL D 145 26.75 13.01 -15.45
N ILE D 146 26.07 12.33 -14.54
CA ILE D 146 25.71 12.93 -13.27
C ILE D 146 26.91 13.38 -12.44
N ILE D 147 27.75 12.42 -12.04
CA ILE D 147 28.92 12.75 -11.23
C ILE D 147 29.69 13.91 -11.85
N ASN D 148 29.77 13.95 -13.18
CA ASN D 148 30.48 15.01 -13.89
C ASN D 148 29.80 16.37 -13.78
N GLN D 149 28.48 16.38 -13.71
CA GLN D 149 27.78 17.63 -13.60
C GLN D 149 27.99 18.25 -12.24
N PHE D 150 28.23 17.41 -11.23
CA PHE D 150 28.50 17.96 -9.91
C PHE D 150 29.86 18.62 -10.01
N ILE D 151 30.78 17.94 -10.68
CA ILE D 151 32.12 18.46 -10.86
C ILE D 151 32.06 19.76 -11.66
N GLN D 152 31.23 19.78 -12.69
CA GLN D 152 31.09 20.96 -13.54
C GLN D 152 30.38 22.15 -12.92
N HIS D 153 29.26 21.90 -12.24
CA HIS D 153 28.46 23.00 -11.70
C HIS D 153 28.32 23.17 -10.20
N SER D 154 28.85 22.25 -9.40
CA SER D 154 28.71 22.41 -7.95
C SER D 154 29.55 23.57 -7.46
N GLY D 155 30.66 23.81 -8.14
CA GLY D 155 31.54 24.89 -7.74
C GLY D 155 32.36 24.48 -6.53
N ARG D 156 32.46 23.18 -6.30
CA ARG D 156 33.22 22.63 -5.17
C ARG D 156 33.97 21.37 -5.56
N PRO D 157 34.95 20.99 -4.74
CA PRO D 157 35.70 19.76 -5.05
C PRO D 157 34.71 18.62 -4.84
N VAL D 158 34.67 17.69 -5.78
CA VAL D 158 33.74 16.57 -5.67
C VAL D 158 34.45 15.23 -5.57
N PHE D 159 34.00 14.38 -4.66
CA PHE D 159 34.59 13.06 -4.55
C PHE D 159 33.48 12.02 -4.70
N SER D 160 33.80 10.91 -5.34
CA SER D 160 32.85 9.85 -5.60
C SER D 160 32.57 8.90 -4.44
N MET D 161 31.31 8.71 -4.11
CA MET D 161 30.91 7.78 -3.06
C MET D 161 30.34 6.56 -3.79
N GLU D 162 30.78 6.45 -5.04
CA GLU D 162 30.44 5.41 -6.02
C GLU D 162 29.60 6.04 -7.10
N ALA D 163 30.17 6.10 -8.30
CA ALA D 163 29.48 6.67 -9.44
C ALA D 163 28.96 5.50 -10.25
N ALA D 164 28.71 5.74 -11.52
CA ALA D 164 28.18 4.69 -12.37
C ALA D 164 29.20 3.65 -12.76
N THR D 165 30.47 4.05 -12.88
CA THR D 165 31.51 3.10 -13.30
C THR D 165 32.73 2.90 -12.40
N ARG D 166 32.83 3.67 -11.31
CA ARG D 166 33.96 3.54 -10.40
C ARG D 166 33.51 3.69 -8.95
N HIS D 167 34.43 3.44 -8.03
CA HIS D 167 34.16 3.56 -6.61
C HIS D 167 35.53 3.63 -5.94
N PRO D 168 36.30 4.66 -6.29
CA PRO D 168 37.65 4.89 -5.76
C PRO D 168 37.79 4.77 -4.23
N LEU D 169 36.88 5.38 -3.48
CA LEU D 169 36.95 5.30 -2.02
C LEU D 169 37.07 3.86 -1.54
N GLN D 170 36.36 2.96 -2.21
CA GLN D 170 36.35 1.55 -1.86
C GLN D 170 37.67 0.88 -2.27
N SER D 171 38.02 1.00 -3.55
CA SER D 171 39.25 0.41 -4.06
C SER D 171 40.46 0.84 -3.24
N PHE D 172 40.54 2.14 -2.95
CA PHE D 172 41.64 2.68 -2.17
C PHE D 172 41.74 1.92 -0.84
N ALA D 173 40.60 1.69 -0.20
CA ALA D 173 40.58 0.95 1.06
C ALA D 173 41.04 -0.48 0.80
N ASP D 174 40.53 -1.10 -0.26
CA ASP D 174 40.92 -2.47 -0.60
C ASP D 174 42.44 -2.54 -0.71
N LEU D 175 43.03 -1.53 -1.37
CA LEU D 175 44.47 -1.48 -1.54
C LEU D 175 45.13 -1.44 -0.17
N ILE D 176 44.68 -0.51 0.66
CA ILE D 176 45.21 -0.38 1.99
C ILE D 176 45.17 -1.69 2.76
N THR D 177 44.05 -2.41 2.69
CA THR D 177 43.97 -3.66 3.44
C THR D 177 44.84 -4.78 2.86
N ILE D 178 45.02 -4.81 1.54
CA ILE D 178 45.87 -5.86 0.96
C ILE D 178 47.31 -5.63 1.37
N GLU D 179 47.75 -4.38 1.33
CA GLU D 179 49.11 -4.03 1.75
C GLU D 179 49.23 -4.41 3.22
N GLU D 180 48.22 -4.03 3.99
CA GLU D 180 48.17 -4.30 5.41
C GLU D 180 48.29 -5.80 5.75
N TYR D 181 47.72 -6.67 4.92
CA TYR D 181 47.74 -8.11 5.19
C TYR D 181 48.65 -8.99 4.33
N LYS D 182 49.10 -8.49 3.19
CA LYS D 182 49.93 -9.30 2.30
C LYS D 182 51.15 -9.92 2.97
N LYS D 183 51.46 -11.15 2.56
CA LYS D 183 52.59 -11.90 3.09
C LYS D 183 53.85 -11.75 2.26
N THR D 184 53.70 -11.23 1.04
CA THR D 184 54.83 -11.02 0.14
C THR D 184 54.66 -9.69 -0.57
N ALA D 185 55.73 -9.23 -1.23
CA ALA D 185 55.71 -7.96 -1.93
C ALA D 185 54.67 -7.85 -3.04
N ARG D 186 54.56 -8.89 -3.87
CA ARG D 186 53.60 -8.86 -4.96
C ARG D 186 52.70 -10.07 -5.01
N PRO D 187 51.69 -10.12 -4.12
CA PRO D 187 50.74 -11.23 -4.03
C PRO D 187 49.90 -11.43 -5.29
N LYS D 188 49.27 -12.59 -5.39
CA LYS D 188 48.41 -12.90 -6.51
C LYS D 188 47.02 -12.53 -6.02
N VAL D 189 46.44 -11.50 -6.63
CA VAL D 189 45.11 -11.04 -6.25
C VAL D 189 44.12 -11.40 -7.35
N VAL D 190 43.14 -12.22 -7.01
CA VAL D 190 42.14 -12.66 -7.97
C VAL D 190 40.75 -12.08 -7.73
N MET D 191 40.20 -11.38 -8.71
CA MET D 191 38.85 -10.84 -8.58
C MET D 191 37.93 -11.85 -9.26
N THR D 192 36.92 -12.32 -8.53
CA THR D 192 36.01 -13.29 -9.08
C THR D 192 34.57 -12.87 -9.05
N TRP D 193 33.86 -13.16 -10.14
CA TRP D 193 32.45 -12.84 -10.27
C TRP D 193 31.74 -13.87 -9.37
N ALA D 194 30.49 -13.59 -9.03
CA ALA D 194 29.67 -14.47 -8.21
C ALA D 194 28.22 -14.16 -8.58
N PRO D 195 27.32 -15.13 -8.41
CA PRO D 195 25.91 -14.94 -8.74
C PRO D 195 25.13 -14.01 -7.80
N HIS D 196 24.19 -13.27 -8.37
CA HIS D 196 23.36 -12.33 -7.60
C HIS D 196 21.99 -12.27 -8.28
N PRO D 197 20.91 -12.21 -7.50
CA PRO D 197 19.56 -12.15 -8.06
C PRO D 197 19.15 -10.86 -8.76
N ARG D 198 19.90 -9.79 -8.54
CA ARG D 198 19.58 -8.51 -9.18
C ARG D 198 20.77 -8.02 -10.00
N PRO D 199 20.51 -7.21 -11.03
CA PRO D 199 21.60 -6.69 -11.86
C PRO D 199 22.33 -5.57 -11.14
N LEU D 200 23.62 -5.81 -10.83
CA LEU D 200 24.42 -4.81 -10.12
C LEU D 200 25.40 -4.08 -11.05
N PRO D 201 25.75 -2.84 -10.71
CA PRO D 201 26.68 -2.03 -11.51
C PRO D 201 28.02 -2.73 -11.58
N GLN D 202 28.85 -2.33 -12.56
CA GLN D 202 30.18 -2.91 -12.65
C GLN D 202 31.18 -1.91 -12.04
N ALA D 203 30.65 -0.95 -11.31
CA ALA D 203 31.44 0.11 -10.69
C ALA D 203 32.53 -0.43 -9.76
N VAL D 204 32.18 -1.35 -8.88
CA VAL D 204 33.17 -1.91 -7.96
C VAL D 204 34.24 -2.70 -8.70
N PRO D 205 33.83 -3.62 -9.60
CA PRO D 205 34.79 -4.43 -10.36
C PRO D 205 35.69 -3.52 -11.20
N ASN D 206 35.09 -2.59 -11.93
CA ASN D 206 35.86 -1.66 -12.75
C ASN D 206 36.91 -0.99 -11.87
N SER D 207 36.44 -0.38 -10.78
CA SER D 207 37.31 0.33 -9.86
C SER D 207 38.43 -0.54 -9.30
N PHE D 208 38.09 -1.75 -8.86
CA PHE D 208 39.08 -2.66 -8.30
C PHE D 208 40.18 -2.94 -9.34
N ALA D 209 39.78 -3.34 -10.54
CA ALA D 209 40.74 -3.61 -11.59
C ALA D 209 41.62 -2.39 -11.81
N GLU D 210 40.98 -1.25 -12.03
CA GLU D 210 41.71 -0.02 -12.24
C GLU D 210 42.82 0.18 -11.21
N TRP D 211 42.51 -0.05 -9.94
CA TRP D 211 43.51 0.12 -8.91
C TRP D 211 44.52 -1.01 -8.88
N MET D 212 44.07 -2.26 -9.00
CA MET D 212 45.02 -3.38 -9.00
C MET D 212 46.01 -3.21 -10.15
N ASN D 213 45.51 -2.86 -11.34
CA ASN D 213 46.37 -2.66 -12.50
C ASN D 213 47.43 -1.60 -12.22
N ALA D 214 47.16 -0.72 -11.25
CA ALA D 214 48.09 0.34 -10.92
C ALA D 214 49.17 -0.16 -9.95
N THR D 215 49.05 -1.41 -9.50
CA THR D 215 50.03 -1.97 -8.59
C THR D 215 50.89 -2.98 -9.33
N ASP D 216 51.88 -3.51 -8.62
CA ASP D 216 52.79 -4.49 -9.17
C ASP D 216 52.37 -5.89 -8.72
N TYR D 217 51.10 -6.02 -8.32
CA TYR D 217 50.57 -7.31 -7.87
C TYR D 217 50.30 -8.18 -9.10
N GLU D 218 50.15 -9.48 -8.88
CA GLU D 218 49.82 -10.38 -9.99
C GLU D 218 48.29 -10.37 -9.97
N PHE D 219 47.70 -9.64 -10.89
CA PHE D 219 46.25 -9.50 -10.94
C PHE D 219 45.56 -10.37 -11.98
N VAL D 220 44.53 -11.10 -11.53
CA VAL D 220 43.76 -11.97 -12.41
C VAL D 220 42.26 -11.74 -12.20
N ILE D 221 41.52 -11.69 -13.30
CA ILE D 221 40.07 -11.49 -13.26
C ILE D 221 39.39 -12.75 -13.78
N THR D 222 38.46 -13.31 -13.01
CA THR D 222 37.77 -14.52 -13.44
C THR D 222 36.26 -14.36 -13.38
N HIS D 223 35.60 -14.57 -14.51
CA HIS D 223 34.15 -14.44 -14.60
C HIS D 223 33.58 -15.33 -15.69
N PRO D 224 32.27 -15.57 -15.67
CA PRO D 224 31.64 -16.42 -16.69
C PRO D 224 31.69 -15.76 -18.06
N GLU D 225 31.47 -16.56 -19.08
CA GLU D 225 31.45 -16.08 -20.46
C GLU D 225 30.38 -15.01 -20.59
N GLY D 226 30.68 -13.93 -21.28
CA GLY D 226 29.69 -12.89 -21.47
C GLY D 226 29.78 -11.75 -20.48
N TYR D 227 30.47 -11.97 -19.37
CA TYR D 227 30.59 -10.95 -18.36
C TYR D 227 31.86 -10.11 -18.43
N GLU D 228 32.48 -10.02 -19.60
CA GLU D 228 33.70 -9.22 -19.64
C GLU D 228 33.42 -7.74 -19.41
N LEU D 229 34.29 -7.12 -18.63
CA LEU D 229 34.18 -5.72 -18.28
C LEU D 229 34.77 -4.83 -19.37
N ASP D 230 34.49 -3.54 -19.30
CA ASP D 230 35.00 -2.61 -20.28
C ASP D 230 36.50 -2.73 -20.32
N PRO D 231 37.06 -2.87 -21.53
CA PRO D 231 38.52 -3.01 -21.73
C PRO D 231 39.36 -1.96 -21.01
N LYS D 232 38.94 -0.69 -21.08
CA LYS D 232 39.71 0.36 -20.44
C LYS D 232 39.95 0.10 -18.96
N PHE D 233 39.11 -0.72 -18.36
CA PHE D 233 39.26 -1.04 -16.95
C PHE D 233 40.05 -2.32 -16.80
N VAL D 234 39.72 -3.32 -17.61
CA VAL D 234 40.40 -4.60 -17.56
C VAL D 234 41.89 -4.38 -17.73
N GLY D 235 42.24 -3.41 -18.57
CA GLY D 235 43.63 -3.12 -18.83
C GLY D 235 44.25 -4.37 -19.39
N ASN D 236 45.42 -4.73 -18.87
CA ASN D 236 46.08 -5.94 -19.35
C ASN D 236 46.15 -6.99 -18.26
N ALA D 237 45.07 -7.08 -17.48
CA ALA D 237 45.01 -8.06 -16.42
C ALA D 237 44.62 -9.39 -17.08
N ARG D 238 45.12 -10.49 -16.52
CA ARG D 238 44.82 -11.81 -17.06
C ARG D 238 43.36 -12.13 -16.79
N VAL D 239 42.65 -12.58 -17.82
CA VAL D 239 41.25 -12.93 -17.66
C VAL D 239 41.08 -14.43 -17.82
N GLU D 240 40.74 -15.09 -16.73
CA GLU D 240 40.58 -16.55 -16.73
C GLU D 240 39.10 -16.93 -16.64
N TYR D 241 38.60 -17.66 -17.62
CA TYR D 241 37.20 -18.07 -17.61
C TYR D 241 36.95 -19.29 -16.73
N ASP D 242 38.02 -19.92 -16.30
CA ASP D 242 37.92 -21.07 -15.42
C ASP D 242 38.17 -20.57 -14.00
N GLN D 243 37.13 -20.50 -13.19
CA GLN D 243 37.28 -20.00 -11.84
C GLN D 243 38.34 -20.80 -11.06
N MET D 244 38.19 -22.12 -11.01
CA MET D 244 39.14 -22.94 -10.28
C MET D 244 40.60 -22.70 -10.69
N LYS D 245 40.81 -22.39 -11.96
CA LYS D 245 42.17 -22.13 -12.45
C LYS D 245 42.70 -20.83 -11.88
N ALA D 246 41.90 -19.78 -11.99
CA ALA D 246 42.28 -18.46 -11.50
C ALA D 246 42.63 -18.52 -10.02
N PHE D 247 41.83 -19.25 -9.25
CA PHE D 247 42.01 -19.38 -7.80
C PHE D 247 43.31 -20.06 -7.38
N GLU D 248 43.84 -20.95 -8.21
CA GLU D 248 45.08 -21.66 -7.88
C GLU D 248 46.18 -20.77 -7.33
N GLY D 249 46.58 -21.06 -6.08
CA GLY D 249 47.63 -20.32 -5.43
C GLY D 249 47.43 -18.82 -5.23
N ALA D 250 46.19 -18.38 -5.19
CA ALA D 250 45.92 -16.96 -4.99
C ALA D 250 46.22 -16.59 -3.54
N ASP D 251 46.55 -15.33 -3.31
CA ASP D 251 46.85 -14.86 -1.96
C ASP D 251 45.67 -14.04 -1.46
N PHE D 252 44.89 -13.52 -2.39
CA PHE D 252 43.72 -12.73 -2.06
C PHE D 252 42.60 -13.02 -3.05
N ILE D 253 41.39 -13.19 -2.53
CA ILE D 253 40.22 -13.42 -3.36
C ILE D 253 39.25 -12.26 -3.12
N TYR D 254 39.00 -11.48 -4.17
CA TYR D 254 38.10 -10.34 -4.11
C TYR D 254 36.86 -10.71 -4.92
N ALA D 255 35.80 -11.12 -4.24
CA ALA D 255 34.57 -11.51 -4.92
C ALA D 255 33.61 -10.34 -5.02
N LYS D 256 32.84 -10.31 -6.11
CA LYS D 256 31.88 -9.24 -6.35
C LYS D 256 31.05 -9.55 -7.59
N ASN D 257 29.73 -9.39 -7.49
CA ASN D 257 28.90 -9.63 -8.65
C ASN D 257 28.70 -8.36 -9.45
N TRP D 258 28.39 -8.52 -10.73
CA TRP D 258 28.13 -7.40 -11.60
C TRP D 258 27.34 -7.90 -12.79
N ALA D 259 26.44 -7.06 -13.29
CA ALA D 259 25.62 -7.41 -14.44
C ALA D 259 26.45 -7.31 -15.72
N ALA D 260 25.98 -7.96 -16.78
CA ALA D 260 26.68 -7.94 -18.06
C ALA D 260 26.96 -6.51 -18.50
N TYR D 261 27.92 -6.35 -19.40
CA TYR D 261 28.31 -5.04 -19.89
C TYR D 261 28.36 -4.95 -21.42
N LEU D 262 28.81 -6.03 -22.05
CA LEU D 262 28.91 -6.08 -23.50
C LEU D 262 27.64 -5.97 -24.32
N GLY D 263 27.75 -5.28 -25.46
CA GLY D 263 26.65 -5.09 -26.38
C GLY D 263 25.20 -5.15 -25.90
N ASP D 264 24.46 -6.11 -26.45
CA ASP D 264 23.05 -6.27 -26.14
C ASP D 264 22.64 -6.63 -24.72
N ASN D 265 23.61 -6.93 -23.86
CA ASN D 265 23.25 -7.31 -22.50
C ASN D 265 23.60 -6.30 -21.42
N TYR D 266 23.92 -5.08 -21.82
CA TYR D 266 24.27 -4.08 -20.82
C TYR D 266 23.25 -4.06 -19.68
N GLY D 267 23.76 -4.14 -18.46
CA GLY D 267 22.90 -4.13 -17.29
C GLY D 267 21.99 -5.34 -17.10
N GLN D 268 22.38 -6.49 -17.64
CA GLN D 268 21.55 -7.67 -17.51
C GLN D 268 22.18 -8.89 -16.87
N ILE D 269 21.32 -9.70 -16.26
CA ILE D 269 21.77 -10.92 -15.60
C ILE D 269 21.82 -12.04 -16.63
N LEU D 270 23.04 -12.47 -16.96
CA LEU D 270 23.22 -13.55 -17.93
C LEU D 270 23.21 -14.89 -17.22
N SER D 271 23.57 -14.89 -15.94
CA SER D 271 23.62 -16.12 -15.17
C SER D 271 23.49 -15.91 -13.67
N THR D 272 23.13 -16.99 -12.98
CA THR D 272 23.01 -17.01 -11.54
C THR D 272 23.58 -18.37 -11.14
N ASP D 273 24.59 -18.79 -11.89
CA ASP D 273 25.26 -20.05 -11.68
C ASP D 273 25.87 -20.11 -10.27
N ARG D 274 25.20 -20.82 -9.37
CA ARG D 274 25.66 -20.92 -8.01
C ARG D 274 26.97 -21.70 -7.85
N ASN D 275 27.55 -22.14 -8.96
CA ASN D 275 28.81 -22.86 -8.91
C ASN D 275 29.94 -21.88 -8.70
N TRP D 276 29.67 -20.61 -9.00
CA TRP D 276 30.68 -19.58 -8.83
C TRP D 276 30.66 -19.06 -7.40
N THR D 277 29.65 -19.44 -6.63
CA THR D 277 29.58 -18.98 -5.25
C THR D 277 30.90 -19.40 -4.60
N VAL D 278 31.65 -18.42 -4.13
CA VAL D 278 32.94 -18.71 -3.49
C VAL D 278 32.72 -19.53 -2.23
N GLY D 279 32.99 -20.83 -2.34
CA GLY D 279 32.83 -21.72 -1.21
C GLY D 279 34.18 -22.31 -0.87
N ASP D 280 34.19 -23.29 0.04
CA ASP D 280 35.44 -23.91 0.42
C ASP D 280 36.12 -24.61 -0.76
N ARG D 281 35.31 -25.19 -1.64
CA ARG D 281 35.83 -25.89 -2.80
C ARG D 281 36.88 -25.09 -3.55
N GLN D 282 36.61 -23.80 -3.77
CA GLN D 282 37.54 -22.94 -4.49
C GLN D 282 38.68 -22.42 -3.62
N MET D 283 38.35 -22.02 -2.39
CA MET D 283 39.36 -21.50 -1.49
C MET D 283 40.48 -22.51 -1.29
N ALA D 284 40.11 -23.78 -1.20
CA ALA D 284 41.07 -24.86 -1.00
C ALA D 284 42.23 -24.81 -2.00
N VAL D 285 41.92 -24.50 -3.26
CA VAL D 285 42.92 -24.43 -4.31
C VAL D 285 43.82 -23.19 -4.22
N THR D 286 43.47 -22.26 -3.35
CA THR D 286 44.27 -21.04 -3.21
C THR D 286 45.41 -21.30 -2.24
N ASN D 287 46.31 -20.32 -2.16
CA ASN D 287 47.46 -20.41 -1.27
C ASN D 287 47.02 -19.90 0.10
N ASN D 288 45.94 -20.50 0.62
CA ASN D 288 45.37 -20.10 1.90
C ASN D 288 45.13 -18.59 1.83
N ALA D 289 44.56 -18.15 0.71
CA ALA D 289 44.28 -16.75 0.47
C ALA D 289 43.26 -16.14 1.41
N TYR D 290 43.32 -14.83 1.56
CA TYR D 290 42.38 -14.11 2.40
C TYR D 290 41.13 -13.91 1.55
N PHE D 291 40.01 -13.67 2.19
CA PHE D 291 38.79 -13.41 1.44
C PHE D 291 38.38 -11.97 1.64
N MET D 292 38.07 -11.29 0.55
CA MET D 292 37.66 -9.90 0.60
C MET D 292 36.36 -9.63 -0.16
N HIS D 293 35.64 -8.60 0.28
CA HIS D 293 34.39 -8.18 -0.34
C HIS D 293 34.07 -6.81 0.21
N CYS D 294 33.61 -5.93 -0.67
CA CYS D 294 33.27 -4.56 -0.28
C CYS D 294 32.03 -4.44 0.59
N LEU D 295 31.18 -5.46 0.57
CA LEU D 295 29.93 -5.46 1.35
C LEU D 295 28.99 -4.39 0.75
N PRO D 296 27.67 -4.61 0.83
CA PRO D 296 26.92 -5.73 1.39
C PRO D 296 27.20 -7.03 0.68
N VAL D 297 27.02 -8.15 1.38
CA VAL D 297 27.23 -9.45 0.76
C VAL D 297 26.06 -10.37 1.04
N ARG D 298 25.59 -11.04 0.01
CA ARG D 298 24.51 -11.99 0.19
C ARG D 298 25.17 -13.33 0.49
N ARG D 299 25.01 -13.82 1.72
CA ARG D 299 25.59 -15.10 2.13
C ARG D 299 25.01 -16.26 1.34
N ASN D 300 25.88 -17.21 1.00
CA ASN D 300 25.51 -18.40 0.25
C ASN D 300 24.97 -18.07 -1.14
N MET D 301 25.52 -16.99 -1.71
CA MET D 301 25.20 -16.52 -3.05
C MET D 301 26.54 -16.08 -3.60
N ILE D 302 27.15 -15.11 -2.92
CA ILE D 302 28.45 -14.59 -3.31
C ILE D 302 29.51 -15.46 -2.65
N VAL D 303 29.34 -15.70 -1.36
CA VAL D 303 30.29 -16.51 -0.60
C VAL D 303 29.62 -17.35 0.49
N THR D 304 30.21 -18.51 0.77
CA THR D 304 29.71 -19.43 1.80
C THR D 304 29.78 -18.86 3.19
N ASP D 305 28.85 -19.25 4.04
CA ASP D 305 28.84 -18.79 5.43
C ASP D 305 30.22 -19.12 6.01
N ASP D 306 30.64 -20.37 5.84
CA ASP D 306 31.92 -20.84 6.35
C ASP D 306 33.12 -20.04 5.87
N VAL D 307 33.15 -19.73 4.57
CA VAL D 307 34.26 -18.96 4.04
C VAL D 307 34.32 -17.59 4.66
N ILE D 308 33.22 -16.86 4.64
CA ILE D 308 33.19 -15.51 5.18
C ILE D 308 33.41 -15.50 6.69
N GLU D 309 33.04 -16.58 7.36
CA GLU D 309 33.23 -16.65 8.82
C GLU D 309 34.60 -17.23 9.18
N SER D 310 35.29 -17.77 8.19
CA SER D 310 36.62 -18.34 8.42
C SER D 310 37.58 -17.23 8.79
N PRO D 311 38.70 -17.60 9.43
CA PRO D 311 39.68 -16.60 9.82
C PRO D 311 40.38 -15.93 8.63
N GLN D 312 40.31 -16.56 7.47
CA GLN D 312 40.93 -15.97 6.29
C GLN D 312 40.14 -14.80 5.77
N SER D 313 38.92 -14.63 6.29
CA SER D 313 38.06 -13.54 5.85
C SER D 313 38.44 -12.25 6.54
N ILE D 314 38.84 -11.27 5.75
CA ILE D 314 39.22 -9.98 6.30
C ILE D 314 38.21 -8.92 5.90
N VAL D 315 36.99 -9.39 5.66
CA VAL D 315 35.88 -8.55 5.26
C VAL D 315 35.70 -7.31 6.15
N ILE D 316 35.75 -7.52 7.47
CA ILE D 316 35.58 -6.41 8.40
C ILE D 316 36.77 -5.45 8.41
N PRO D 317 37.99 -5.99 8.56
CA PRO D 317 39.19 -5.13 8.56
C PRO D 317 39.20 -4.27 7.29
N GLU D 318 38.66 -4.85 6.23
CA GLU D 318 38.57 -4.18 4.94
C GLU D 318 37.63 -3.00 5.14
N ALA D 319 36.38 -3.30 5.47
CA ALA D 319 35.36 -2.29 5.70
C ALA D 319 35.90 -1.20 6.59
N ALA D 320 36.62 -1.59 7.63
CA ALA D 320 37.20 -0.65 8.57
C ALA D 320 38.07 0.38 7.86
N ASN D 321 38.88 -0.09 6.91
CA ASN D 321 39.78 0.80 6.17
C ASN D 321 39.07 1.87 5.34
N ARG D 322 37.77 1.73 5.17
CA ARG D 322 37.01 2.71 4.41
C ARG D 322 37.14 4.05 5.13
N GLU D 323 37.30 4.01 6.45
CA GLU D 323 37.42 5.22 7.26
C GLU D 323 38.73 5.90 6.90
N ILE D 324 39.76 5.08 6.72
CA ILE D 324 41.08 5.56 6.39
C ILE D 324 41.12 6.18 5.00
N SER D 325 40.75 5.40 3.99
CA SER D 325 40.75 5.89 2.61
C SER D 325 40.02 7.23 2.54
N ALA D 326 38.89 7.32 3.22
CA ALA D 326 38.10 8.54 3.23
C ALA D 326 38.84 9.68 3.92
N THR D 327 39.45 9.40 5.08
CA THR D 327 40.17 10.43 5.82
C THR D 327 41.31 11.01 4.99
N VAL D 328 42.03 10.14 4.29
CA VAL D 328 43.13 10.58 3.44
C VAL D 328 42.62 11.47 2.32
N VAL D 329 41.66 10.97 1.53
CA VAL D 329 41.10 11.75 0.43
C VAL D 329 40.55 13.08 0.91
N LEU D 330 39.79 13.04 2.00
CA LEU D 330 39.22 14.25 2.57
C LEU D 330 40.34 15.22 2.95
N LYS D 331 41.36 14.68 3.62
CA LYS D 331 42.51 15.49 4.02
C LYS D 331 43.14 16.16 2.79
N ARG D 332 43.46 15.37 1.76
CA ARG D 332 44.05 15.90 0.54
C ARG D 332 43.19 17.05 0.00
N LEU D 333 41.90 16.78 -0.19
CA LEU D 333 40.98 17.79 -0.70
C LEU D 333 41.03 19.05 0.13
N LEU D 334 41.00 18.88 1.46
CA LEU D 334 41.06 20.04 2.35
C LEU D 334 42.33 20.85 2.09
N GLU D 335 43.47 20.17 2.12
CA GLU D 335 44.77 20.81 1.91
C GLU D 335 44.84 21.63 0.62
N ASN D 336 44.03 21.28 -0.37
CA ASN D 336 44.07 22.01 -1.63
C ASN D 336 42.90 22.98 -1.79
N LEU D 337 42.16 23.22 -0.72
CA LEU D 337 41.04 24.16 -0.79
C LEU D 337 41.63 25.55 -0.90
N PRO D 338 41.00 26.41 -1.72
CA PRO D 338 41.53 27.78 -1.86
C PRO D 338 41.50 28.51 -0.51
N SER E 19 17.00 44.00 18.23
CA SER E 19 17.44 44.18 19.66
C SER E 19 16.99 43.03 20.57
N HIS E 20 15.68 42.74 20.59
CA HIS E 20 15.15 41.65 21.42
C HIS E 20 14.26 40.69 20.63
N MET E 21 14.87 39.91 19.73
CA MET E 21 14.12 38.95 18.93
C MET E 21 13.71 37.74 19.76
N LYS E 22 12.40 37.52 19.84
CA LYS E 22 11.84 36.41 20.60
C LYS E 22 11.34 35.32 19.64
N LYS E 23 11.20 35.70 18.37
CA LYS E 23 10.73 34.77 17.34
C LYS E 23 11.04 35.36 15.98
N PHE E 24 10.74 34.60 14.92
CA PHE E 24 10.96 35.10 13.58
C PHE E 24 9.94 34.46 12.66
N THR E 25 8.82 35.14 12.47
CA THR E 25 7.75 34.62 11.63
C THR E 25 7.29 35.60 10.56
N CYS E 26 7.45 36.91 10.84
CA CYS E 26 7.06 37.96 9.91
C CYS E 26 8.13 39.04 9.88
N VAL E 27 8.09 39.91 8.87
CA VAL E 27 9.08 40.97 8.74
C VAL E 27 9.21 41.89 9.98
N GLN E 28 8.15 42.00 10.78
CA GLN E 28 8.20 42.84 11.98
C GLN E 28 9.31 42.39 12.90
N ASP E 29 9.48 41.08 13.04
CA ASP E 29 10.50 40.53 13.92
C ASP E 29 11.94 40.96 13.65
N ILE E 30 12.26 41.34 12.41
CA ILE E 30 13.63 41.73 12.07
C ILE E 30 13.99 43.16 12.47
N GLY E 31 12.97 43.98 12.75
CA GLY E 31 13.23 45.35 13.14
C GLY E 31 13.59 46.26 11.98
N ASP E 32 14.55 47.15 12.22
CA ASP E 32 14.99 48.10 11.21
C ASP E 32 15.73 47.42 10.06
N LEU E 33 15.17 47.49 8.86
CA LEU E 33 15.77 46.87 7.69
C LEU E 33 17.20 47.31 7.45
N LYS E 34 17.48 48.59 7.64
CA LYS E 34 18.82 49.13 7.41
C LYS E 34 19.91 48.39 8.16
N SER E 35 19.77 48.33 9.48
CA SER E 35 20.74 47.64 10.33
C SER E 35 20.75 46.15 10.06
N ALA E 36 19.57 45.60 9.75
CA ALA E 36 19.46 44.18 9.45
C ALA E 36 20.31 43.87 8.22
N LEU E 37 20.15 44.66 7.16
CA LEU E 37 20.93 44.48 5.95
C LEU E 37 22.41 44.66 6.25
N ALA E 38 22.69 45.58 7.18
CA ALA E 38 24.06 45.85 7.57
C ALA E 38 24.69 44.56 8.08
N GLU E 39 24.05 43.93 9.06
CA GLU E 39 24.57 42.68 9.62
C GLU E 39 24.72 41.64 8.54
N SER E 40 23.74 41.61 7.63
CA SER E 40 23.74 40.66 6.54
C SER E 40 25.05 40.72 5.77
N PHE E 41 25.33 41.88 5.18
CA PHE E 41 26.56 42.03 4.40
C PHE E 41 27.82 41.90 5.25
N GLU E 42 27.70 42.15 6.56
CA GLU E 42 28.84 42.01 7.46
C GLU E 42 29.24 40.55 7.44
N ILE E 43 28.24 39.69 7.63
CA ILE E 43 28.44 38.26 7.66
C ILE E 43 28.81 37.69 6.31
N LYS E 44 28.28 38.27 5.23
CA LYS E 44 28.61 37.78 3.90
C LYS E 44 30.11 37.92 3.74
N LYS E 45 30.63 39.03 4.24
CA LYS E 45 32.05 39.33 4.16
C LYS E 45 32.90 38.48 5.09
N ASP E 46 32.42 38.29 6.32
CA ASP E 46 33.17 37.51 7.31
C ASP E 46 32.25 36.41 7.88
N ARG E 47 32.09 35.33 7.12
CA ARG E 47 31.20 34.24 7.50
C ARG E 47 31.24 33.69 8.93
N PHE E 48 32.42 33.33 9.41
CA PHE E 48 32.49 32.75 10.75
C PHE E 48 32.85 33.74 11.85
N LYS E 49 32.63 35.03 11.58
CA LYS E 49 32.94 36.05 12.57
C LYS E 49 32.35 35.76 13.94
N TYR E 50 31.16 35.18 14.00
CA TYR E 50 30.53 34.89 15.29
C TYR E 50 30.45 33.41 15.63
N VAL E 51 31.40 32.65 15.10
CA VAL E 51 31.42 31.21 15.32
C VAL E 51 31.43 30.79 16.79
N GLU E 52 31.77 31.69 17.68
CA GLU E 52 31.80 31.35 19.09
C GLU E 52 30.49 31.71 19.78
N LEU E 53 29.72 32.59 19.15
CA LEU E 53 28.47 33.04 19.74
C LEU E 53 27.53 31.91 20.18
N GLY E 54 27.30 30.94 19.30
CA GLY E 54 26.39 29.85 19.62
C GLY E 54 26.96 28.59 20.22
N ARG E 55 28.19 28.66 20.74
CA ARG E 55 28.80 27.48 21.33
C ARG E 55 27.90 26.87 22.39
N ASN E 56 27.80 25.55 22.36
CA ASN E 56 26.97 24.81 23.31
C ASN E 56 25.51 25.23 23.31
N LYS E 57 25.07 25.74 22.18
CA LYS E 57 23.68 26.14 21.99
C LYS E 57 23.17 25.19 20.90
N THR E 58 22.02 24.58 21.16
CA THR E 58 21.46 23.62 20.21
C THR E 58 20.22 24.04 19.44
N LEU E 59 20.30 23.97 18.12
CA LEU E 59 19.19 24.31 17.24
C LEU E 59 18.48 23.04 16.76
N LEU E 60 17.15 23.02 16.87
CA LEU E 60 16.37 21.88 16.43
C LEU E 60 15.53 22.27 15.23
N MET E 61 15.86 21.69 14.08
CA MET E 61 15.13 21.96 12.85
C MET E 61 14.09 20.87 12.62
N ILE E 62 12.82 21.26 12.55
CA ILE E 62 11.72 20.31 12.38
C ILE E 62 11.03 20.47 11.03
N PHE E 63 10.94 19.37 10.27
CA PHE E 63 10.30 19.43 8.97
C PHE E 63 9.05 18.58 8.83
N PHE E 64 7.97 19.22 8.38
CA PHE E 64 6.72 18.52 8.15
C PHE E 64 6.59 18.36 6.64
N ASN E 65 7.43 19.08 5.90
CA ASN E 65 7.41 19.03 4.44
C ASN E 65 8.82 18.98 3.85
N SER E 66 8.90 18.70 2.56
CA SER E 66 10.17 18.62 1.84
C SER E 66 10.96 19.92 1.88
N SER E 67 12.26 19.84 1.60
CA SER E 67 13.13 21.00 1.59
C SER E 67 14.57 20.70 1.22
N LEU E 68 15.12 21.52 0.33
CA LEU E 68 16.51 21.39 -0.09
C LEU E 68 17.25 22.59 0.48
N ARG E 69 16.85 23.78 0.02
CA ARG E 69 17.46 25.04 0.45
C ARG E 69 17.37 25.32 1.95
N THR E 70 16.16 25.30 2.49
CA THR E 70 15.97 25.58 3.90
C THR E 70 16.71 24.56 4.76
N ARG E 71 16.59 23.29 4.38
CA ARG E 71 17.24 22.20 5.11
C ARG E 71 18.76 22.39 5.17
N LEU E 72 19.36 22.69 4.02
CA LEU E 72 20.80 22.89 3.94
C LEU E 72 21.27 24.24 4.48
N SER E 73 20.71 25.32 3.93
CA SER E 73 21.08 26.67 4.34
C SER E 73 21.01 26.89 5.85
N THR E 74 19.98 26.39 6.50
CA THR E 74 19.82 26.59 7.93
C THR E 74 20.88 25.88 8.76
N GLN E 75 21.30 24.69 8.31
CA GLN E 75 22.33 23.95 9.05
C GLN E 75 23.65 24.73 8.94
N LYS E 76 23.96 25.19 7.72
CA LYS E 76 25.18 25.94 7.51
C LYS E 76 25.17 27.18 8.40
N ALA E 77 24.04 27.89 8.40
CA ALA E 77 23.90 29.10 9.21
C ALA E 77 24.22 28.80 10.67
N ALA E 78 23.62 27.75 11.20
CA ALA E 78 23.83 27.36 12.60
C ALA E 78 25.30 27.04 12.86
N LEU E 79 25.96 26.42 11.89
CA LEU E 79 27.37 26.08 12.04
C LEU E 79 28.23 27.35 12.02
N ASN E 80 27.83 28.32 11.21
CA ASN E 80 28.56 29.59 11.13
C ASN E 80 28.61 30.22 12.52
N LEU E 81 27.60 29.94 13.33
CA LEU E 81 27.53 30.49 14.69
C LEU E 81 28.01 29.47 15.74
N GLY E 82 28.69 28.44 15.27
CA GLY E 82 29.22 27.41 16.16
C GLY E 82 28.20 26.68 17.00
N MET E 83 26.98 26.55 16.49
CA MET E 83 25.91 25.85 17.20
C MET E 83 25.87 24.34 16.95
N ASN E 84 25.03 23.67 17.74
CA ASN E 84 24.81 22.24 17.61
C ASN E 84 23.55 22.18 16.76
N VAL E 85 23.49 21.23 15.84
CA VAL E 85 22.32 21.11 14.98
C VAL E 85 21.69 19.73 14.99
N ILE E 86 20.39 19.70 15.18
CA ILE E 86 19.66 18.45 15.18
C ILE E 86 18.51 18.60 14.20
N VAL E 87 18.58 17.90 13.08
CA VAL E 87 17.50 17.96 12.10
C VAL E 87 16.54 16.81 12.34
N LEU E 88 15.27 17.14 12.52
CA LEU E 88 14.26 16.12 12.77
C LEU E 88 13.21 16.10 11.68
N ASP E 89 13.15 14.99 10.95
CA ASP E 89 12.18 14.81 9.91
C ASP E 89 11.04 14.04 10.52
N ILE E 90 10.24 14.75 11.29
CA ILE E 90 9.08 14.13 11.93
C ILE E 90 8.34 13.43 10.80
N ASN E 91 7.67 12.33 11.13
CA ASN E 91 6.91 11.55 10.14
C ASN E 91 7.74 10.41 9.62
N GLN E 92 9.04 10.62 9.53
CA GLN E 92 9.90 9.56 9.05
C GLN E 92 10.48 8.80 10.24
N GLY E 93 11.23 9.52 11.08
CA GLY E 93 11.85 8.89 12.23
C GLY E 93 11.02 8.86 13.50
N ALA E 94 10.09 9.79 13.62
CA ALA E 94 9.25 9.86 14.83
C ALA E 94 7.86 9.28 14.61
N TRP E 95 6.92 9.73 15.42
CA TRP E 95 5.53 9.26 15.34
C TRP E 95 4.61 10.32 14.74
N LYS E 96 3.76 9.91 13.80
CA LYS E 96 2.81 10.82 13.15
C LYS E 96 1.99 11.46 14.26
N LEU E 97 1.83 12.78 14.19
CA LEU E 97 1.11 13.47 15.23
C LEU E 97 -0.39 13.69 15.00
N GLU E 98 -1.13 13.73 16.09
CA GLU E 98 -2.56 13.97 16.05
C GLU E 98 -2.65 15.46 16.36
N THR E 99 -3.07 16.22 15.36
CA THR E 99 -3.17 17.66 15.49
C THR E 99 -4.41 18.19 16.22
N GLU E 100 -5.54 17.53 16.04
CA GLU E 100 -6.79 17.98 16.66
C GLU E 100 -6.89 17.64 18.13
N ARG E 101 -7.42 18.57 18.93
CA ARG E 101 -7.55 18.32 20.36
C ARG E 101 -8.90 17.74 20.78
N GLY E 102 -8.89 16.95 21.84
CA GLY E 102 -10.12 16.35 22.35
C GLY E 102 -10.64 15.18 21.54
N VAL E 103 -9.77 14.55 20.76
CA VAL E 103 -10.19 13.42 19.94
C VAL E 103 -9.78 12.16 20.68
N ILE E 104 -10.39 11.01 20.37
CA ILE E 104 -9.99 9.78 21.02
C ILE E 104 -8.94 9.19 20.09
N MET E 105 -7.70 9.15 20.56
CA MET E 105 -6.62 8.64 19.73
C MET E 105 -6.64 7.13 19.65
N ASP E 106 -7.71 6.60 19.07
CA ASP E 106 -7.87 5.17 18.91
C ASP E 106 -7.70 4.80 17.45
N GLY E 107 -6.69 5.38 16.82
CA GLY E 107 -6.47 5.06 15.43
C GLY E 107 -5.05 5.20 14.94
N ASP E 108 -4.96 5.82 13.77
CA ASP E 108 -3.74 6.07 13.05
C ASP E 108 -2.55 6.63 13.85
N LYS E 109 -2.79 7.72 14.58
CA LYS E 109 -1.75 8.40 15.35
C LYS E 109 -1.38 7.84 16.73
N GLU E 110 -0.07 7.92 17.03
CA GLU E 110 0.48 7.45 18.30
C GLU E 110 0.75 8.57 19.29
N GLU E 111 1.05 9.76 18.77
CA GLU E 111 1.36 10.88 19.63
C GLU E 111 0.58 12.12 19.27
N HIS E 112 0.27 12.93 20.28
CA HIS E 112 -0.47 14.16 20.03
C HIS E 112 0.46 15.35 20.01
N LEU E 113 0.15 16.30 19.12
CA LEU E 113 0.95 17.52 18.97
C LEU E 113 1.14 18.22 20.31
N LEU E 114 0.13 18.10 21.17
CA LEU E 114 0.20 18.74 22.46
C LEU E 114 1.33 18.26 23.35
N GLU E 115 1.74 17.00 23.23
CA GLU E 115 2.85 16.51 24.04
C GLU E 115 4.13 16.74 23.26
N ALA E 116 4.06 16.44 21.96
CA ALA E 116 5.20 16.56 21.05
C ALA E 116 5.97 17.90 21.11
N ILE E 117 5.25 19.00 20.92
CA ILE E 117 5.87 20.32 20.96
C ILE E 117 6.66 20.56 22.26
N PRO E 118 6.00 20.46 23.41
CA PRO E 118 6.70 20.67 24.69
C PRO E 118 7.93 19.75 24.81
N VAL E 119 7.74 18.47 24.47
CA VAL E 119 8.82 17.51 24.55
C VAL E 119 10.01 17.97 23.72
N MET E 120 9.77 18.33 22.47
CA MET E 120 10.85 18.76 21.60
C MET E 120 11.59 19.95 22.18
N GLY E 121 10.84 20.85 22.81
CA GLY E 121 11.47 22.03 23.41
C GLY E 121 12.45 21.68 24.52
N CYS E 122 12.26 20.52 25.12
CA CYS E 122 13.12 20.07 26.21
C CYS E 122 14.58 19.87 25.84
N TYR E 123 14.85 19.57 24.58
CA TYR E 123 16.21 19.27 24.18
C TYR E 123 16.98 20.26 23.33
N CYS E 124 16.46 21.48 23.18
CA CYS E 124 17.16 22.48 22.37
C CYS E 124 17.03 23.89 22.95
N ASP E 125 17.66 24.86 22.28
CA ASP E 125 17.60 26.24 22.72
C ASP E 125 16.78 27.07 21.76
N ILE E 126 16.81 26.67 20.49
CA ILE E 126 16.06 27.35 19.45
C ILE E 126 15.42 26.32 18.53
N ILE E 127 14.20 26.63 18.05
CA ILE E 127 13.49 25.72 17.17
C ILE E 127 13.11 26.34 15.83
N GLY E 128 13.32 25.57 14.77
CA GLY E 128 12.98 26.00 13.43
C GLY E 128 11.90 25.04 12.94
N VAL E 129 10.79 25.57 12.46
CA VAL E 129 9.70 24.72 11.99
C VAL E 129 9.24 25.04 10.60
N ARG E 130 9.04 24.00 9.79
CA ARG E 130 8.52 24.17 8.45
C ARG E 130 7.19 23.42 8.43
N SER E 131 6.11 24.13 8.12
CA SER E 131 4.81 23.51 8.08
C SER E 131 3.95 24.19 7.05
N PHE E 132 3.94 23.62 5.84
CA PHE E 132 3.16 24.14 4.74
C PHE E 132 1.68 24.24 5.07
N ALA E 133 0.99 25.17 4.40
CA ALA E 133 -0.45 25.32 4.60
C ALA E 133 -1.07 24.00 4.16
N ARG E 134 -2.10 23.55 4.88
CA ARG E 134 -2.72 22.27 4.53
C ARG E 134 -3.86 22.41 3.52
N PHE E 135 -4.30 23.64 3.28
CA PHE E 135 -5.39 23.88 2.34
C PHE E 135 -6.66 23.12 2.67
N GLU E 136 -6.88 22.81 3.95
CA GLU E 136 -8.07 22.09 4.36
C GLU E 136 -9.11 23.08 4.88
N ASN E 137 -8.63 24.11 5.55
CA ASN E 137 -9.48 25.14 6.12
C ASN E 137 -8.70 26.44 6.13
N ARG E 138 -9.17 27.43 5.37
CA ARG E 138 -8.45 28.70 5.29
C ARG E 138 -8.15 29.32 6.66
N GLU E 139 -9.13 29.33 7.55
CA GLU E 139 -8.92 29.90 8.87
C GLU E 139 -7.77 29.21 9.60
N TYR E 140 -7.80 27.89 9.63
CA TYR E 140 -6.76 27.10 10.30
C TYR E 140 -5.39 27.48 9.75
N ASP E 141 -5.29 27.56 8.43
CA ASP E 141 -4.05 27.92 7.78
C ASP E 141 -3.65 29.35 8.09
N TYR E 142 -4.53 30.30 7.80
CA TYR E 142 -4.20 31.70 8.03
C TYR E 142 -4.08 32.13 9.47
N ASN E 143 -4.66 31.37 10.40
CA ASN E 143 -4.51 31.72 11.81
C ASN E 143 -3.17 31.14 12.25
N GLU E 144 -2.52 30.43 11.33
CA GLU E 144 -1.23 29.80 11.57
C GLU E 144 -1.24 29.04 12.89
N VAL E 145 -2.23 28.18 13.05
CA VAL E 145 -2.39 27.39 14.25
C VAL E 145 -1.16 26.61 14.69
N ILE E 146 -0.60 25.82 13.78
CA ILE E 146 0.56 25.01 14.10
C ILE E 146 1.79 25.81 14.54
N ILE E 147 2.30 26.63 13.63
CA ILE E 147 3.47 27.44 13.95
C ILE E 147 3.28 28.18 15.28
N ASN E 148 2.06 28.61 15.55
CA ASN E 148 1.77 29.33 16.79
C ASN E 148 1.83 28.45 18.01
N GLN E 149 1.46 27.18 17.86
CA GLN E 149 1.50 26.27 18.99
C GLN E 149 2.92 25.97 19.39
N PHE E 150 3.84 26.02 18.42
CA PHE E 150 5.24 25.81 18.76
C PHE E 150 5.68 27.01 19.58
N ILE E 151 5.24 28.20 19.15
CA ILE E 151 5.57 29.42 19.84
C ILE E 151 4.96 29.39 21.24
N GLN E 152 3.73 28.91 21.35
CA GLN E 152 3.05 28.83 22.62
C GLN E 152 3.55 27.78 23.61
N HIS E 153 3.79 26.56 23.12
CA HIS E 153 4.18 25.49 24.02
C HIS E 153 5.58 24.88 23.91
N SER E 154 6.39 25.29 22.93
CA SER E 154 7.72 24.70 22.81
C SER E 154 8.59 25.15 23.96
N GLY E 155 8.34 26.36 24.45
CA GLY E 155 9.14 26.90 25.54
C GLY E 155 10.48 27.39 25.02
N ARG E 156 10.56 27.61 23.71
CA ARG E 156 11.79 28.07 23.08
C ARG E 156 11.50 29.11 21.99
N PRO E 157 12.53 29.85 21.59
CA PRO E 157 12.33 30.84 20.53
C PRO E 157 12.07 30.03 19.28
N VAL E 158 11.06 30.42 18.50
CA VAL E 158 10.73 29.69 17.28
C VAL E 158 10.88 30.55 16.04
N PHE E 159 11.47 29.99 15.00
CA PHE E 159 11.58 30.73 13.76
C PHE E 159 10.97 29.91 12.63
N SER E 160 10.34 30.60 11.69
CA SER E 160 9.66 29.94 10.59
C SER E 160 10.55 29.51 9.43
N MET E 161 10.41 28.24 9.03
CA MET E 161 11.15 27.69 7.89
C MET E 161 10.13 27.58 6.78
N GLU E 162 9.09 28.40 6.92
CA GLU E 162 7.92 28.53 6.05
C GLU E 162 6.71 27.96 6.75
N ALA E 163 5.79 28.85 7.10
CA ALA E 163 4.57 28.44 7.77
C ALA E 163 3.49 28.38 6.70
N ALA E 164 2.23 28.50 7.12
CA ALA E 164 1.14 28.41 6.18
C ALA E 164 0.98 29.67 5.35
N THR E 165 1.33 30.83 5.90
CA THR E 165 1.13 32.06 5.16
C THR E 165 2.34 32.98 4.94
N ARG E 166 3.48 32.64 5.53
CA ARG E 166 4.69 33.45 5.38
C ARG E 166 5.92 32.56 5.23
N HIS E 167 7.05 33.21 4.91
CA HIS E 167 8.32 32.51 4.75
C HIS E 167 9.40 33.58 4.88
N PRO E 168 9.44 34.24 6.04
CA PRO E 168 10.40 35.31 6.33
C PRO E 168 11.85 35.01 5.95
N LEU E 169 12.35 33.84 6.32
CA LEU E 169 13.73 33.49 6.00
C LEU E 169 14.03 33.69 4.52
N GLN E 170 13.04 33.36 3.69
CA GLN E 170 13.20 33.49 2.25
C GLN E 170 13.16 34.96 1.81
N SER E 171 12.09 35.65 2.19
CA SER E 171 11.93 37.04 1.84
C SER E 171 13.13 37.88 2.26
N PHE E 172 13.60 37.65 3.49
CA PHE E 172 14.75 38.37 4.02
C PHE E 172 15.94 38.18 3.05
N ALA E 173 16.13 36.96 2.57
CA ALA E 173 17.23 36.69 1.64
C ALA E 173 16.95 37.42 0.33
N ASP E 174 15.70 37.37 -0.13
CA ASP E 174 15.33 38.06 -1.36
C ASP E 174 15.71 39.53 -1.24
N LEU E 175 15.41 40.11 -0.08
CA LEU E 175 15.72 41.52 0.17
C LEU E 175 17.22 41.72 0.04
N ILE E 176 17.97 40.89 0.75
CA ILE E 176 19.42 40.98 0.71
C ILE E 176 19.95 40.92 -0.71
N THR E 177 19.45 40.00 -1.53
CA THR E 177 19.95 39.90 -2.89
C THR E 177 19.55 41.08 -3.79
N ILE E 178 18.38 41.67 -3.56
CA ILE E 178 17.96 42.81 -4.39
C ILE E 178 18.85 44.01 -4.08
N GLU E 179 19.10 44.24 -2.79
CA GLU E 179 19.97 45.33 -2.36
C GLU E 179 21.33 45.07 -2.97
N GLU E 180 21.77 43.82 -2.86
CA GLU E 180 23.06 43.39 -3.38
C GLU E 180 23.23 43.63 -4.89
N TYR E 181 22.16 43.50 -5.66
CA TYR E 181 22.24 43.67 -7.11
C TYR E 181 21.61 44.93 -7.72
N LYS E 182 20.74 45.61 -6.98
CA LYS E 182 20.08 46.78 -7.52
C LYS E 182 21.01 47.82 -8.11
N LYS E 183 20.57 48.45 -9.20
CA LYS E 183 21.33 49.48 -9.90
C LYS E 183 20.96 50.90 -9.46
N THR E 184 19.84 51.03 -8.75
CA THR E 184 19.40 52.33 -8.25
C THR E 184 18.84 52.17 -6.85
N ALA E 185 18.60 53.29 -6.17
CA ALA E 185 18.10 53.28 -4.81
C ALA E 185 16.75 52.60 -4.63
N ARG E 186 15.80 52.91 -5.51
CA ARG E 186 14.47 52.34 -5.40
C ARG E 186 13.98 51.70 -6.69
N PRO E 187 14.49 50.49 -7.00
CA PRO E 187 14.12 49.75 -8.21
C PRO E 187 12.65 49.36 -8.29
N LYS E 188 12.22 49.00 -9.49
CA LYS E 188 10.85 48.56 -9.70
C LYS E 188 10.92 47.04 -9.58
N VAL E 189 10.28 46.52 -8.54
CA VAL E 189 10.27 45.08 -8.30
C VAL E 189 8.87 44.55 -8.58
N VAL E 190 8.77 43.65 -9.55
CA VAL E 190 7.48 43.08 -9.93
C VAL E 190 7.37 41.61 -9.57
N MET E 191 6.36 41.27 -8.78
CA MET E 191 6.11 39.86 -8.43
C MET E 191 5.06 39.36 -9.42
N THR E 192 5.36 38.27 -10.11
CA THR E 192 4.42 37.74 -11.09
C THR E 192 4.05 36.30 -10.85
N TRP E 193 2.76 36.02 -11.01
CA TRP E 193 2.24 34.66 -10.86
C TRP E 193 2.72 33.88 -12.10
N ALA E 194 2.68 32.57 -12.01
CA ALA E 194 3.07 31.70 -13.12
C ALA E 194 2.31 30.39 -12.91
N PRO E 195 2.06 29.65 -13.98
CA PRO E 195 1.33 28.38 -13.92
C PRO E 195 2.08 27.23 -13.26
N HIS E 196 1.34 26.40 -12.53
CA HIS E 196 1.92 25.24 -11.86
C HIS E 196 0.86 24.16 -11.84
N PRO E 197 1.25 22.89 -12.03
CA PRO E 197 0.29 21.78 -12.03
C PRO E 197 -0.32 21.37 -10.69
N ARG E 198 0.25 21.86 -9.60
CA ARG E 198 -0.29 21.53 -8.28
C ARG E 198 -0.62 22.81 -7.53
N PRO E 199 -1.55 22.74 -6.58
CA PRO E 199 -1.93 23.93 -5.81
C PRO E 199 -0.87 24.22 -4.75
N LEU E 200 -0.20 25.37 -4.89
CA LEU E 200 0.85 25.74 -3.94
C LEU E 200 0.38 26.82 -2.97
N PRO E 201 0.98 26.85 -1.76
CA PRO E 201 0.63 27.83 -0.72
C PRO E 201 0.88 29.25 -1.23
N GLN E 202 0.30 30.24 -0.58
CA GLN E 202 0.55 31.62 -0.99
C GLN E 202 1.55 32.22 0.02
N ALA E 203 2.21 31.35 0.78
CA ALA E 203 3.17 31.74 1.78
C ALA E 203 4.33 32.57 1.24
N VAL E 204 4.92 32.13 0.14
CA VAL E 204 6.03 32.86 -0.45
C VAL E 204 5.57 34.23 -0.98
N PRO E 205 4.47 34.25 -1.77
CA PRO E 205 3.95 35.51 -2.32
C PRO E 205 3.59 36.46 -1.19
N ASN E 206 2.83 35.96 -0.22
CA ASN E 206 2.42 36.77 0.92
C ASN E 206 3.65 37.40 1.54
N SER E 207 4.61 36.55 1.90
CA SER E 207 5.85 36.98 2.54
C SER E 207 6.63 37.99 1.70
N PHE E 208 6.78 37.74 0.41
CA PHE E 208 7.50 38.65 -0.46
C PHE E 208 6.86 40.04 -0.43
N ALA E 209 5.55 40.09 -0.66
CA ALA E 209 4.83 41.35 -0.65
C ALA E 209 5.06 42.05 0.69
N GLU E 210 4.80 41.33 1.78
CA GLU E 210 4.97 41.87 3.12
C GLU E 210 6.32 42.58 3.25
N TRP E 211 7.38 41.94 2.77
CA TRP E 211 8.70 42.54 2.87
C TRP E 211 8.90 43.68 1.87
N MET E 212 8.49 43.49 0.62
CA MET E 212 8.65 44.56 -0.35
C MET E 212 7.91 45.81 0.12
N ASN E 213 6.68 45.62 0.61
CA ASN E 213 5.89 46.75 1.11
C ASN E 213 6.62 47.49 2.23
N ALA E 214 7.56 46.80 2.88
CA ALA E 214 8.30 47.42 3.97
C ALA E 214 9.49 48.23 3.44
N THR E 215 9.72 48.18 2.14
CA THR E 215 10.82 48.93 1.53
C THR E 215 10.26 50.12 0.78
N ASP E 216 11.17 50.90 0.24
CA ASP E 216 10.82 52.09 -0.51
C ASP E 216 10.92 51.79 -2.01
N TYR E 217 10.90 50.51 -2.36
CA TYR E 217 10.98 50.09 -3.75
C TYR E 217 9.63 50.35 -4.42
N GLU E 218 9.62 50.35 -5.75
CA GLU E 218 8.37 50.52 -6.48
C GLU E 218 7.91 49.08 -6.65
N PHE E 219 6.92 48.69 -5.84
CA PHE E 219 6.42 47.31 -5.86
C PHE E 219 5.10 47.10 -6.61
N VAL E 220 5.12 46.13 -7.51
CA VAL E 220 3.94 45.79 -8.31
C VAL E 220 3.69 44.29 -8.30
N ILE E 221 2.42 43.90 -8.14
CA ILE E 221 2.03 42.49 -8.13
C ILE E 221 1.16 42.22 -9.36
N THR E 222 1.51 41.22 -10.14
CA THR E 222 0.73 40.91 -11.33
C THR E 222 0.32 39.44 -11.36
N HIS E 223 -0.98 39.18 -11.44
CA HIS E 223 -1.49 37.82 -11.47
C HIS E 223 -2.80 37.77 -12.22
N PRO E 224 -3.24 36.56 -12.60
CA PRO E 224 -4.51 36.41 -13.33
C PRO E 224 -5.69 36.76 -12.44
N GLU E 225 -6.83 37.00 -13.07
CA GLU E 225 -8.05 37.32 -12.37
C GLU E 225 -8.39 36.16 -11.43
N GLY E 226 -8.80 36.47 -10.21
CA GLY E 226 -9.16 35.41 -9.28
C GLY E 226 -8.07 35.01 -8.33
N TYR E 227 -6.83 35.36 -8.66
CA TYR E 227 -5.71 35.00 -7.82
C TYR E 227 -5.28 36.07 -6.83
N GLU E 228 -6.15 37.00 -6.46
CA GLU E 228 -5.71 38.03 -5.53
C GLU E 228 -5.40 37.44 -4.17
N LEU E 229 -4.31 37.93 -3.59
CA LEU E 229 -3.83 37.49 -2.28
C LEU E 229 -4.57 38.22 -1.17
N ASP E 230 -4.43 37.72 0.04
CA ASP E 230 -5.07 38.35 1.18
C ASP E 230 -4.64 39.81 1.25
N PRO E 231 -5.60 40.72 1.38
CA PRO E 231 -5.35 42.16 1.46
C PRO E 231 -4.27 42.57 2.46
N LYS E 232 -4.30 41.99 3.66
CA LYS E 232 -3.32 42.35 4.67
C LYS E 232 -1.89 42.18 4.18
N PHE E 233 -1.70 41.34 3.17
CA PHE E 233 -0.36 41.13 2.64
C PHE E 233 -0.13 42.03 1.45
N VAL E 234 -1.13 42.13 0.57
CA VAL E 234 -1.02 42.96 -0.62
C VAL E 234 -0.68 44.38 -0.20
N GLY E 235 -1.24 44.80 0.93
CA GLY E 235 -0.99 46.13 1.43
C GLY E 235 -1.48 47.10 0.37
N ASN E 236 -0.68 48.10 0.06
CA ASN E 236 -1.07 49.06 -0.95
C ASN E 236 -0.17 48.96 -2.16
N ALA E 237 0.21 47.73 -2.51
CA ALA E 237 1.06 47.52 -3.66
C ALA E 237 0.15 47.57 -4.88
N ARG E 238 0.69 48.06 -5.99
CA ARG E 238 -0.08 48.14 -7.23
C ARG E 238 -0.32 46.74 -7.75
N VAL E 239 -1.57 46.44 -8.10
CA VAL E 239 -1.91 45.13 -8.64
C VAL E 239 -2.30 45.28 -10.10
N GLU E 240 -1.47 44.75 -10.98
CA GLU E 240 -1.72 44.84 -12.42
C GLU E 240 -2.14 43.48 -12.98
N TYR E 241 -3.33 43.42 -13.58
CA TYR E 241 -3.80 42.16 -14.14
C TYR E 241 -3.21 41.86 -15.51
N ASP E 242 -2.54 42.86 -16.09
CA ASP E 242 -1.90 42.69 -17.38
C ASP E 242 -0.44 42.42 -17.09
N GLN E 243 0.00 41.19 -17.31
CA GLN E 243 1.39 40.85 -17.04
C GLN E 243 2.36 41.75 -17.81
N MET E 244 2.20 41.80 -19.13
CA MET E 244 3.08 42.62 -19.95
C MET E 244 3.18 44.06 -19.47
N LYS E 245 2.09 44.60 -18.93
CA LYS E 245 2.11 45.98 -18.44
C LYS E 245 2.97 46.09 -17.20
N ALA E 246 2.75 45.19 -16.24
CA ALA E 246 3.50 45.20 -15.00
C ALA E 246 5.00 45.09 -15.28
N PHE E 247 5.36 44.22 -16.21
CA PHE E 247 6.77 44.00 -16.57
C PHE E 247 7.50 45.20 -17.15
N GLU E 248 6.77 46.10 -17.81
CA GLU E 248 7.38 47.28 -18.42
C GLU E 248 8.37 48.00 -17.51
N GLY E 249 9.62 48.04 -17.97
CA GLY E 249 10.67 48.72 -17.24
C GLY E 249 10.98 48.24 -15.83
N ALA E 250 10.69 46.97 -15.54
CA ALA E 250 10.97 46.44 -14.22
C ALA E 250 12.46 46.24 -14.07
N ASP E 251 12.95 46.28 -12.84
CA ASP E 251 14.37 46.08 -12.56
C ASP E 251 14.58 44.68 -12.00
N PHE E 252 13.52 44.14 -11.41
CA PHE E 252 13.55 42.82 -10.83
C PHE E 252 12.23 42.09 -11.06
N ILE E 253 12.31 40.83 -11.48
CA ILE E 253 11.13 40.02 -11.70
C ILE E 253 11.20 38.84 -10.73
N TYR E 254 10.23 38.80 -9.80
CA TYR E 254 10.13 37.74 -8.80
C TYR E 254 8.93 36.88 -9.17
N ALA E 255 9.19 35.74 -9.81
CA ALA E 255 8.11 34.85 -10.22
C ALA E 255 7.86 33.80 -9.15
N LYS E 256 6.60 33.38 -9.03
CA LYS E 256 6.20 32.37 -8.06
C LYS E 256 4.74 32.00 -8.26
N ASN E 257 4.43 30.71 -8.26
CA ASN E 257 3.03 30.31 -8.41
C ASN E 257 2.38 30.16 -7.06
N TRP E 258 1.06 30.28 -7.02
CA TRP E 258 0.30 30.10 -5.80
C TRP E 258 -1.14 29.79 -6.16
N ALA E 259 -1.78 28.96 -5.36
CA ALA E 259 -3.17 28.58 -5.63
C ALA E 259 -4.08 29.71 -5.21
N ALA E 260 -5.31 29.70 -5.71
CA ALA E 260 -6.28 30.73 -5.37
C ALA E 260 -6.44 30.89 -3.86
N TYR E 261 -6.95 32.05 -3.44
CA TYR E 261 -7.14 32.35 -2.03
C TYR E 261 -8.53 32.82 -1.69
N LEU E 262 -9.12 33.61 -2.59
CA LEU E 262 -10.47 34.14 -2.38
C LEU E 262 -11.63 33.18 -2.29
N GLY E 263 -12.57 33.53 -1.42
CA GLY E 263 -13.77 32.73 -1.22
C GLY E 263 -13.78 31.24 -1.49
N ASP E 264 -14.65 30.83 -2.42
CA ASP E 264 -14.83 29.44 -2.77
C ASP E 264 -13.67 28.70 -3.42
N ASN E 265 -12.58 29.38 -3.75
CA ASN E 265 -11.47 28.70 -4.40
C ASN E 265 -10.22 28.55 -3.56
N TYR E 266 -10.33 28.78 -2.26
CA TYR E 266 -9.16 28.65 -1.42
C TYR E 266 -8.41 27.37 -1.70
N GLY E 267 -7.12 27.50 -1.95
CA GLY E 267 -6.29 26.34 -2.23
C GLY E 267 -6.56 25.63 -3.54
N GLN E 268 -7.07 26.34 -4.53
CA GLN E 268 -7.34 25.70 -5.81
C GLN E 268 -6.70 26.31 -7.04
N ILE E 269 -6.52 25.45 -8.04
CA ILE E 269 -5.92 25.88 -9.29
C ILE E 269 -7.00 26.43 -10.20
N LEU E 270 -6.99 27.74 -10.43
CA LEU E 270 -7.98 28.38 -11.28
C LEU E 270 -7.51 28.34 -12.73
N SER E 271 -6.19 28.30 -12.90
CA SER E 271 -5.61 28.30 -14.24
C SER E 271 -4.21 27.71 -14.31
N THR E 272 -3.82 27.35 -15.52
CA THR E 272 -2.49 26.83 -15.79
C THR E 272 -2.10 27.47 -17.11
N ASP E 273 -2.53 28.72 -17.28
CA ASP E 273 -2.28 29.52 -18.48
C ASP E 273 -0.78 29.67 -18.70
N ARG E 274 -0.25 28.89 -19.63
CA ARG E 274 1.18 28.92 -19.92
C ARG E 274 1.64 30.25 -20.55
N ASN E 275 0.71 31.19 -20.72
CA ASN E 275 1.07 32.48 -21.29
C ASN E 275 1.74 33.31 -20.22
N TRP E 276 1.55 32.94 -18.97
CA TRP E 276 2.17 33.66 -17.89
C TRP E 276 3.56 33.13 -17.61
N THR E 277 3.92 32.02 -18.25
CA THR E 277 5.26 31.48 -18.04
C THR E 277 6.23 32.58 -18.41
N VAL E 278 7.05 33.02 -17.44
CA VAL E 278 8.01 34.07 -17.70
C VAL E 278 9.03 33.63 -18.75
N GLY E 279 8.84 34.12 -19.97
CA GLY E 279 9.73 33.78 -21.05
C GLY E 279 10.41 35.04 -21.54
N ASP E 280 11.12 34.94 -22.65
CA ASP E 280 11.81 36.11 -23.17
C ASP E 280 10.83 37.22 -23.57
N ARG E 281 9.68 36.81 -24.09
CA ARG E 281 8.66 37.75 -24.51
C ARG E 281 8.41 38.85 -23.47
N GLN E 282 8.28 38.44 -22.22
CA GLN E 282 8.01 39.40 -21.14
C GLN E 282 9.24 40.10 -20.64
N MET E 283 10.35 39.37 -20.51
CA MET E 283 11.58 39.97 -20.03
C MET E 283 11.99 41.13 -20.93
N ALA E 284 11.80 40.96 -22.23
CA ALA E 284 12.14 41.99 -23.21
C ALA E 284 11.60 43.36 -22.85
N VAL E 285 10.37 43.40 -22.37
CA VAL E 285 9.71 44.64 -22.00
C VAL E 285 10.23 45.25 -20.70
N THR E 286 11.06 44.50 -19.97
CA THR E 286 11.58 45.02 -18.72
C THR E 286 12.83 45.85 -19.00
N ASN E 287 13.32 46.51 -17.95
CA ASN E 287 14.51 47.34 -18.04
C ASN E 287 15.73 46.42 -17.84
N ASN E 288 15.79 45.37 -18.64
CA ASN E 288 16.86 44.38 -18.53
C ASN E 288 16.91 43.94 -17.08
N ALA E 289 15.74 43.66 -16.52
CA ALA E 289 15.60 43.26 -15.13
C ALA E 289 16.24 41.91 -14.83
N TYR E 290 16.56 41.70 -13.55
CA TYR E 290 17.13 40.44 -13.11
C TYR E 290 15.96 39.50 -12.90
N PHE E 291 16.23 38.21 -12.92
CA PHE E 291 15.17 37.24 -12.69
C PHE E 291 15.41 36.56 -11.37
N MET E 292 14.38 36.50 -10.53
CA MET E 292 14.48 35.86 -9.23
C MET E 292 13.40 34.82 -9.00
N HIS E 293 13.71 33.84 -8.15
CA HIS E 293 12.79 32.78 -7.78
C HIS E 293 13.37 32.07 -6.56
N CYS E 294 12.53 31.76 -5.59
CA CYS E 294 12.96 31.11 -4.36
C CYS E 294 13.38 29.65 -4.54
N LEU E 295 12.96 29.04 -5.65
CA LEU E 295 13.29 27.63 -5.92
C LEU E 295 12.56 26.76 -4.88
N PRO E 296 12.17 25.53 -5.26
CA PRO E 296 12.32 24.83 -6.54
C PRO E 296 11.59 25.53 -7.66
N VAL E 297 12.03 25.32 -8.89
CA VAL E 297 11.37 25.93 -10.04
C VAL E 297 11.14 24.91 -11.12
N ARG E 298 9.94 24.89 -11.66
CA ARG E 298 9.64 23.95 -12.73
C ARG E 298 9.97 24.70 -14.03
N ARG E 299 10.99 24.24 -14.73
CA ARG E 299 11.39 24.89 -15.98
C ARG E 299 10.34 24.76 -17.05
N ASN E 300 10.16 25.85 -17.80
CA ASN E 300 9.18 25.91 -18.89
C ASN E 300 7.75 25.77 -18.39
N MET E 301 7.54 26.29 -17.18
CA MET E 301 6.25 26.31 -16.53
C MET E 301 6.22 27.65 -15.85
N ILE E 302 7.17 27.87 -14.94
CA ILE E 302 7.28 29.12 -14.22
C ILE E 302 8.12 30.06 -15.06
N VAL E 303 9.25 29.55 -15.55
CA VAL E 303 10.16 30.36 -16.35
C VAL E 303 10.86 29.55 -17.44
N THR E 304 11.18 30.22 -18.55
CA THR E 304 11.85 29.59 -19.68
C THR E 304 13.27 29.14 -19.35
N ASP E 305 13.71 28.06 -20.00
CA ASP E 305 15.07 27.57 -19.80
C ASP E 305 16.01 28.76 -20.05
N ASP E 306 15.83 29.41 -21.19
CA ASP E 306 16.66 30.54 -21.59
C ASP E 306 16.68 31.67 -20.58
N VAL E 307 15.52 32.03 -20.06
CA VAL E 307 15.47 33.12 -19.09
C VAL E 307 16.25 32.77 -17.82
N ILE E 308 15.97 31.60 -17.26
CA ILE E 308 16.65 31.20 -16.04
C ILE E 308 18.14 30.96 -16.25
N GLU E 309 18.51 30.59 -17.47
CA GLU E 309 19.92 30.34 -17.78
C GLU E 309 20.63 31.62 -18.22
N SER E 310 19.86 32.66 -18.53
CA SER E 310 20.42 33.92 -18.96
C SER E 310 21.23 34.54 -17.83
N PRO E 311 22.14 35.46 -18.16
CA PRO E 311 22.95 36.10 -17.13
C PRO E 311 22.14 37.01 -16.21
N GLN E 312 20.92 37.38 -16.62
CA GLN E 312 20.08 38.24 -15.77
C GLN E 312 19.48 37.45 -14.61
N SER E 313 19.58 36.13 -14.70
CA SER E 313 19.05 35.26 -13.66
C SER E 313 19.99 35.21 -12.47
N ILE E 314 19.51 35.66 -11.32
CA ILE E 314 20.32 35.65 -10.11
C ILE E 314 19.76 34.64 -9.11
N VAL E 315 19.08 33.64 -9.67
CA VAL E 315 18.45 32.57 -8.91
C VAL E 315 19.40 31.93 -7.87
N ILE E 316 20.63 31.61 -8.28
CA ILE E 316 21.58 31.00 -7.37
C ILE E 316 22.09 31.97 -6.31
N PRO E 317 22.56 33.16 -6.72
CA PRO E 317 23.06 34.14 -5.74
C PRO E 317 21.98 34.37 -4.70
N GLU E 318 20.73 34.28 -5.15
CA GLU E 318 19.58 34.47 -4.29
C GLU E 318 19.60 33.35 -3.27
N ALA E 319 19.50 32.13 -3.78
CA ALA E 319 19.52 30.92 -2.95
C ALA E 319 20.67 31.00 -1.95
N ALA E 320 21.83 31.42 -2.45
CA ALA E 320 23.02 31.54 -1.61
C ALA E 320 22.76 32.41 -0.38
N ASN E 321 22.06 33.53 -0.58
CA ASN E 321 21.77 34.44 0.52
C ASN E 321 20.89 33.84 1.62
N ARG E 322 20.30 32.69 1.35
CA ARG E 322 19.48 32.04 2.36
C ARG E 322 20.35 31.72 3.57
N GLU E 323 21.63 31.47 3.33
CA GLU E 323 22.59 31.16 4.40
C GLU E 323 22.75 32.39 5.27
N ILE E 324 22.80 33.55 4.62
CA ILE E 324 22.98 34.82 5.28
C ILE E 324 21.78 35.19 6.14
N SER E 325 20.60 35.24 5.52
CA SER E 325 19.37 35.59 6.23
C SER E 325 19.24 34.70 7.48
N ALA E 326 19.53 33.42 7.32
CA ALA E 326 19.45 32.47 8.41
C ALA E 326 20.48 32.78 9.49
N THR E 327 21.71 33.04 9.08
CA THR E 327 22.77 33.34 10.04
C THR E 327 22.42 34.57 10.89
N VAL E 328 21.89 35.60 10.23
CA VAL E 328 21.51 36.81 10.94
C VAL E 328 20.40 36.51 11.95
N VAL E 329 19.31 35.93 11.49
CA VAL E 329 18.19 35.60 12.37
C VAL E 329 18.63 34.73 13.54
N LEU E 330 19.41 33.69 13.23
CA LEU E 330 19.91 32.78 14.25
C LEU E 330 20.75 33.56 15.25
N LYS E 331 21.65 34.41 14.73
CA LYS E 331 22.49 35.24 15.57
C LYS E 331 21.62 36.08 16.52
N ARG E 332 20.66 36.82 15.96
CA ARG E 332 19.75 37.65 16.76
C ARG E 332 19.12 36.82 17.86
N LEU E 333 18.52 35.70 17.48
CA LEU E 333 17.86 34.84 18.46
C LEU E 333 18.82 34.43 19.56
N LEU E 334 20.03 34.04 19.18
CA LEU E 334 21.04 33.65 20.15
C LEU E 334 21.28 34.78 21.13
N GLU E 335 21.61 35.96 20.60
CA GLU E 335 21.90 37.13 21.41
C GLU E 335 20.81 37.44 22.43
N ASN E 336 19.58 37.03 22.16
CA ASN E 336 18.51 37.32 23.10
C ASN E 336 18.10 36.12 23.94
N LEU E 337 18.90 35.07 23.90
CA LEU E 337 18.60 33.89 24.71
C LEU E 337 18.86 34.24 26.16
N PRO E 338 18.01 33.76 27.08
CA PRO E 338 18.21 34.07 28.50
C PRO E 338 19.56 33.52 28.98
N SER F 19 32.71 3.42 38.49
CA SER F 19 31.74 2.63 37.70
C SER F 19 32.40 2.02 36.48
N HIS F 20 32.40 0.69 36.44
CA HIS F 20 32.98 -0.05 35.34
C HIS F 20 31.88 -0.43 34.35
N MET F 21 31.25 0.58 33.75
CA MET F 21 30.16 0.33 32.80
C MET F 21 30.65 -0.13 31.43
N LYS F 22 30.26 -1.35 31.07
CA LYS F 22 30.65 -1.93 29.79
C LYS F 22 29.44 -1.94 28.84
N LYS F 23 28.25 -1.76 29.40
CA LYS F 23 27.01 -1.73 28.62
C LYS F 23 25.91 -1.12 29.47
N PHE F 24 24.74 -0.94 28.87
CA PHE F 24 23.61 -0.39 29.61
C PHE F 24 22.34 -0.97 29.03
N THR F 25 21.88 -2.07 29.63
CA THR F 25 20.67 -2.73 29.16
C THR F 25 19.66 -2.99 30.26
N CYS F 26 20.14 -3.12 31.49
CA CYS F 26 19.28 -3.37 32.64
C CYS F 26 19.73 -2.52 33.82
N VAL F 27 18.89 -2.40 34.84
CA VAL F 27 19.22 -1.59 36.01
C VAL F 27 20.53 -1.98 36.71
N GLN F 28 20.94 -3.24 36.56
CA GLN F 28 22.20 -3.69 37.20
C GLN F 28 23.39 -2.85 36.71
N ASP F 29 23.41 -2.55 35.42
CA ASP F 29 24.48 -1.78 34.83
C ASP F 29 24.75 -0.40 35.45
N ILE F 30 23.75 0.21 36.07
CA ILE F 30 23.92 1.54 36.65
C ILE F 30 24.61 1.54 38.02
N GLY F 31 24.62 0.39 38.67
CA GLY F 31 25.25 0.29 39.97
C GLY F 31 24.40 0.85 41.10
N ASP F 32 25.05 1.54 42.04
CA ASP F 32 24.38 2.12 43.18
C ASP F 32 23.46 3.28 42.79
N LEU F 33 22.17 3.10 43.02
CA LEU F 33 21.19 4.11 42.66
C LEU F 33 21.48 5.47 43.27
N LYS F 34 21.91 5.49 44.53
CA LYS F 34 22.19 6.74 45.24
C LYS F 34 23.17 7.65 44.49
N SER F 35 24.35 7.12 44.19
CA SER F 35 25.37 7.86 43.49
C SER F 35 24.91 8.19 42.07
N ALA F 36 24.18 7.26 41.47
CA ALA F 36 23.68 7.45 40.12
C ALA F 36 22.77 8.69 40.10
N LEU F 37 21.84 8.74 41.04
CA LEU F 37 20.92 9.87 41.15
C LEU F 37 21.72 11.13 41.43
N ALA F 38 22.80 10.97 42.19
CA ALA F 38 23.66 12.10 42.52
C ALA F 38 24.19 12.74 41.25
N GLU F 39 24.81 11.94 40.40
CA GLU F 39 25.36 12.45 39.14
C GLU F 39 24.25 13.08 38.34
N SER F 40 23.08 12.44 38.35
CA SER F 40 21.94 12.91 37.60
C SER F 40 21.66 14.38 37.94
N PHE F 41 21.34 14.64 39.20
CA PHE F 41 21.04 16.00 39.61
C PHE F 41 22.22 16.94 39.46
N GLU F 42 23.43 16.38 39.48
CA GLU F 42 24.62 17.19 39.30
C GLU F 42 24.56 17.79 37.92
N ILE F 43 24.29 16.93 36.94
CA ILE F 43 24.20 17.32 35.55
C ILE F 43 22.98 18.19 35.24
N LYS F 44 21.87 17.93 35.94
CA LYS F 44 20.68 18.73 35.73
C LYS F 44 21.05 20.17 36.05
N LYS F 45 21.82 20.34 37.13
CA LYS F 45 22.25 21.65 37.58
C LYS F 45 23.29 22.30 36.68
N ASP F 46 24.26 21.51 36.22
CA ASP F 46 25.33 22.01 35.36
C ASP F 46 25.42 21.15 34.11
N ARG F 47 24.52 21.39 33.17
CA ARG F 47 24.45 20.61 31.93
C ARG F 47 25.73 20.29 31.15
N PHE F 48 26.52 21.31 30.84
CA PHE F 48 27.73 21.05 30.06
C PHE F 48 29.00 20.90 30.87
N LYS F 49 28.85 20.58 32.15
CA LYS F 49 30.00 20.40 33.02
C LYS F 49 31.06 19.48 32.44
N TYR F 50 30.64 18.42 31.75
CA TYR F 50 31.61 17.48 31.18
C TYR F 50 31.70 17.53 29.67
N VAL F 51 31.44 18.70 29.11
CA VAL F 51 31.46 18.89 27.67
C VAL F 51 32.78 18.50 26.99
N GLU F 52 33.86 18.41 27.77
CA GLU F 52 35.14 18.05 27.19
C GLU F 52 35.40 16.55 27.28
N LEU F 53 34.69 15.89 28.18
CA LEU F 53 34.86 14.46 28.38
C LEU F 53 34.81 13.62 27.10
N GLY F 54 33.79 13.82 26.27
CA GLY F 54 33.67 13.02 25.07
C GLY F 54 34.27 13.58 23.79
N ARG F 55 35.15 14.57 23.91
CA ARG F 55 35.76 15.15 22.72
C ARG F 55 36.36 14.06 21.84
N ASN F 56 36.15 14.19 20.53
CA ASN F 56 36.65 13.23 19.55
C ASN F 56 36.23 11.79 19.81
N LYS F 57 35.09 11.64 20.47
CA LYS F 57 34.50 10.33 20.74
C LYS F 57 33.20 10.33 19.96
N THR F 58 32.97 9.29 19.18
CA THR F 58 31.79 9.20 18.34
C THR F 58 30.72 8.19 18.76
N LEU F 59 29.50 8.70 18.90
CA LEU F 59 28.35 7.86 19.27
C LEU F 59 27.54 7.54 18.04
N LEU F 60 27.20 6.26 17.88
CA LEU F 60 26.38 5.82 16.75
C LEU F 60 25.02 5.36 17.27
N MET F 61 23.98 6.08 16.89
CA MET F 61 22.62 5.74 17.29
C MET F 61 21.94 5.00 16.14
N ILE F 62 21.50 3.78 16.42
CA ILE F 62 20.85 2.95 15.40
C ILE F 62 19.38 2.70 15.72
N PHE F 63 18.51 3.02 14.77
CA PHE F 63 17.08 2.83 14.97
C PHE F 63 16.44 1.83 14.04
N PHE F 64 15.74 0.85 14.62
CA PHE F 64 15.02 -0.15 13.84
C PHE F 64 13.54 0.20 13.93
N ASN F 65 13.21 1.12 14.85
CA ASN F 65 11.83 1.55 15.06
C ASN F 65 11.74 3.07 15.24
N SER F 66 10.52 3.59 15.20
CA SER F 66 10.28 5.02 15.36
C SER F 66 10.74 5.54 16.73
N SER F 67 10.89 6.86 16.82
CA SER F 67 11.31 7.50 18.06
C SER F 67 11.39 9.02 17.98
N LEU F 68 10.85 9.68 19.00
CA LEU F 68 10.89 11.13 19.09
C LEU F 68 11.80 11.46 20.26
N ARG F 69 11.40 11.05 21.46
CA ARG F 69 12.17 11.31 22.67
C ARG F 69 13.57 10.71 22.67
N THR F 70 13.68 9.41 22.46
CA THR F 70 14.98 8.75 22.46
C THR F 70 15.89 9.34 21.39
N ARG F 71 15.33 9.53 20.20
CA ARG F 71 16.10 10.09 19.08
C ARG F 71 16.69 11.48 19.42
N LEU F 72 15.85 12.34 19.99
CA LEU F 72 16.26 13.67 20.34
C LEU F 72 17.08 13.73 21.63
N SER F 73 16.52 13.21 22.71
CA SER F 73 17.20 13.24 23.99
C SER F 73 18.62 12.67 23.95
N THR F 74 18.81 11.58 23.23
CA THR F 74 20.14 10.98 23.17
C THR F 74 21.16 11.83 22.43
N GLN F 75 20.76 12.53 21.37
CA GLN F 75 21.69 13.38 20.65
C GLN F 75 22.11 14.53 21.56
N LYS F 76 21.14 15.11 22.27
CA LYS F 76 21.44 16.22 23.17
C LYS F 76 22.41 15.74 24.24
N ALA F 77 22.15 14.57 24.81
CA ALA F 77 23.02 14.01 25.85
C ALA F 77 24.45 13.91 25.33
N ALA F 78 24.61 13.34 24.15
CA ALA F 78 25.92 13.18 23.55
C ALA F 78 26.61 14.52 23.36
N LEU F 79 25.84 15.53 22.97
CA LEU F 79 26.41 16.86 22.76
C LEU F 79 26.83 17.47 24.10
N ASN F 80 26.07 17.19 25.15
CA ASN F 80 26.39 17.71 26.48
C ASN F 80 27.79 17.24 26.88
N LEU F 81 28.19 16.09 26.34
CA LEU F 81 29.49 15.52 26.63
C LEU F 81 30.49 15.81 25.51
N GLY F 82 30.15 16.77 24.66
CA GLY F 82 31.03 17.14 23.57
C GLY F 82 31.39 16.03 22.59
N MET F 83 30.48 15.06 22.43
CA MET F 83 30.72 13.95 21.51
C MET F 83 30.30 14.21 20.07
N ASN F 84 30.67 13.29 19.20
CA ASN F 84 30.30 13.34 17.79
C ASN F 84 29.07 12.43 17.73
N VAL F 85 28.06 12.81 16.95
CA VAL F 85 26.87 11.98 16.86
C VAL F 85 26.52 11.60 15.45
N ILE F 86 26.24 10.33 15.25
CA ILE F 86 25.83 9.83 13.94
C ILE F 86 24.57 9.03 14.13
N VAL F 87 23.44 9.54 13.64
CA VAL F 87 22.18 8.82 13.76
C VAL F 87 21.94 8.03 12.49
N LEU F 88 21.74 6.73 12.64
CA LEU F 88 21.52 5.88 11.49
C LEU F 88 20.15 5.23 11.56
N ASP F 89 19.32 5.57 10.58
CA ASP F 89 17.99 4.99 10.48
C ASP F 89 18.09 3.86 9.49
N ILE F 90 18.62 2.75 9.98
CA ILE F 90 18.78 1.57 9.16
C ILE F 90 17.40 1.32 8.58
N ASN F 91 17.34 0.76 7.38
CA ASN F 91 16.07 0.47 6.70
C ASN F 91 15.70 1.60 5.76
N GLN F 92 16.08 2.81 6.11
CA GLN F 92 15.77 3.93 5.24
C GLN F 92 16.97 4.25 4.36
N GLY F 93 18.09 4.59 4.99
CA GLY F 93 19.29 4.91 4.24
C GLY F 93 20.21 3.73 3.92
N ALA F 94 20.15 2.67 4.72
CA ALA F 94 21.00 1.51 4.51
C ALA F 94 20.28 0.35 3.84
N TRP F 95 20.79 -0.86 4.05
CA TRP F 95 20.20 -2.05 3.45
C TRP F 95 19.45 -2.90 4.49
N LYS F 96 18.25 -3.36 4.14
CA LYS F 96 17.44 -4.20 5.05
C LYS F 96 18.30 -5.41 5.39
N LEU F 97 18.36 -5.73 6.67
CA LEU F 97 19.18 -6.84 7.11
C LEU F 97 18.49 -8.19 7.19
N GLU F 98 19.28 -9.24 6.96
CA GLU F 98 18.79 -10.61 7.07
C GLU F 98 19.23 -11.00 8.47
N THR F 99 18.27 -11.24 9.33
CA THR F 99 18.54 -11.58 10.72
C THR F 99 18.88 -13.03 10.99
N GLU F 100 18.27 -13.94 10.26
CA GLU F 100 18.49 -15.38 10.45
C GLU F 100 19.80 -15.88 9.86
N ARG F 101 20.49 -16.76 10.58
CA ARG F 101 21.75 -17.29 10.09
C ARG F 101 21.62 -18.60 9.31
N GLY F 102 22.52 -18.79 8.34
CA GLY F 102 22.51 -20.01 7.55
C GLY F 102 21.45 -20.07 6.48
N VAL F 103 20.91 -18.93 6.10
CA VAL F 103 19.87 -18.88 5.08
C VAL F 103 20.53 -18.53 3.76
N ILE F 104 19.88 -18.83 2.64
CA ILE F 104 20.46 -18.46 1.35
C ILE F 104 19.86 -17.08 1.03
N MET F 105 20.70 -16.06 1.07
CA MET F 105 20.23 -14.72 0.81
C MET F 105 19.95 -14.46 -0.67
N ASP F 106 19.01 -15.23 -1.20
CA ASP F 106 18.62 -15.11 -2.61
C ASP F 106 17.26 -14.45 -2.70
N GLY F 107 17.07 -13.39 -1.93
CA GLY F 107 15.80 -12.72 -1.98
C GLY F 107 15.82 -11.26 -1.59
N ASP F 108 14.83 -10.91 -0.77
CA ASP F 108 14.60 -9.58 -0.28
C ASP F 108 15.81 -8.79 0.26
N LYS F 109 16.56 -9.40 1.17
CA LYS F 109 17.71 -8.76 1.81
C LYS F 109 19.05 -8.73 1.08
N GLU F 110 19.77 -7.62 1.24
CA GLU F 110 21.07 -7.43 0.62
C GLU F 110 22.24 -7.65 1.57
N GLU F 111 22.00 -7.39 2.85
CA GLU F 111 23.05 -7.54 3.85
C GLU F 111 22.61 -8.37 5.04
N HIS F 112 23.55 -9.09 5.64
CA HIS F 112 23.22 -9.90 6.80
C HIS F 112 23.66 -9.19 8.08
N LEU F 113 22.86 -9.36 9.13
CA LEU F 113 23.13 -8.74 10.41
C LEU F 113 24.55 -9.07 10.89
N LEU F 114 25.00 -10.28 10.55
CA LEU F 114 26.33 -10.72 10.96
C LEU F 114 27.47 -9.85 10.45
N GLU F 115 27.32 -9.24 9.28
CA GLU F 115 28.38 -8.37 8.76
C GLU F 115 28.09 -6.95 9.27
N ALA F 116 26.81 -6.57 9.17
CA ALA F 116 26.36 -5.24 9.57
C ALA F 116 26.83 -4.78 10.94
N ILE F 117 26.57 -5.56 11.98
CA ILE F 117 26.96 -5.18 13.32
C ILE F 117 28.47 -4.87 13.44
N PRO F 118 29.34 -5.82 13.04
CA PRO F 118 30.78 -5.59 13.13
C PRO F 118 31.18 -4.35 12.34
N VAL F 119 30.63 -4.22 11.14
CA VAL F 119 30.94 -3.08 10.29
C VAL F 119 30.63 -1.76 10.99
N MET F 120 29.43 -1.66 11.54
CA MET F 120 29.02 -0.44 12.22
C MET F 120 29.96 -0.12 13.37
N GLY F 121 30.41 -1.15 14.08
CA GLY F 121 31.30 -0.93 15.19
C GLY F 121 32.62 -0.31 14.77
N CYS F 122 32.97 -0.49 13.50
CA CYS F 122 34.21 0.05 12.96
C CYS F 122 34.32 1.57 12.98
N TYR F 123 33.20 2.27 12.93
CA TYR F 123 33.25 3.72 12.86
C TYR F 123 32.82 4.55 14.05
N CYS F 124 32.66 3.91 15.21
CA CYS F 124 32.26 4.66 16.40
C CYS F 124 32.94 4.14 17.67
N ASP F 125 32.65 4.79 18.79
CA ASP F 125 33.23 4.39 20.07
C ASP F 125 32.15 3.77 20.95
N ILE F 126 30.92 4.25 20.79
CA ILE F 126 29.80 3.76 21.57
C ILE F 126 28.60 3.59 20.64
N ILE F 127 27.78 2.58 20.90
CA ILE F 127 26.61 2.32 20.08
C ILE F 127 25.31 2.29 20.88
N GLY F 128 24.29 2.93 20.31
CA GLY F 128 22.97 2.95 20.92
C GLY F 128 22.04 2.23 19.96
N VAL F 129 21.30 1.26 20.45
CA VAL F 129 20.40 0.51 19.57
C VAL F 129 18.98 0.47 20.08
N ARG F 130 18.03 0.67 19.19
CA ARG F 130 16.61 0.57 19.55
C ARG F 130 16.06 -0.56 18.67
N SER F 131 15.50 -1.58 19.29
CA SER F 131 14.95 -2.69 18.54
C SER F 131 13.80 -3.28 19.31
N PHE F 132 12.59 -2.85 18.95
CA PHE F 132 11.37 -3.32 19.58
C PHE F 132 11.20 -4.82 19.46
N ALA F 133 10.48 -5.40 20.41
CA ALA F 133 10.20 -6.83 20.38
C ALA F 133 9.44 -7.07 19.07
N ARG F 134 9.70 -8.18 18.40
CA ARG F 134 9.01 -8.45 17.15
C ARG F 134 7.71 -9.24 17.33
N PHE F 135 7.51 -9.78 18.54
CA PHE F 135 6.31 -10.56 18.82
C PHE F 135 6.11 -11.75 17.89
N GLU F 136 7.18 -12.29 17.34
CA GLU F 136 7.07 -13.44 16.44
C GLU F 136 7.35 -14.72 17.21
N ASN F 137 8.27 -14.63 18.17
CA ASN F 137 8.67 -15.75 18.98
C ASN F 137 9.09 -15.22 20.35
N ARG F 138 8.36 -15.59 21.39
CA ARG F 138 8.68 -15.10 22.73
C ARG F 138 10.13 -15.32 23.12
N GLU F 139 10.65 -16.52 22.86
CA GLU F 139 12.02 -16.82 23.23
C GLU F 139 13.00 -15.85 22.55
N TYR F 140 12.85 -15.70 21.25
CA TYR F 140 13.70 -14.79 20.49
C TYR F 140 13.69 -13.40 21.11
N ASP F 141 12.49 -12.92 21.42
CA ASP F 141 12.35 -11.61 22.01
C ASP F 141 12.96 -11.54 23.40
N TYR F 142 12.50 -12.43 24.28
CA TYR F 142 13.01 -12.40 25.64
C TYR F 142 14.48 -12.80 25.84
N ASN F 143 15.05 -13.51 24.87
CA ASN F 143 16.46 -13.85 24.99
C ASN F 143 17.23 -12.66 24.48
N GLU F 144 16.49 -11.66 24.01
CA GLU F 144 17.07 -10.42 23.50
C GLU F 144 18.20 -10.70 22.51
N VAL F 145 17.91 -11.57 21.55
CA VAL F 145 18.87 -11.95 20.54
C VAL F 145 19.58 -10.80 19.84
N ILE F 146 18.80 -9.89 19.26
CA ILE F 146 19.40 -8.78 18.55
C ILE F 146 20.31 -7.89 19.38
N ILE F 147 19.75 -7.25 20.41
CA ILE F 147 20.53 -6.38 21.27
C ILE F 147 21.80 -7.07 21.74
N ASN F 148 21.71 -8.37 22.00
CA ASN F 148 22.88 -9.15 22.45
C ASN F 148 23.92 -9.34 21.38
N GLN F 149 23.50 -9.42 20.13
CA GLN F 149 24.46 -9.59 19.06
C GLN F 149 25.25 -8.33 18.85
N PHE F 150 24.66 -7.18 19.17
CA PHE F 150 25.40 -5.94 19.04
C PHE F 150 26.46 -5.98 20.13
N ILE F 151 26.06 -6.42 21.31
CA ILE F 151 26.97 -6.53 22.43
C ILE F 151 28.08 -7.51 22.08
N GLN F 152 27.71 -8.62 21.46
CA GLN F 152 28.66 -9.65 21.08
C GLN F 152 29.60 -9.34 19.93
N HIS F 153 29.08 -8.75 18.87
CA HIS F 153 29.90 -8.49 17.70
C HIS F 153 30.18 -7.06 17.25
N SER F 154 29.61 -6.07 17.91
CA SER F 154 29.86 -4.69 17.50
C SER F 154 31.30 -4.27 17.86
N GLY F 155 31.81 -4.85 18.93
CA GLY F 155 33.16 -4.52 19.36
C GLY F 155 33.16 -3.18 20.06
N ARG F 156 31.99 -2.74 20.50
CA ARG F 156 31.86 -1.46 21.20
C ARG F 156 30.90 -1.55 22.37
N PRO F 157 30.95 -0.56 23.28
CA PRO F 157 30.03 -0.60 24.41
C PRO F 157 28.66 -0.34 23.80
N VAL F 158 27.65 -1.09 24.22
CA VAL F 158 26.31 -0.92 23.67
C VAL F 158 25.32 -0.53 24.74
N PHE F 159 24.46 0.44 24.44
CA PHE F 159 23.43 0.80 25.40
C PHE F 159 22.07 0.70 24.69
N SER F 160 21.08 0.28 25.46
CA SER F 160 19.73 0.07 24.94
C SER F 160 18.86 1.34 24.80
N MET F 161 18.31 1.53 23.60
CA MET F 161 17.41 2.66 23.34
C MET F 161 16.01 2.05 23.30
N GLU F 162 15.90 0.92 23.97
CA GLU F 162 14.71 0.08 24.14
C GLU F 162 14.91 -1.18 23.33
N ALA F 163 15.03 -2.29 24.04
CA ALA F 163 15.21 -3.58 23.41
C ALA F 163 13.85 -4.28 23.41
N ALA F 164 13.86 -5.60 23.31
CA ALA F 164 12.61 -6.32 23.28
C ALA F 164 11.94 -6.41 24.63
N THR F 165 12.72 -6.41 25.72
CA THR F 165 12.13 -6.56 27.05
C THR F 165 12.44 -5.51 28.10
N ARG F 166 13.31 -4.56 27.78
CA ARG F 166 13.67 -3.51 28.74
C ARG F 166 13.82 -2.17 28.05
N HIS F 167 13.97 -1.12 28.84
CA HIS F 167 14.15 0.24 28.31
C HIS F 167 14.76 1.04 29.45
N PRO F 168 15.95 0.63 29.91
CA PRO F 168 16.67 1.28 31.02
C PRO F 168 16.77 2.79 30.93
N LEU F 169 17.12 3.32 29.76
CA LEU F 169 17.23 4.78 29.62
C LEU F 169 15.96 5.49 30.09
N GLN F 170 14.82 4.88 29.80
CA GLN F 170 13.53 5.44 30.20
C GLN F 170 13.31 5.32 31.69
N SER F 171 13.39 4.09 32.20
CA SER F 171 13.19 3.82 33.61
C SER F 171 14.08 4.70 34.48
N PHE F 172 15.36 4.81 34.11
CA PHE F 172 16.32 5.63 34.84
C PHE F 172 15.77 7.05 34.95
N ALA F 173 15.25 7.58 33.85
CA ALA F 173 14.68 8.92 33.87
C ALA F 173 13.45 8.95 34.78
N ASP F 174 12.62 7.93 34.68
CA ASP F 174 11.43 7.86 35.52
C ASP F 174 11.85 7.94 36.98
N LEU F 175 12.93 7.23 37.31
CA LEU F 175 13.43 7.22 38.68
C LEU F 175 13.84 8.63 39.06
N ILE F 176 14.64 9.25 38.21
CA ILE F 176 15.09 10.60 38.46
C ILE F 176 13.93 11.54 38.70
N THR F 177 12.88 11.45 37.88
CA THR F 177 11.76 12.36 38.07
C THR F 177 10.94 12.07 39.33
N ILE F 178 10.84 10.81 39.75
CA ILE F 178 10.08 10.50 40.96
C ILE F 178 10.82 11.06 42.16
N GLU F 179 12.13 10.87 42.19
CA GLU F 179 12.94 11.40 43.28
C GLU F 179 12.79 12.91 43.28
N GLU F 180 12.89 13.48 42.09
CA GLU F 180 12.77 14.91 41.89
C GLU F 180 11.46 15.50 42.41
N TYR F 181 10.35 14.75 42.30
CA TYR F 181 9.04 15.25 42.73
C TYR F 181 8.42 14.65 43.98
N LYS F 182 8.92 13.51 44.44
CA LYS F 182 8.34 12.86 45.61
C LYS F 182 8.24 13.77 46.83
N LYS F 183 7.15 13.58 47.58
CA LYS F 183 6.89 14.35 48.79
C LYS F 183 7.35 13.66 50.07
N THR F 184 7.64 12.37 49.96
CA THR F 184 8.13 11.59 51.10
C THR F 184 9.24 10.66 50.64
N ALA F 185 9.94 10.07 51.60
CA ALA F 185 11.06 9.18 51.31
C ALA F 185 10.68 7.96 50.48
N ARG F 186 9.59 7.30 50.84
CA ARG F 186 9.18 6.10 50.12
C ARG F 186 7.73 6.13 49.65
N PRO F 187 7.46 6.90 48.58
CA PRO F 187 6.11 7.03 48.01
C PRO F 187 5.51 5.73 47.51
N LYS F 188 4.20 5.75 47.29
CA LYS F 188 3.50 4.59 46.76
C LYS F 188 3.43 4.85 45.25
N VAL F 189 4.14 4.03 44.50
CA VAL F 189 4.17 4.16 43.06
C VAL F 189 3.38 3.01 42.43
N VAL F 190 2.33 3.38 41.70
CA VAL F 190 1.47 2.38 41.06
C VAL F 190 1.59 2.37 39.54
N MET F 191 1.94 1.22 38.98
CA MET F 191 2.02 1.09 37.53
C MET F 191 0.70 0.47 37.09
N THR F 192 0.01 1.14 36.17
CA THR F 192 -1.27 0.65 35.70
C THR F 192 -1.35 0.44 34.20
N TRP F 193 -1.94 -0.68 33.82
CA TRP F 193 -2.15 -1.01 32.42
C TRP F 193 -3.25 -0.04 31.95
N ALA F 194 -3.37 0.10 30.63
CA ALA F 194 -4.39 0.96 30.01
C ALA F 194 -4.62 0.37 28.62
N PRO F 195 -5.80 0.58 28.04
CA PRO F 195 -6.13 0.05 26.72
C PRO F 195 -5.42 0.73 25.55
N HIS F 196 -5.09 -0.06 24.53
CA HIS F 196 -4.41 0.45 23.34
C HIS F 196 -4.87 -0.39 22.14
N PRO F 197 -5.09 0.24 20.98
CA PRO F 197 -5.55 -0.47 19.78
C PRO F 197 -4.55 -1.40 19.11
N ARG F 198 -3.28 -1.27 19.44
CA ARG F 198 -2.27 -2.13 18.85
C ARG F 198 -1.51 -2.88 19.95
N PRO F 199 -0.94 -4.04 19.61
CA PRO F 199 -0.19 -4.82 20.60
C PRO F 199 1.19 -4.20 20.84
N LEU F 200 1.42 -3.72 22.06
CA LEU F 200 2.69 -3.08 22.38
C LEU F 200 3.60 -3.98 23.22
N PRO F 201 4.94 -3.79 23.09
CA PRO F 201 5.92 -4.59 23.85
C PRO F 201 5.71 -4.39 25.33
N GLN F 202 6.24 -5.30 26.14
CA GLN F 202 6.13 -5.14 27.59
C GLN F 202 7.47 -4.61 28.11
N ALA F 203 8.28 -4.10 27.18
CA ALA F 203 9.60 -3.55 27.51
C ALA F 203 9.56 -2.44 28.54
N VAL F 204 8.68 -1.46 28.34
CA VAL F 204 8.57 -0.36 29.30
C VAL F 204 8.10 -0.84 30.68
N PRO F 205 7.01 -1.62 30.72
CA PRO F 205 6.49 -2.12 32.00
C PRO F 205 7.54 -2.98 32.69
N ASN F 206 8.15 -3.91 31.96
CA ASN F 206 9.18 -4.77 32.52
C ASN F 206 10.25 -3.90 33.16
N SER F 207 10.80 -2.98 32.36
CA SER F 207 11.84 -2.08 32.79
C SER F 207 11.46 -1.25 34.00
N PHE F 208 10.26 -0.67 34.00
CA PHE F 208 9.81 0.13 35.12
C PHE F 208 9.78 -0.70 36.41
N ALA F 209 9.15 -1.87 36.36
CA ALA F 209 9.08 -2.73 37.54
C ALA F 209 10.49 -3.04 38.01
N GLU F 210 11.33 -3.50 37.09
CA GLU F 210 12.71 -3.83 37.41
C GLU F 210 13.37 -2.72 38.23
N TRP F 211 13.22 -1.48 37.79
CA TRP F 211 13.82 -0.37 38.50
C TRP F 211 13.10 -0.05 39.81
N MET F 212 11.76 -0.03 39.80
CA MET F 212 11.04 0.26 41.02
C MET F 212 11.39 -0.77 42.07
N ASN F 213 11.42 -2.05 41.68
CA ASN F 213 11.76 -3.11 42.63
C ASN F 213 13.13 -2.89 43.24
N ALA F 214 13.97 -2.12 42.56
CA ALA F 214 15.31 -1.83 43.06
C ALA F 214 15.31 -0.68 44.06
N THR F 215 14.16 -0.05 44.26
CA THR F 215 14.06 1.04 45.21
C THR F 215 13.33 0.56 46.45
N ASP F 216 13.21 1.47 47.41
CA ASP F 216 12.55 1.18 48.65
C ASP F 216 11.14 1.79 48.63
N TYR F 217 10.65 2.08 47.41
CA TYR F 217 9.31 2.63 47.25
C TYR F 217 8.27 1.54 47.48
N GLU F 218 7.02 1.95 47.70
CA GLU F 218 5.95 0.98 47.86
C GLU F 218 5.46 0.80 46.44
N PHE F 219 5.84 -0.30 45.81
CA PHE F 219 5.48 -0.55 44.42
C PHE F 219 4.34 -1.52 44.19
N VAL F 220 3.35 -1.07 43.41
CA VAL F 220 2.18 -1.87 43.08
C VAL F 220 1.92 -1.89 41.58
N ILE F 221 1.60 -3.07 41.05
CA ILE F 221 1.31 -3.23 39.63
C ILE F 221 -0.15 -3.64 39.49
N THR F 222 -0.90 -2.90 38.66
CA THR F 222 -2.31 -3.21 38.47
C THR F 222 -2.65 -3.36 36.98
N HIS F 223 -3.20 -4.52 36.62
CA HIS F 223 -3.57 -4.79 35.24
C HIS F 223 -4.71 -5.79 35.16
N PRO F 224 -5.37 -5.89 34.00
CA PRO F 224 -6.47 -6.84 33.85
C PRO F 224 -5.99 -8.27 33.90
N GLU F 225 -6.93 -9.19 34.15
CA GLU F 225 -6.62 -10.60 34.20
C GLU F 225 -6.01 -11.02 32.87
N GLY F 226 -4.98 -11.85 32.92
CA GLY F 226 -4.36 -12.31 31.69
C GLY F 226 -3.14 -11.51 31.25
N TYR F 227 -3.00 -10.30 31.79
CA TYR F 227 -1.89 -9.45 31.43
C TYR F 227 -0.70 -9.50 32.38
N GLU F 228 -0.51 -10.58 33.11
CA GLU F 228 0.62 -10.61 34.01
C GLU F 228 1.93 -10.65 33.24
N LEU F 229 2.89 -9.88 33.74
CA LEU F 229 4.22 -9.76 33.13
C LEU F 229 5.11 -10.91 33.59
N ASP F 230 6.23 -11.07 32.89
CA ASP F 230 7.18 -12.13 33.25
C ASP F 230 7.57 -11.97 34.71
N PRO F 231 7.48 -13.06 35.49
CA PRO F 231 7.82 -13.07 36.91
C PRO F 231 9.16 -12.42 37.26
N LYS F 232 10.21 -12.72 36.48
CA LYS F 232 11.52 -12.17 36.77
C LYS F 232 11.50 -10.65 36.83
N PHE F 233 10.52 -10.03 36.18
CA PHE F 233 10.44 -8.58 36.21
C PHE F 233 9.51 -8.13 37.32
N VAL F 234 8.39 -8.82 37.45
CA VAL F 234 7.42 -8.48 38.48
C VAL F 234 8.10 -8.50 39.82
N GLY F 235 9.02 -9.45 39.98
CA GLY F 235 9.72 -9.56 41.24
C GLY F 235 8.69 -9.85 42.31
N ASN F 236 8.80 -9.16 43.43
CA ASN F 236 7.84 -9.37 44.51
C ASN F 236 7.01 -8.11 44.71
N ALA F 237 6.66 -7.46 43.61
CA ALA F 237 5.82 -6.27 43.69
C ALA F 237 4.39 -6.76 43.85
N ARG F 238 3.58 -6.00 44.58
CA ARG F 238 2.18 -6.36 44.79
C ARG F 238 1.42 -6.22 43.48
N VAL F 239 0.66 -7.23 43.12
CA VAL F 239 -0.11 -7.19 41.88
C VAL F 239 -1.59 -7.12 42.24
N GLU F 240 -2.22 -5.99 41.94
CA GLU F 240 -3.64 -5.78 42.25
C GLU F 240 -4.47 -5.81 40.97
N TYR F 241 -5.43 -6.72 40.88
CA TYR F 241 -6.27 -6.81 39.69
C TYR F 241 -7.39 -5.79 39.70
N ASP F 242 -7.60 -5.13 40.84
CA ASP F 242 -8.62 -4.10 40.96
C ASP F 242 -7.91 -2.76 40.82
N GLN F 243 -8.11 -2.10 39.69
CA GLN F 243 -7.44 -0.83 39.45
C GLN F 243 -7.74 0.18 40.55
N MET F 244 -9.03 0.41 40.82
CA MET F 244 -9.40 1.36 41.86
C MET F 244 -8.73 1.08 43.21
N LYS F 245 -8.52 -0.18 43.53
CA LYS F 245 -7.87 -0.53 44.79
C LYS F 245 -6.41 -0.11 44.78
N ALA F 246 -5.71 -0.48 43.72
CA ALA F 246 -4.31 -0.15 43.60
C ALA F 246 -4.09 1.34 43.70
N PHE F 247 -4.96 2.11 43.05
CA PHE F 247 -4.85 3.57 43.04
C PHE F 247 -5.00 4.26 44.38
N GLU F 248 -5.73 3.63 45.30
CA GLU F 248 -5.94 4.21 46.63
C GLU F 248 -4.69 4.76 47.29
N GLY F 249 -4.69 6.06 47.53
CA GLY F 249 -3.58 6.72 48.18
C GLY F 249 -2.24 6.65 47.49
N ALA F 250 -2.24 6.49 46.18
CA ALA F 250 -0.97 6.42 45.46
C ALA F 250 -0.36 7.81 45.39
N ASP F 251 0.97 7.87 45.27
CA ASP F 251 1.66 9.16 45.17
C ASP F 251 2.10 9.40 43.74
N PHE F 252 2.20 8.30 43.00
CA PHE F 252 2.59 8.37 41.60
C PHE F 252 1.84 7.30 40.80
N ILE F 253 1.33 7.70 39.64
CA ILE F 253 0.64 6.78 38.75
C ILE F 253 1.44 6.72 37.44
N TYR F 254 1.95 5.54 37.14
CA TYR F 254 2.73 5.33 35.92
C TYR F 254 1.88 4.44 35.02
N ALA F 255 1.24 5.05 34.03
CA ALA F 255 0.39 4.29 33.12
C ALA F 255 1.15 3.88 31.87
N LYS F 256 0.80 2.71 31.33
CA LYS F 256 1.44 2.20 30.13
C LYS F 256 0.75 0.94 29.65
N ASN F 257 0.47 0.85 28.35
CA ASN F 257 -0.17 -0.35 27.85
C ASN F 257 0.87 -1.35 27.39
N TRP F 258 0.47 -2.62 27.36
CA TRP F 258 1.36 -3.68 26.90
C TRP F 258 0.50 -4.86 26.51
N ALA F 259 0.92 -5.59 25.48
CA ALA F 259 0.19 -6.75 25.01
C ALA F 259 0.42 -7.92 25.97
N ALA F 260 -0.45 -8.93 25.90
CA ALA F 260 -0.33 -10.08 26.77
C ALA F 260 1.05 -10.71 26.64
N TYR F 261 1.43 -11.50 27.65
CA TYR F 261 2.74 -12.15 27.69
C TYR F 261 2.67 -13.65 27.96
N LEU F 262 1.75 -14.06 28.82
CA LEU F 262 1.57 -15.46 29.18
C LEU F 262 1.15 -16.43 28.07
N GLY F 263 1.70 -17.65 28.16
CA GLY F 263 1.39 -18.72 27.23
C GLY F 263 0.92 -18.41 25.82
N ASP F 264 -0.28 -18.89 25.50
CA ASP F 264 -0.85 -18.72 24.17
C ASP F 264 -1.17 -17.31 23.69
N ASN F 265 -1.04 -16.31 24.54
CA ASN F 265 -1.37 -14.96 24.12
C ASN F 265 -0.20 -14.02 23.95
N TYR F 266 1.01 -14.56 23.91
CA TYR F 266 2.16 -13.70 23.75
C TYR F 266 1.96 -12.70 22.61
N GLY F 267 2.18 -11.43 22.91
CA GLY F 267 2.05 -10.39 21.91
C GLY F 267 0.63 -10.12 21.42
N GLN F 268 -0.37 -10.44 22.23
CA GLN F 268 -1.74 -10.22 21.80
C GLN F 268 -2.59 -9.31 22.65
N ILE F 269 -3.57 -8.69 22.00
CA ILE F 269 -4.50 -7.81 22.70
C ILE F 269 -5.64 -8.65 23.28
N LEU F 270 -5.70 -8.75 24.59
CA LEU F 270 -6.74 -9.51 25.26
C LEU F 270 -7.92 -8.61 25.59
N SER F 271 -7.65 -7.30 25.69
CA SER F 271 -8.70 -6.36 26.00
C SER F 271 -8.39 -4.92 25.58
N THR F 272 -9.45 -4.13 25.46
CA THR F 272 -9.34 -2.73 25.12
C THR F 272 -10.35 -2.04 26.01
N ASP F 273 -10.51 -2.60 27.20
CA ASP F 273 -11.45 -2.10 28.20
C ASP F 273 -11.14 -0.65 28.55
N ARG F 274 -11.95 0.26 28.00
CA ARG F 274 -11.76 1.67 28.22
C ARG F 274 -12.03 2.10 29.68
N ASN F 275 -12.38 1.15 30.54
CA ASN F 275 -12.62 1.46 31.94
C ASN F 275 -11.29 1.65 32.65
N TRP F 276 -10.22 1.13 32.05
CA TRP F 276 -8.91 1.27 32.63
C TRP F 276 -8.27 2.58 32.21
N THR F 277 -8.90 3.28 31.28
CA THR F 277 -8.32 4.54 30.85
C THR F 277 -8.19 5.40 32.09
N VAL F 278 -6.97 5.81 32.41
CA VAL F 278 -6.75 6.63 33.60
C VAL F 278 -7.46 7.96 33.45
N GLY F 279 -8.59 8.08 34.14
CA GLY F 279 -9.35 9.31 34.10
C GLY F 279 -9.43 9.90 35.49
N ASP F 280 -10.24 10.94 35.66
CA ASP F 280 -10.37 11.56 36.95
C ASP F 280 -10.92 10.59 38.00
N ARG F 281 -11.84 9.73 37.58
CA ARG F 281 -12.45 8.75 38.46
C ARG F 281 -11.42 8.02 39.32
N GLN F 282 -10.34 7.59 38.69
CA GLN F 282 -9.31 6.85 39.42
C GLN F 282 -8.35 7.76 40.16
N MET F 283 -7.94 8.85 39.53
CA MET F 283 -7.01 9.78 40.17
C MET F 283 -7.58 10.27 41.51
N ALA F 284 -8.88 10.51 41.54
CA ALA F 284 -9.56 10.98 42.75
C ALA F 284 -9.22 10.13 43.98
N VAL F 285 -9.17 8.83 43.79
CA VAL F 285 -8.89 7.91 44.88
C VAL F 285 -7.41 7.92 45.31
N THR F 286 -6.56 8.58 44.54
CA THR F 286 -5.15 8.61 44.90
C THR F 286 -4.90 9.73 45.90
N ASN F 287 -3.68 9.77 46.41
CA ASN F 287 -3.26 10.80 47.36
C ASN F 287 -2.78 12.01 46.57
N ASN F 288 -3.64 12.48 45.67
CA ASN F 288 -3.32 13.60 44.80
C ASN F 288 -2.00 13.27 44.13
N ALA F 289 -1.90 12.04 43.64
CA ALA F 289 -0.71 11.54 42.98
C ALA F 289 -0.37 12.25 41.67
N TYR F 290 0.89 12.19 41.29
CA TYR F 290 1.34 12.79 40.05
C TYR F 290 1.03 11.78 38.97
N PHE F 291 0.95 12.23 37.72
CA PHE F 291 0.69 11.32 36.63
C PHE F 291 1.93 11.25 35.75
N MET F 292 2.34 10.04 35.43
CA MET F 292 3.52 9.82 34.59
C MET F 292 3.25 8.88 33.44
N HIS F 293 4.02 9.07 32.37
CA HIS F 293 3.93 8.24 31.18
C HIS F 293 5.16 8.53 30.33
N CYS F 294 5.75 7.48 29.78
CA CYS F 294 6.95 7.62 28.96
C CYS F 294 6.74 8.31 27.62
N LEU F 295 5.49 8.33 27.15
CA LEU F 295 5.18 8.94 25.86
C LEU F 295 5.80 8.08 24.76
N PRO F 296 5.17 8.02 23.58
CA PRO F 296 3.93 8.67 23.12
C PRO F 296 2.73 8.20 23.92
N VAL F 297 1.68 9.02 23.97
CA VAL F 297 0.48 8.65 24.69
C VAL F 297 -0.73 8.93 23.82
N ARG F 298 -1.65 7.99 23.77
CA ARG F 298 -2.87 8.18 23.02
C ARG F 298 -3.88 8.76 24.02
N ARG F 299 -4.26 10.01 23.79
CA ARG F 299 -5.20 10.69 24.68
C ARG F 299 -6.58 10.05 24.64
N ASN F 300 -7.19 9.95 25.82
CA ASN F 300 -8.53 9.36 25.96
C ASN F 300 -8.55 7.87 25.61
N MET F 301 -7.42 7.22 25.87
CA MET F 301 -7.23 5.81 25.64
C MET F 301 -6.45 5.36 26.84
N ILE F 302 -5.25 5.94 26.99
CA ILE F 302 -4.39 5.62 28.10
C ILE F 302 -4.78 6.54 29.27
N VAL F 303 -4.93 7.81 28.97
CA VAL F 303 -5.29 8.78 30.00
C VAL F 303 -6.16 9.91 29.44
N THR F 304 -7.03 10.44 30.31
CA THR F 304 -7.94 11.52 29.96
C THR F 304 -7.21 12.81 29.61
N ASP F 305 -7.80 13.61 28.72
CA ASP F 305 -7.22 14.89 28.35
C ASP F 305 -7.00 15.69 29.63
N ASP F 306 -8.06 15.75 30.45
CA ASP F 306 -8.03 16.48 31.71
C ASP F 306 -6.93 16.02 32.66
N VAL F 307 -6.76 14.70 32.81
CA VAL F 307 -5.73 14.19 33.70
C VAL F 307 -4.34 14.60 33.22
N ILE F 308 -4.05 14.33 31.97
CA ILE F 308 -2.74 14.65 31.43
C ILE F 308 -2.50 16.16 31.41
N GLU F 309 -3.56 16.95 31.28
CA GLU F 309 -3.39 18.39 31.24
C GLU F 309 -3.41 19.00 32.63
N SER F 310 -3.82 18.20 33.62
CA SER F 310 -3.89 18.68 35.00
C SER F 310 -2.48 18.99 35.48
N PRO F 311 -2.39 19.81 36.53
CA PRO F 311 -1.07 20.15 37.07
C PRO F 311 -0.36 18.97 37.72
N GLN F 312 -1.10 17.91 38.04
CA GLN F 312 -0.47 16.73 38.65
C GLN F 312 0.31 15.92 37.61
N SER F 313 0.11 16.26 36.34
CA SER F 313 0.79 15.57 35.26
C SER F 313 2.22 16.10 35.09
N ILE F 314 3.19 15.22 35.29
CA ILE F 314 4.58 15.60 35.16
C ILE F 314 5.19 14.92 33.95
N VAL F 315 4.32 14.60 33.00
CA VAL F 315 4.69 13.96 31.76
C VAL F 315 5.88 14.62 31.05
N ILE F 316 5.85 15.95 30.95
CA ILE F 316 6.94 16.67 30.29
C ILE F 316 8.24 16.67 31.11
N PRO F 317 8.16 17.05 32.39
CA PRO F 317 9.36 17.06 33.24
C PRO F 317 10.03 15.69 33.18
N GLU F 318 9.18 14.66 33.05
CA GLU F 318 9.64 13.28 32.96
C GLU F 318 10.45 13.18 31.68
N ALA F 319 9.79 13.43 30.55
CA ALA F 319 10.42 13.37 29.24
C ALA F 319 11.74 14.13 29.25
N ALA F 320 11.71 15.30 29.87
CA ALA F 320 12.90 16.14 29.97
C ALA F 320 14.07 15.38 30.58
N ASN F 321 13.81 14.63 31.65
CA ASN F 321 14.84 13.86 32.33
C ASN F 321 15.50 12.80 31.45
N ARG F 322 14.91 12.50 30.31
CA ARG F 322 15.51 11.52 29.42
C ARG F 322 16.89 12.02 29.00
N GLU F 323 17.05 13.34 28.92
CA GLU F 323 18.33 13.95 28.54
C GLU F 323 19.35 13.65 29.62
N ILE F 324 18.90 13.72 30.87
CA ILE F 324 19.76 13.48 32.02
C ILE F 324 20.21 12.03 32.10
N SER F 325 19.24 11.10 32.15
CA SER F 325 19.56 9.69 32.23
C SER F 325 20.56 9.33 31.13
N ALA F 326 20.35 9.86 29.93
CA ALA F 326 21.23 9.57 28.81
C ALA F 326 22.61 10.16 29.03
N THR F 327 22.67 11.40 29.49
CA THR F 327 23.95 12.06 29.73
C THR F 327 24.78 11.27 30.76
N VAL F 328 24.14 10.84 31.84
CA VAL F 328 24.83 10.07 32.87
C VAL F 328 25.37 8.75 32.27
N VAL F 329 24.50 7.95 31.66
CA VAL F 329 24.91 6.68 31.06
C VAL F 329 26.03 6.88 30.06
N LEU F 330 25.86 7.86 29.18
CA LEU F 330 26.87 8.14 28.18
C LEU F 330 28.18 8.51 28.87
N LYS F 331 28.11 9.37 29.89
CA LYS F 331 29.29 9.77 30.64
C LYS F 331 29.99 8.54 31.21
N ARG F 332 29.25 7.70 31.93
CA ARG F 332 29.82 6.48 32.52
C ARG F 332 30.52 5.66 31.44
N LEU F 333 29.83 5.39 30.34
CA LEU F 333 30.41 4.61 29.26
C LEU F 333 31.69 5.24 28.77
N LEU F 334 31.68 6.56 28.58
CA LEU F 334 32.87 7.26 28.13
C LEU F 334 34.03 7.01 29.11
N GLU F 335 33.77 7.29 30.38
CA GLU F 335 34.78 7.12 31.43
C GLU F 335 35.43 5.76 31.44
N ASN F 336 34.72 4.74 30.95
CA ASN F 336 35.29 3.41 30.96
C ASN F 336 35.79 2.95 29.59
N LEU F 337 35.89 3.88 28.66
CA LEU F 337 36.38 3.53 27.33
C LEU F 337 37.87 3.27 27.46
N PRO F 338 38.38 2.27 26.74
CA PRO F 338 39.82 1.98 26.82
C PRO F 338 40.63 3.18 26.34
CA AN0 G . -1.43 -22.77 -14.07
C AN0 G . -0.85 -24.18 -13.90
O AN0 G . -1.58 -25.04 -13.36
OXT AN0 G . 0.31 -24.41 -14.32
CB AN0 G . -2.44 -22.75 -15.19
CG AN0 G . -3.45 -23.87 -15.13
CD AN0 G . -4.39 -23.84 -16.32
N1 AN0 G . -0.46 -21.68 -14.28
C1 AN0 G . -0.20 -20.64 -13.47
O1 AN0 G . -0.34 -20.68 -12.24
C2 AN0 G . 0.27 -19.42 -14.20
N CP H . -6.53 -24.23 -18.41
C CP H . -7.29 -23.53 -17.57
O CP H . -8.05 -24.07 -16.78
O4P CP H . -7.14 -22.08 -17.68
P CP H . -7.59 -21.04 -16.54
O1P CP H . -6.56 -20.98 -15.35
O2P CP H . -9.02 -21.45 -16.00
O3P CP H . -7.69 -19.57 -17.12
S SO4 I . -37.08 -21.09 -17.96
O1 SO4 I . -37.54 -19.71 -18.06
O2 SO4 I . -37.81 -21.90 -18.95
O3 SO4 I . -35.62 -21.15 -18.21
O4 SO4 I . -37.34 -21.63 -16.62
CA AN0 J . -19.94 -11.36 12.23
C AN0 J . -20.74 -10.90 13.46
O AN0 J . -21.68 -10.08 13.28
OXT AN0 J . -20.42 -11.34 14.59
CB AN0 J . -20.87 -12.07 11.24
CG AN0 J . -21.59 -13.28 11.78
CD AN0 J . -22.56 -13.82 10.75
N1 AN0 J . -18.71 -12.13 12.49
C1 AN0 J . -17.47 -11.72 12.24
O1 AN0 J . -17.21 -10.63 11.72
C2 AN0 J . -16.43 -12.69 12.64
N CP K . -24.35 -16.58 9.64
C CP K . -23.88 -15.88 8.60
O CP K . -24.45 -14.87 8.17
O4P CP K . -22.67 -16.37 7.98
P CP K . -21.91 -15.47 6.86
O1P CP K . -21.18 -14.22 7.56
O2P CP K . -23.00 -15.03 5.77
O3P CP K . -20.80 -16.37 6.18
CA AN0 L . -15.69 7.82 -15.44
C AN0 L . -15.47 8.62 -16.73
O AN0 L . -15.34 7.99 -17.82
OXT AN0 L . -15.43 9.87 -16.65
CB AN0 L . -16.81 6.81 -15.63
CG AN0 L . -18.18 7.44 -15.72
CD AN0 L . -19.21 6.42 -16.13
N1 AN0 L . -15.86 8.52 -14.16
C1 AN0 L . -15.04 8.32 -13.13
O1 AN0 L . -14.25 7.40 -13.09
C2 AN0 L . -15.20 9.32 -12.04
N CP M . -22.65 5.98 -15.81
C CP M . -21.93 4.88 -15.64
O CP M . -21.71 4.06 -16.56
O4P CP M . -21.43 4.75 -14.28
P CP M . -20.75 3.38 -13.72
O1P CP M . -19.16 3.49 -13.75
O2P CP M . -21.21 2.14 -14.63
O3P CP M . -21.23 3.42 -12.17
CA AN0 N . 26.18 -2.03 -5.17
C AN0 N . 27.17 -2.42 -6.28
O AN0 N . 27.64 -1.50 -6.99
OXT AN0 N . 27.46 -3.62 -6.41
CB AN0 N . 26.86 -1.08 -4.20
CG AN0 N . 28.12 -1.64 -3.55
CD AN0 N . 28.85 -0.59 -2.76
N1 AN0 N . 25.56 -3.20 -4.55
C1 AN0 N . 24.24 -3.38 -4.42
O1 AN0 N . 23.43 -2.55 -4.83
C2 AN0 N . 23.85 -4.67 -3.76
N CP O . 30.62 -0.54 -0.42
C CP O . 29.85 0.38 0.15
O CP O . 29.88 1.57 -0.17
O4P CP O . 28.97 -0.16 1.17
P CP O . 27.56 0.60 1.37
O1P CP O . 26.73 0.52 0.02
O2P CP O . 27.85 2.12 1.72
O3P CP O . 26.78 -0.14 2.56
S SO4 P . 35.28 22.75 19.32
O1 SO4 P . 34.14 21.95 18.82
O2 SO4 P . 35.32 24.04 18.61
O3 SO4 P . 35.11 22.96 20.76
O4 SO4 P . 36.54 22.01 19.05
CA AN0 Q . 6.76 25.35 -2.04
C AN0 Q . 6.05 26.65 -1.68
O AN0 Q . 5.89 26.92 -0.47
OXT AN0 Q . 5.66 27.39 -2.61
CB AN0 Q . 8.28 25.52 -1.94
CG AN0 Q . 8.77 26.20 -0.66
CD AN0 Q . 8.89 27.72 -0.82
N1 AN0 Q . 6.47 24.80 -3.38
C1 AN0 Q . 6.35 23.54 -3.80
O1 AN0 Q . 5.81 22.67 -3.12
C2 AN0 Q . 6.92 23.29 -5.16
N CP R . 11.96 28.12 -0.87
C CP R . 12.70 27.33 -0.10
O CP R . 12.81 27.52 1.12
O4P CP R . 13.35 26.25 -0.86
P CP R . 13.25 24.73 -0.26
O1P CP R . 11.74 24.14 -0.28
O2P CP R . 13.77 24.74 1.27
O3P CP R . 14.13 23.76 -1.24
CA AN0 S . 6.43 1.47 22.33
C AN0 S . 6.18 0.63 23.60
O AN0 S . 7.10 -0.10 24.05
OXT AN0 S . 5.05 0.70 24.13
CB AN0 S . 7.56 2.47 22.59
CG AN0 S . 7.36 3.29 23.85
CD AN0 S . 8.54 4.23 24.09
N1 AN0 S . 5.30 2.37 22.07
C1 AN0 S . 4.56 2.51 20.98
O1 AN0 S . 4.88 2.06 19.89
C2 AN0 S . 3.27 3.26 21.23
N CP T . 9.69 7.31 25.56
C CP T . 10.23 7.01 24.37
O CP T . 11.20 6.26 24.24
O4P CP T . 9.51 7.68 23.34
P CP T . 10.17 7.52 21.89
O1P CP T . 9.48 6.32 21.06
O2P CP T . 11.72 7.15 21.93
O3P CP T . 9.91 8.93 21.16
#